data_8FM4
#
_entry.id   8FM4
#
_cell.length_a   71.910
_cell.length_b   121.260
_cell.length_c   194.600
_cell.angle_alpha   90.000
_cell.angle_beta   90.000
_cell.angle_gamma   90.000
#
_symmetry.space_group_name_H-M   'P 21 21 21'
#
loop_
_entity.id
_entity.type
_entity.pdbx_description
1 polymer 'Envelope glycoprotein gp120'
2 non-polymer 2-acetamido-2-deoxy-beta-D-glucopyranose
3 non-polymer '2,2,2-trifluoroethyl (2R,3S)-2-(carbamimidamidomethyl)-3-[2-(4-chloro-3-fluoroanilino)(oxo)acetamido]-6-[(methylamino)methyl]-2,3-dihydro-1H-indole-1-carboxylate'
4 water water
#
_entity_poly.entity_id   1
_entity_poly.type   'polypeptide(L)'
_entity_poly.pdbx_seq_one_letter_code
;VWKEAKTTLFCASDAKAYEKEVHNVWATHACVPTDPNPQEMVLANVTENFNMWKNDMVEQMHEDIISLWDESLKPCVKLT
GGSAITQACPKVSFDPIPLHYCAPAGFAILKCNNKTFNGTGPCRNVSTVQCTHGIKPVVSTQLLLNGSLAEEEIIIRSEN
LTNNAKTIIVHLNESVNIVCTRPNNGGSGSGGNIRQAHCNINESKWNNTLQKVGEELAKHFPSKTIKFEPSSGGDLEITT
HSFNCRGEFFYCNTSDLFNGTYRNGTYNHTGRSSNGTITLQCKIKQIINMWQEVGRAIYAPPIEGEITCNSNITGLLLLR
DGGQSNETNDTETFRPGGGDMRDNWRSELYKYKVVEIK
;
_entity_poly.pdbx_strand_id   B,D,A,C
#
loop_
_chem_comp.id
_chem_comp.type
_chem_comp.name
_chem_comp.formula
NAG D-saccharide, beta linking 2-acetamido-2-deoxy-beta-D-glucopyranose 'C8 H15 N O6'
Y2K non-polymer '2,2,2-trifluoroethyl (2R,3S)-2-(carbamimidamidomethyl)-3-[2-(4-chloro-3-fluoroanilino)(oxo)acetamido]-6-[(methylamino)methyl]-2,3-dihydro-1H-indole-1-carboxylate' 'C23 H24 Cl F4 N7 O4'
#
# COMPACT_ATOMS: atom_id res chain seq x y z
N LYS A 6 14.47 50.41 -4.34
CA LYS A 6 13.87 51.64 -3.81
C LYS A 6 13.00 52.32 -4.91
N THR A 7 13.17 51.86 -6.15
CA THR A 7 12.54 52.41 -7.35
C THR A 7 12.38 51.26 -8.35
N THR A 8 11.93 51.57 -9.57
CA THR A 8 11.84 50.54 -10.61
C THR A 8 12.98 50.72 -11.61
N LEU A 9 13.80 49.68 -11.77
CA LEU A 9 14.93 49.68 -12.69
C LEU A 9 14.47 49.34 -14.11
N PHE A 10 15.37 49.56 -15.07
CA PHE A 10 15.14 49.11 -16.43
C PHE A 10 16.31 48.22 -16.84
N CYS A 11 16.11 47.42 -17.89
CA CYS A 11 17.17 46.55 -18.35
C CYS A 11 17.78 47.07 -19.64
N ALA A 12 19.05 46.77 -19.81
CA ALA A 12 19.75 46.99 -21.06
C ALA A 12 20.27 45.64 -21.52
N SER A 13 20.29 45.42 -22.82
CA SER A 13 20.78 44.17 -23.35
C SER A 13 21.45 44.48 -24.66
N ASP A 14 22.17 43.51 -25.20
CA ASP A 14 22.69 43.67 -26.55
C ASP A 14 21.94 42.77 -27.53
N ALA A 15 20.61 42.65 -27.41
CA ALA A 15 19.84 41.72 -28.22
C ALA A 15 19.64 42.24 -29.63
N LYS A 16 19.23 41.33 -30.53
CA LYS A 16 18.90 41.76 -31.90
C LYS A 16 17.41 41.65 -32.08
N ALA A 17 16.81 42.57 -32.82
CA ALA A 17 15.42 42.30 -33.18
C ALA A 17 15.29 41.29 -34.32
N TYR A 18 16.42 40.79 -34.87
CA TYR A 18 16.44 39.85 -35.98
C TYR A 18 16.84 38.43 -35.61
N GLU A 19 17.39 38.24 -34.42
CA GLU A 19 17.36 36.94 -33.78
C GLU A 19 15.91 36.53 -33.56
N LYS A 20 15.53 35.30 -33.97
CA LYS A 20 14.34 34.66 -33.41
C LYS A 20 14.56 34.01 -32.06
N GLU A 21 15.78 33.91 -31.57
CA GLU A 21 15.97 33.39 -30.24
C GLU A 21 15.14 34.24 -29.26
N VAL A 22 14.43 33.56 -28.35
CA VAL A 22 13.33 34.23 -27.65
C VAL A 22 13.82 35.19 -26.56
N HIS A 23 14.98 34.95 -25.95
CA HIS A 23 15.52 35.98 -25.07
C HIS A 23 15.75 37.27 -25.85
N ASN A 24 16.30 37.16 -27.06
CA ASN A 24 16.51 38.33 -27.91
C ASN A 24 15.20 39.04 -28.20
N VAL A 25 14.17 38.29 -28.62
CA VAL A 25 12.89 38.92 -28.92
C VAL A 25 12.36 39.68 -27.71
N TRP A 26 12.34 39.01 -26.56
CA TRP A 26 11.83 39.65 -25.36
C TRP A 26 12.62 40.90 -25.04
N ALA A 27 13.95 40.81 -25.09
CA ALA A 27 14.79 41.94 -24.69
C ALA A 27 14.65 43.10 -25.65
N THR A 28 14.47 42.81 -26.94
CA THR A 28 14.15 43.86 -27.91
C THR A 28 12.90 44.61 -27.50
N HIS A 29 11.87 43.91 -27.03
CA HIS A 29 10.66 44.62 -26.62
C HIS A 29 10.88 45.37 -25.30
N ALA A 30 11.65 44.79 -24.38
CA ALA A 30 11.62 45.21 -22.98
C ALA A 30 12.84 45.96 -22.50
N CYS A 31 13.97 45.92 -23.22
CA CYS A 31 15.20 46.54 -22.76
C CYS A 31 15.70 47.57 -23.77
N VAL A 32 16.55 48.47 -23.28
CA VAL A 32 17.15 49.51 -24.11
C VAL A 32 18.55 49.04 -24.48
N PRO A 33 19.17 49.60 -25.50
CA PRO A 33 20.54 49.16 -25.83
C PRO A 33 21.52 49.51 -24.72
N THR A 34 22.55 48.68 -24.60
CA THR A 34 23.58 48.92 -23.60
C THR A 34 24.39 50.14 -23.98
N ASP A 35 24.78 50.93 -22.99
CA ASP A 35 25.68 52.04 -23.26
C ASP A 35 27.07 51.47 -23.53
N PRO A 36 27.71 51.85 -24.65
CA PRO A 36 28.93 51.14 -25.06
C PRO A 36 30.11 51.37 -24.15
N ASN A 37 30.14 52.42 -23.34
CA ASN A 37 31.18 52.52 -22.30
C ASN A 37 30.54 53.05 -21.03
N PRO A 38 30.19 52.17 -20.09
CA PRO A 38 29.60 52.60 -18.84
C PRO A 38 30.54 53.50 -18.04
N GLN A 39 29.93 54.33 -17.21
CA GLN A 39 30.64 55.12 -16.22
C GLN A 39 30.74 54.36 -14.90
N GLU A 40 31.91 54.46 -14.26
CA GLU A 40 32.13 53.93 -12.93
C GLU A 40 32.97 54.85 -12.05
N MET A 41 32.52 55.02 -10.81
CA MET A 41 32.97 56.01 -9.85
C MET A 41 33.31 55.32 -8.53
N VAL A 42 34.61 55.05 -8.33
CA VAL A 42 35.13 54.39 -7.13
C VAL A 42 35.07 55.33 -5.93
N LEU A 43 35.13 54.74 -4.72
CA LEU A 43 35.00 55.45 -3.44
C LEU A 43 35.48 54.55 -2.29
N ALA A 44 36.80 54.30 -2.18
CA ALA A 44 37.34 53.34 -1.20
C ALA A 44 37.27 53.82 0.27
N ASN A 45 36.91 55.08 0.52
CA ASN A 45 36.68 55.56 1.87
C ASN A 45 35.32 55.16 2.42
N VAL A 46 34.32 55.00 1.53
CA VAL A 46 32.92 55.23 1.89
C VAL A 46 32.41 54.20 2.90
N THR A 47 32.58 52.92 2.60
CA THR A 47 32.04 51.82 3.41
C THR A 47 30.52 51.87 3.55
N GLU A 48 29.83 50.95 2.89
CA GLU A 48 28.40 50.80 3.12
C GLU A 48 28.00 49.34 3.23
N ASN A 49 26.74 49.18 3.67
CA ASN A 49 26.13 47.93 4.07
C ASN A 49 25.32 47.36 2.91
N PHE A 50 25.43 46.06 2.69
CA PHE A 50 24.64 45.37 1.68
C PHE A 50 23.91 44.22 2.34
N ASN A 51 22.82 43.79 1.72
CA ASN A 51 22.21 42.54 2.17
C ASN A 51 21.61 41.86 0.95
N MET A 52 22.36 40.93 0.38
CA MET A 52 21.94 40.24 -0.82
C MET A 52 20.65 39.47 -0.62
N TRP A 53 20.27 39.20 0.63
CA TRP A 53 19.10 38.41 0.93
C TRP A 53 17.84 39.27 1.05
N LYS A 54 17.96 40.59 1.05
CA LYS A 54 16.84 41.48 1.18
C LYS A 54 17.10 42.56 0.14
N ASN A 55 17.03 42.20 -1.13
CA ASN A 55 17.53 43.08 -2.19
C ASN A 55 16.43 43.20 -3.23
N ASP A 56 15.92 44.40 -3.43
CA ASP A 56 14.77 44.52 -4.30
C ASP A 56 15.12 44.32 -5.78
N MET A 57 16.39 44.48 -6.15
CA MET A 57 16.74 44.13 -7.51
C MET A 57 16.39 42.66 -7.83
N VAL A 58 16.44 41.79 -6.83
CA VAL A 58 16.15 40.37 -7.06
C VAL A 58 14.69 40.20 -7.47
N GLU A 59 13.81 40.94 -6.81
CA GLU A 59 12.37 40.87 -7.07
C GLU A 59 12.05 41.43 -8.44
N GLN A 60 12.63 42.58 -8.78
CA GLN A 60 12.42 43.15 -10.11
C GLN A 60 12.89 42.20 -11.20
N MET A 61 14.10 41.63 -11.04
CA MET A 61 14.59 40.68 -12.04
C MET A 61 13.73 39.41 -12.11
N HIS A 62 13.32 38.88 -10.95
CA HIS A 62 12.47 37.70 -10.93
C HIS A 62 11.20 37.94 -11.76
N GLU A 63 10.57 39.09 -11.55
CA GLU A 63 9.39 39.47 -12.34
C GLU A 63 9.72 39.49 -13.82
N ASP A 64 10.86 40.07 -14.17
CA ASP A 64 11.24 40.09 -15.59
C ASP A 64 11.36 38.69 -16.16
N ILE A 65 12.04 37.79 -15.45
CA ILE A 65 12.27 36.48 -16.06
C ILE A 65 10.96 35.70 -16.13
N ILE A 66 10.07 35.86 -15.14
CA ILE A 66 8.75 35.26 -15.26
C ILE A 66 8.07 35.73 -16.53
N SER A 67 8.09 37.04 -16.75
CA SER A 67 7.49 37.60 -17.95
C SER A 67 8.15 37.04 -19.22
N LEU A 68 9.47 36.93 -19.21
CA LEU A 68 10.21 36.39 -20.37
C LEU A 68 9.78 34.96 -20.68
N TRP A 69 9.74 34.11 -19.64
CA TRP A 69 9.36 32.71 -19.85
C TRP A 69 7.91 32.60 -20.29
N ASP A 70 7.04 33.45 -19.76
CA ASP A 70 5.64 33.47 -20.19
C ASP A 70 5.48 33.87 -21.65
N GLU A 71 6.32 34.81 -22.13
CA GLU A 71 6.15 35.17 -23.52
C GLU A 71 6.84 34.17 -24.44
N SER A 72 7.82 33.43 -23.91
CA SER A 72 8.76 32.66 -24.72
C SER A 72 8.59 31.14 -24.63
N LEU A 73 8.31 30.58 -23.46
CA LEU A 73 8.17 29.13 -23.28
C LEU A 73 6.74 28.82 -22.85
N LYS A 74 5.82 29.11 -23.71
CA LYS A 74 4.43 28.79 -23.51
C LYS A 74 4.24 27.27 -23.43
N PRO A 75 3.62 26.77 -22.38
CA PRO A 75 3.28 25.35 -22.32
C PRO A 75 2.03 25.07 -23.13
N CYS A 76 1.90 23.82 -23.55
CA CYS A 76 0.65 23.41 -24.18
C CYS A 76 -0.49 23.50 -23.18
N VAL A 77 -0.25 23.10 -21.94
CA VAL A 77 -1.26 23.17 -20.91
C VAL A 77 -0.59 23.76 -19.67
N LYS A 78 -1.26 24.69 -19.01
CA LYS A 78 -0.82 25.18 -17.72
C LYS A 78 -1.90 24.81 -16.72
N LEU A 79 -1.52 24.10 -15.66
CA LEU A 79 -2.45 23.75 -14.58
C LEU A 79 -2.06 24.52 -13.33
N THR A 80 -2.85 25.52 -12.97
CA THR A 80 -2.65 26.23 -11.70
C THR A 80 -3.95 26.16 -10.93
N GLY A 81 -3.91 25.49 -9.78
CA GLY A 81 -5.08 25.32 -8.97
C GLY A 81 -6.10 24.47 -9.67
N GLY A 82 -7.28 25.05 -9.92
CA GLY A 82 -8.36 24.30 -10.53
C GLY A 82 -8.34 24.41 -12.03
N SER A 83 -7.99 25.60 -12.51
CA SER A 83 -8.05 25.94 -13.92
C SER A 83 -6.90 25.29 -14.70
N ALA A 84 -7.16 25.03 -15.98
CA ALA A 84 -6.17 24.59 -16.94
C ALA A 84 -6.23 25.52 -18.15
N ILE A 85 -5.08 25.94 -18.66
CA ILE A 85 -5.00 26.89 -19.76
C ILE A 85 -4.27 26.20 -20.89
N THR A 86 -4.78 26.32 -22.10
CA THR A 86 -4.17 25.61 -23.22
C THR A 86 -3.70 26.67 -24.19
N GLN A 87 -2.62 26.40 -24.91
CA GLN A 87 -2.27 27.31 -25.99
C GLN A 87 -1.23 26.69 -26.89
N ALA A 88 -1.00 27.36 -28.01
CA ALA A 88 0.05 26.92 -28.92
C ALA A 88 1.37 26.86 -28.17
N CYS A 89 2.07 25.73 -28.29
CA CYS A 89 3.39 25.52 -27.68
C CYS A 89 4.43 25.16 -28.72
N PRO A 90 4.72 26.06 -29.68
CA PRO A 90 5.74 25.74 -30.70
C PRO A 90 7.09 25.52 -30.04
N LYS A 91 7.92 24.70 -30.68
CA LYS A 91 9.33 24.62 -30.35
C LYS A 91 9.99 25.95 -30.74
N VAL A 92 10.96 26.40 -29.95
CA VAL A 92 11.55 27.72 -30.18
C VAL A 92 13.05 27.63 -30.07
N SER A 93 13.75 28.64 -30.57
CA SER A 93 15.17 28.67 -30.28
C SER A 93 15.36 29.47 -29.00
N PHE A 94 16.11 28.88 -28.08
CA PHE A 94 16.17 29.31 -26.69
C PHE A 94 17.61 29.25 -26.24
N ASP A 95 18.20 30.39 -25.91
CA ASP A 95 19.58 30.40 -25.42
C ASP A 95 19.82 31.70 -24.65
N PRO A 96 19.93 31.66 -23.32
CA PRO A 96 19.89 32.89 -22.52
C PRO A 96 20.96 33.88 -22.96
N ILE A 97 20.61 35.16 -22.97
CA ILE A 97 21.54 36.24 -23.29
C ILE A 97 21.69 37.08 -22.00
N PRO A 98 22.77 37.85 -21.89
CA PRO A 98 22.96 38.65 -20.67
C PRO A 98 22.07 39.88 -20.63
N LEU A 99 21.67 40.25 -19.40
CA LEU A 99 20.78 41.37 -19.15
C LEU A 99 21.42 42.27 -18.12
N HIS A 100 21.40 43.58 -18.35
CA HIS A 100 21.96 44.55 -17.43
C HIS A 100 20.80 45.23 -16.73
N TYR A 101 20.93 45.46 -15.42
CA TYR A 101 19.90 46.18 -14.69
C TYR A 101 20.41 47.57 -14.36
N CYS A 102 19.59 48.58 -14.67
CA CYS A 102 20.03 49.96 -14.70
C CYS A 102 19.18 50.81 -13.77
N ALA A 103 19.87 51.76 -13.07
CA ALA A 103 19.14 52.70 -12.22
C ALA A 103 18.63 53.87 -13.06
N PRO A 104 17.37 54.29 -12.89
CA PRO A 104 16.87 55.42 -13.69
C PRO A 104 17.43 56.75 -13.20
N ALA A 105 17.04 57.84 -13.85
CA ALA A 105 17.57 59.17 -13.53
C ALA A 105 17.33 59.54 -12.07
N GLY A 106 18.39 59.92 -11.38
CA GLY A 106 18.31 60.36 -9.99
C GLY A 106 18.61 59.29 -8.97
N PHE A 107 19.28 58.22 -9.38
CA PHE A 107 19.26 56.90 -8.75
C PHE A 107 20.53 56.27 -9.23
N ALA A 108 21.25 55.60 -8.35
CA ALA A 108 22.48 54.96 -8.80
C ALA A 108 22.51 53.55 -8.26
N ILE A 109 23.37 52.74 -8.86
CA ILE A 109 23.61 51.41 -8.36
C ILE A 109 24.97 51.42 -7.69
N LEU A 110 25.01 51.00 -6.44
CA LEU A 110 26.25 50.82 -5.72
C LEU A 110 26.74 49.40 -5.85
N LYS A 111 27.98 49.25 -6.31
CA LYS A 111 28.65 47.97 -6.43
C LYS A 111 29.68 47.88 -5.32
N CYS A 112 29.69 46.76 -4.62
CA CYS A 112 30.74 46.48 -3.66
C CYS A 112 31.91 45.81 -4.38
N ASN A 113 33.14 46.34 -4.21
CA ASN A 113 34.24 45.72 -4.96
C ASN A 113 35.17 44.88 -4.08
N ASN A 114 34.84 44.62 -2.81
CA ASN A 114 35.64 43.69 -2.02
C ASN A 114 35.49 42.29 -2.60
N LYS A 115 36.60 41.72 -3.12
CA LYS A 115 36.56 40.47 -3.86
C LYS A 115 36.06 39.30 -3.02
N THR A 116 36.04 39.42 -1.69
CA THR A 116 35.67 38.34 -0.78
C THR A 116 34.40 38.63 -0.02
N PHE A 117 33.72 39.72 -0.36
CA PHE A 117 32.44 40.06 0.25
C PHE A 117 31.46 38.90 0.18
N ASN A 118 30.87 38.56 1.34
CA ASN A 118 30.01 37.39 1.40
C ASN A 118 28.55 37.69 1.12
N GLY A 119 28.21 38.95 0.80
CA GLY A 119 26.87 39.34 0.42
C GLY A 119 26.12 40.12 1.47
N THR A 120 26.74 40.32 2.63
CA THR A 120 26.06 40.73 3.84
C THR A 120 27.02 41.59 4.66
N GLY A 121 26.48 42.66 5.25
CA GLY A 121 27.26 43.47 6.16
C GLY A 121 27.96 44.62 5.47
N PRO A 122 28.95 45.21 6.13
CA PRO A 122 29.65 46.37 5.55
C PRO A 122 30.70 45.96 4.55
N CYS A 123 30.95 46.87 3.61
CA CYS A 123 31.89 46.68 2.51
C CYS A 123 32.64 48.00 2.32
N ARG A 124 33.98 47.94 2.32
CA ARG A 124 34.75 49.17 2.38
C ARG A 124 34.90 49.82 1.00
N ASN A 125 35.39 49.08 0.00
CA ASN A 125 35.66 49.65 -1.31
C ASN A 125 34.39 49.54 -2.15
N VAL A 126 33.84 50.67 -2.54
CA VAL A 126 32.52 50.80 -3.12
C VAL A 126 32.59 51.67 -4.38
N SER A 127 31.84 51.31 -5.42
CA SER A 127 31.71 52.16 -6.61
C SER A 127 30.24 52.54 -6.82
N THR A 128 30.01 53.54 -7.68
CA THR A 128 28.67 53.80 -8.20
C THR A 128 28.68 53.54 -9.70
N VAL A 129 27.60 52.94 -10.20
CA VAL A 129 27.51 52.57 -11.60
C VAL A 129 26.11 52.85 -12.12
N GLN A 130 26.04 53.01 -13.44
CA GLN A 130 24.77 53.10 -14.17
C GLN A 130 24.00 51.77 -14.10
N CYS A 131 24.67 50.65 -14.39
CA CYS A 131 24.03 49.34 -14.55
C CYS A 131 24.90 48.25 -13.96
N THR A 132 24.27 47.12 -13.66
CA THR A 132 24.99 45.93 -13.26
C THR A 132 25.74 45.35 -14.45
N HIS A 133 26.61 44.40 -14.19
CA HIS A 133 27.16 43.63 -15.30
C HIS A 133 26.05 42.84 -15.98
N GLY A 134 26.40 42.12 -17.05
CA GLY A 134 25.40 41.42 -17.82
C GLY A 134 25.16 40.07 -17.19
N ILE A 135 23.91 39.77 -16.82
CA ILE A 135 23.57 38.54 -16.10
C ILE A 135 22.75 37.66 -17.00
N LYS A 136 23.22 36.44 -17.29
CA LYS A 136 22.36 35.52 -18.04
C LYS A 136 21.31 34.94 -17.10
N PRO A 137 20.02 35.01 -17.44
CA PRO A 137 19.01 34.53 -16.47
C PRO A 137 18.77 33.02 -16.57
N VAL A 138 19.69 32.24 -16.00
CA VAL A 138 19.68 30.80 -16.22
C VAL A 138 18.88 30.11 -15.13
N VAL A 139 17.79 29.45 -15.53
CA VAL A 139 16.93 28.75 -14.60
C VAL A 139 17.47 27.35 -14.38
N SER A 140 17.73 26.98 -13.12
CA SER A 140 18.24 25.64 -12.82
C SER A 140 18.17 25.39 -11.33
N THR A 141 18.31 24.12 -10.93
CA THR A 141 18.46 23.73 -9.54
C THR A 141 19.80 23.05 -9.32
N GLN A 142 20.23 23.00 -8.05
CA GLN A 142 21.45 22.31 -7.58
C GLN A 142 22.72 22.98 -8.07
N LEU A 143 22.84 23.21 -9.37
CA LEU A 143 24.07 23.79 -9.92
C LEU A 143 23.69 25.12 -10.52
N LEU A 144 24.45 26.17 -10.22
CA LEU A 144 24.32 27.44 -10.92
C LEU A 144 25.22 27.40 -12.17
N LEU A 145 24.68 27.72 -13.33
CA LEU A 145 25.35 27.53 -14.59
C LEU A 145 25.59 28.86 -15.27
N ASN A 146 26.76 29.04 -15.87
CA ASN A 146 27.02 30.18 -16.75
C ASN A 146 26.96 31.51 -16.00
N GLY A 147 27.20 31.52 -14.69
CA GLY A 147 27.31 32.76 -13.97
C GLY A 147 28.72 33.34 -14.07
N SER A 148 29.05 34.25 -13.17
CA SER A 148 30.41 34.76 -13.13
C SER A 148 31.11 34.25 -11.89
N LEU A 149 32.39 33.94 -12.03
CA LEU A 149 33.16 33.30 -10.97
C LEU A 149 33.60 34.30 -9.92
N ALA A 150 33.80 33.82 -8.70
CA ALA A 150 34.45 34.64 -7.66
C ALA A 150 35.90 34.88 -8.04
N GLU A 151 36.45 35.98 -7.57
CA GLU A 151 37.69 36.48 -8.13
C GLU A 151 38.90 36.04 -7.35
N GLU A 152 38.68 35.72 -6.07
CA GLU A 152 39.76 35.46 -5.14
C GLU A 152 39.53 34.00 -4.77
N GLU A 153 39.06 33.71 -3.54
CA GLU A 153 38.50 32.41 -3.14
C GLU A 153 37.01 32.18 -3.32
N ILE A 154 36.70 30.89 -3.13
CA ILE A 154 35.36 30.41 -3.03
C ILE A 154 34.66 31.07 -1.85
N ILE A 155 33.50 31.65 -2.11
CA ILE A 155 32.71 32.39 -1.12
C ILE A 155 31.50 31.55 -0.73
N ILE A 156 31.26 31.42 0.56
CA ILE A 156 30.03 30.82 1.08
C ILE A 156 29.07 31.96 1.42
N ARG A 157 27.89 31.95 0.81
CA ARG A 157 26.87 32.94 1.11
C ARG A 157 25.66 32.27 1.73
N SER A 158 25.13 32.90 2.77
CA SER A 158 23.90 32.43 3.36
C SER A 158 23.35 33.55 4.20
N GLU A 159 22.03 33.68 4.16
CA GLU A 159 21.33 34.60 5.05
C GLU A 159 21.59 34.28 6.51
N ASN A 160 21.86 33.02 6.83
CA ASN A 160 22.10 32.60 8.22
C ASN A 160 22.61 31.18 8.28
N LEU A 161 23.93 31.01 8.36
CA LEU A 161 24.51 29.66 8.27
C LEU A 161 24.07 28.77 9.42
N THR A 162 23.71 29.34 10.58
CA THR A 162 23.28 28.51 11.71
C THR A 162 21.91 27.91 11.45
N ASN A 163 21.08 28.59 10.68
CA ASN A 163 19.72 28.15 10.40
C ASN A 163 19.79 27.23 9.18
N ASN A 164 19.73 25.92 9.40
CA ASN A 164 19.93 24.97 8.31
C ASN A 164 18.84 25.01 7.24
N ALA A 165 17.70 25.67 7.50
CA ALA A 165 16.68 25.84 6.48
C ALA A 165 17.02 26.91 5.45
N LYS A 166 18.07 27.71 5.65
CA LYS A 166 18.42 28.74 4.68
C LYS A 166 19.37 28.19 3.63
N THR A 167 19.05 28.43 2.37
CA THR A 167 19.88 27.97 1.28
C THR A 167 21.30 28.52 1.41
N ILE A 168 22.29 27.68 1.10
CA ILE A 168 23.69 28.11 1.02
C ILE A 168 24.05 28.28 -0.45
N ILE A 169 24.56 29.46 -0.83
CA ILE A 169 25.08 29.62 -2.19
C ILE A 169 26.58 29.53 -2.10
N VAL A 170 27.17 28.58 -2.84
CA VAL A 170 28.62 28.46 -2.97
C VAL A 170 29.02 29.15 -4.27
N HIS A 171 29.87 30.16 -4.18
CA HIS A 171 30.37 30.88 -5.34
C HIS A 171 31.77 30.36 -5.69
N LEU A 172 31.88 29.63 -6.78
CA LEU A 172 33.14 29.00 -7.19
C LEU A 172 34.08 30.05 -7.79
N ASN A 173 35.40 29.81 -7.67
CA ASN A 173 36.37 30.68 -8.35
C ASN A 173 36.89 30.06 -9.64
N GLU A 174 36.60 28.80 -9.89
CA GLU A 174 37.02 28.10 -11.09
C GLU A 174 35.81 27.33 -11.62
N SER A 175 35.46 27.51 -12.88
CA SER A 175 34.28 26.78 -13.32
C SER A 175 34.61 25.33 -13.63
N VAL A 176 33.57 24.49 -13.59
CA VAL A 176 33.63 23.07 -13.87
C VAL A 176 32.72 22.83 -15.07
N ASN A 177 33.28 22.28 -16.13
CA ASN A 177 32.49 22.08 -17.35
C ASN A 177 31.44 21.01 -17.08
N ILE A 178 30.23 21.20 -17.60
CA ILE A 178 29.26 20.10 -17.63
C ILE A 178 28.65 20.08 -19.02
N VAL A 179 28.69 18.92 -19.66
CA VAL A 179 28.22 18.73 -21.04
C VAL A 179 27.06 17.75 -20.99
N CYS A 180 25.87 18.20 -21.40
CA CYS A 180 24.68 17.36 -21.42
C CYS A 180 24.18 17.25 -22.85
N THR A 181 23.84 16.03 -23.26
CA THR A 181 23.31 15.81 -24.61
C THR A 181 22.23 14.75 -24.56
N ARG A 182 21.20 14.97 -25.38
CA ARG A 182 20.34 13.90 -25.87
C ARG A 182 20.85 13.56 -27.26
N PRO A 183 21.45 12.41 -27.48
CA PRO A 183 22.10 12.13 -28.76
C PRO A 183 21.06 11.87 -29.84
N ASN A 184 21.50 11.92 -31.10
CA ASN A 184 20.58 11.63 -32.21
C ASN A 184 19.90 10.28 -32.04
N ASN A 193 15.27 5.36 -26.57
CA ASN A 193 14.38 6.30 -25.90
C ASN A 193 14.67 7.72 -26.38
N ILE A 194 13.67 8.50 -26.77
CA ILE A 194 14.01 9.86 -27.20
C ILE A 194 14.16 10.79 -26.00
N ARG A 195 13.62 10.41 -24.83
CA ARG A 195 13.77 11.21 -23.63
C ARG A 195 15.11 11.02 -22.93
N GLN A 196 15.98 10.14 -23.40
CA GLN A 196 17.06 9.85 -22.47
C GLN A 196 18.35 10.55 -22.88
N ALA A 197 19.05 11.10 -21.89
CA ALA A 197 20.22 11.94 -22.12
C ALA A 197 21.21 11.68 -20.98
N HIS A 198 22.37 12.33 -21.07
CA HIS A 198 23.38 12.16 -20.03
C HIS A 198 24.26 13.40 -20.00
N CYS A 199 24.88 13.65 -18.83
CA CYS A 199 25.88 14.70 -18.71
C CYS A 199 27.22 14.13 -18.30
N ASN A 200 28.29 14.75 -18.81
CA ASN A 200 29.64 14.35 -18.42
C ASN A 200 30.32 15.46 -17.64
N ILE A 201 30.92 15.10 -16.51
CA ILE A 201 31.81 15.99 -15.78
C ILE A 201 33.13 15.26 -15.56
N ASN A 202 34.23 15.97 -15.81
CA ASN A 202 35.59 15.54 -15.49
C ASN A 202 35.72 15.26 -13.98
N GLU A 203 35.92 13.99 -13.58
CA GLU A 203 35.97 13.66 -12.16
C GLU A 203 37.11 14.39 -11.45
N SER A 204 38.20 14.63 -12.15
CA SER A 204 39.33 15.31 -11.52
C SER A 204 38.96 16.75 -11.16
N LYS A 205 38.36 17.47 -12.10
CA LYS A 205 38.00 18.86 -11.86
C LYS A 205 36.97 18.98 -10.74
N TRP A 206 35.98 18.09 -10.75
CA TRP A 206 34.94 18.10 -9.72
C TRP A 206 35.53 17.79 -8.36
N ASN A 207 36.30 16.71 -8.30
CA ASN A 207 37.11 16.30 -7.17
C ASN A 207 37.82 17.47 -6.53
N ASN A 208 38.52 18.23 -7.35
CA ASN A 208 39.31 19.34 -6.87
C ASN A 208 38.39 20.39 -6.24
N THR A 209 37.33 20.77 -6.97
CA THR A 209 36.47 21.83 -6.47
C THR A 209 35.78 21.42 -5.18
N LEU A 210 35.33 20.16 -5.06
CA LEU A 210 34.70 19.76 -3.80
C LEU A 210 35.73 19.69 -2.67
N GLN A 211 36.99 19.37 -2.99
CA GLN A 211 38.08 19.55 -2.02
C GLN A 211 38.04 20.97 -1.44
N LYS A 212 37.97 21.97 -2.30
CA LYS A 212 38.08 23.35 -1.79
C LYS A 212 36.77 23.90 -1.22
N VAL A 213 35.63 23.42 -1.71
CA VAL A 213 34.37 23.77 -1.08
C VAL A 213 34.33 23.22 0.34
N GLY A 214 34.79 21.96 0.50
CA GLY A 214 34.88 21.39 1.84
C GLY A 214 35.81 22.16 2.75
N GLU A 215 36.97 22.58 2.24
CA GLU A 215 37.81 23.52 2.98
C GLU A 215 37.01 24.71 3.53
N GLU A 216 36.33 25.47 2.63
CA GLU A 216 35.64 26.69 3.07
C GLU A 216 34.48 26.38 4.04
N LEU A 217 33.74 25.31 3.76
CA LEU A 217 32.69 24.90 4.68
C LEU A 217 33.28 24.52 6.04
N ALA A 218 34.51 23.98 6.04
CA ALA A 218 35.15 23.61 7.29
C ALA A 218 35.49 24.84 8.12
N LYS A 219 36.00 25.89 7.46
CA LYS A 219 36.17 27.14 8.18
C LYS A 219 34.88 27.52 8.89
N HIS A 220 33.71 27.29 8.26
CA HIS A 220 32.51 27.75 8.99
C HIS A 220 31.95 26.73 9.98
N PHE A 221 32.19 25.43 9.79
CA PHE A 221 31.80 24.41 10.77
C PHE A 221 33.07 23.61 11.15
N PRO A 222 33.82 24.08 12.17
CA PRO A 222 35.19 23.57 12.32
C PRO A 222 35.36 22.22 13.03
N SER A 223 34.48 21.80 13.92
CA SER A 223 34.75 20.51 14.58
C SER A 223 34.35 19.32 13.74
N LYS A 224 33.71 19.55 12.64
CA LYS A 224 32.78 18.67 11.96
C LYS A 224 33.45 18.00 10.77
N THR A 225 33.12 16.72 10.51
CA THR A 225 33.33 16.13 9.18
C THR A 225 32.31 16.71 8.20
N ILE A 226 32.75 16.97 6.96
CA ILE A 226 31.91 17.60 5.93
C ILE A 226 31.52 16.54 4.90
N LYS A 227 30.24 16.16 4.85
CA LYS A 227 29.75 15.17 3.89
C LYS A 227 28.87 15.82 2.82
N PHE A 228 29.04 15.37 1.58
CA PHE A 228 28.15 15.72 0.48
C PHE A 228 27.32 14.52 0.10
N GLU A 229 26.01 14.70 -0.02
CA GLU A 229 25.09 13.59 -0.22
C GLU A 229 23.99 14.03 -1.14
N PRO A 230 23.34 13.12 -1.87
CA PRO A 230 22.32 13.51 -2.83
C PRO A 230 21.12 14.11 -2.13
N SER A 231 20.33 14.85 -2.90
CA SER A 231 19.12 15.44 -2.35
C SER A 231 18.18 14.35 -1.85
N SER A 232 17.77 14.48 -0.60
CA SER A 232 16.84 13.53 0.03
C SER A 232 15.57 13.36 -0.80
N GLY A 233 14.61 14.27 -0.65
CA GLY A 233 13.36 14.08 -1.35
C GLY A 233 12.78 15.39 -1.83
N GLY A 234 11.66 15.29 -2.51
CA GLY A 234 10.97 16.44 -3.03
C GLY A 234 10.55 16.16 -4.44
N ASP A 235 10.05 17.21 -5.10
CA ASP A 235 9.76 17.09 -6.52
C ASP A 235 11.03 16.82 -7.30
N LEU A 236 10.85 16.17 -8.44
CA LEU A 236 11.99 15.84 -9.28
C LEU A 236 12.78 17.08 -9.70
N GLU A 237 12.14 18.24 -9.80
CA GLU A 237 12.89 19.44 -10.21
C GLU A 237 14.02 19.74 -9.25
N ILE A 238 13.90 19.37 -7.97
CA ILE A 238 14.92 19.72 -6.99
C ILE A 238 15.73 18.52 -6.49
N THR A 239 15.22 17.30 -6.63
CA THR A 239 16.04 16.14 -6.32
C THR A 239 16.95 15.79 -7.46
N THR A 240 16.78 16.40 -8.62
CA THR A 240 17.77 16.27 -9.67
C THR A 240 18.29 17.65 -10.04
N HIS A 241 19.31 17.67 -10.87
CA HIS A 241 19.79 18.90 -11.46
C HIS A 241 18.91 19.16 -12.67
N SER A 242 17.93 20.06 -12.55
CA SER A 242 17.05 20.33 -13.68
C SER A 242 17.40 21.68 -14.29
N PHE A 243 17.24 21.77 -15.60
CA PHE A 243 17.59 22.99 -16.34
C PHE A 243 16.94 22.88 -17.72
N ASN A 244 16.90 24.00 -18.44
CA ASN A 244 16.39 24.04 -19.80
C ASN A 244 17.54 24.17 -20.78
N CYS A 245 17.57 23.28 -21.77
CA CYS A 245 18.62 23.25 -22.77
C CYS A 245 17.96 23.29 -24.14
N ARG A 246 18.13 24.42 -24.83
CA ARG A 246 17.56 24.62 -26.15
C ARG A 246 16.04 24.38 -26.13
N GLY A 247 15.36 24.76 -25.05
CA GLY A 247 13.91 24.64 -24.98
C GLY A 247 13.40 23.39 -24.29
N GLU A 248 14.22 22.35 -24.20
CA GLU A 248 13.85 21.08 -23.58
C GLU A 248 14.22 21.08 -22.10
N PHE A 249 13.41 20.40 -21.28
CA PHE A 249 13.63 20.39 -19.83
C PHE A 249 14.38 19.12 -19.46
N PHE A 250 15.64 19.27 -19.02
CA PHE A 250 16.47 18.14 -18.60
C PHE A 250 16.36 17.94 -17.09
N TYR A 251 16.35 16.67 -16.68
CA TYR A 251 16.40 16.30 -15.27
C TYR A 251 17.52 15.29 -15.13
N CYS A 252 18.64 15.70 -14.51
CA CYS A 252 19.87 14.93 -14.46
C CYS A 252 20.18 14.47 -13.04
N ASN A 253 20.32 13.15 -12.88
CA ASN A 253 20.54 12.55 -11.57
C ASN A 253 21.93 12.91 -11.07
N THR A 254 22.03 13.45 -9.85
CA THR A 254 23.32 13.89 -9.33
C THR A 254 23.84 13.02 -8.19
N SER A 255 23.28 11.83 -8.00
CA SER A 255 23.71 11.04 -6.86
C SER A 255 25.16 10.58 -6.98
N ASP A 256 25.73 10.54 -8.18
CA ASP A 256 27.17 10.30 -8.31
C ASP A 256 27.98 11.56 -8.17
N LEU A 257 27.33 12.71 -8.04
CA LEU A 257 28.00 14.00 -8.01
C LEU A 257 28.12 14.55 -6.59
N PHE A 258 27.01 14.55 -5.85
CA PHE A 258 27.00 15.00 -4.46
C PHE A 258 27.07 13.74 -3.60
N ASN A 259 28.30 13.27 -3.41
CA ASN A 259 28.58 11.93 -2.90
C ASN A 259 30.07 11.87 -2.58
N GLY A 260 30.44 12.21 -1.35
CA GLY A 260 31.84 12.41 -1.02
C GLY A 260 31.99 12.88 0.41
N THR A 261 33.19 12.65 0.96
CA THR A 261 33.53 13.05 2.32
C THR A 261 34.82 13.86 2.34
N TYR A 262 34.80 14.94 3.12
CA TYR A 262 35.98 15.77 3.39
C TYR A 262 36.29 15.60 4.89
N ARG A 263 37.36 14.84 5.19
CA ARG A 263 37.60 14.31 6.54
C ARG A 263 38.68 15.08 7.29
N ASN A 264 39.95 14.91 6.92
CA ASN A 264 41.04 15.53 7.69
C ASN A 264 41.80 16.42 6.75
N GLY A 265 41.19 17.53 6.36
CA GLY A 265 41.78 18.33 5.32
C GLY A 265 41.84 17.67 3.95
N THR A 266 41.21 16.49 3.77
CA THR A 266 41.23 15.77 2.50
C THR A 266 39.83 15.35 2.08
N TYR A 267 39.52 15.55 0.79
CA TYR A 267 38.26 15.15 0.19
C TYR A 267 38.38 13.79 -0.51
N ASN A 268 37.41 12.91 -0.28
CA ASN A 268 37.32 11.60 -0.94
C ASN A 268 35.99 11.47 -1.68
N HIS A 269 36.05 11.29 -3.00
CA HIS A 269 34.82 11.12 -3.77
C HIS A 269 34.29 9.69 -3.66
N THR A 270 33.04 9.58 -3.21
CA THR A 270 32.29 8.35 -3.01
C THR A 270 31.41 7.96 -4.21
N GLY A 271 31.20 8.87 -5.17
CA GLY A 271 30.31 8.56 -6.28
C GLY A 271 31.02 7.81 -7.37
N ARG A 272 30.26 7.19 -8.28
CA ARG A 272 30.87 6.29 -9.25
C ARG A 272 31.33 7.10 -10.45
N SER A 273 32.50 6.78 -10.98
CA SER A 273 32.96 7.34 -12.25
C SER A 273 33.58 6.21 -13.07
N SER A 274 33.93 6.53 -14.32
CA SER A 274 34.57 5.59 -15.23
C SER A 274 35.37 6.39 -16.25
N ASN A 275 36.59 5.94 -16.53
CA ASN A 275 37.54 6.71 -17.34
C ASN A 275 37.70 8.13 -16.78
N GLY A 276 37.50 8.31 -15.47
CA GLY A 276 37.69 9.63 -14.89
C GLY A 276 36.67 10.67 -15.30
N THR A 277 35.45 10.26 -15.68
CA THR A 277 34.34 11.18 -15.86
C THR A 277 33.15 10.66 -15.07
N ILE A 278 32.46 11.57 -14.38
CA ILE A 278 31.18 11.27 -13.78
C ILE A 278 30.14 11.44 -14.87
N THR A 279 29.27 10.45 -15.04
CA THR A 279 28.22 10.56 -16.04
C THR A 279 26.87 10.59 -15.32
N LEU A 280 26.12 11.66 -15.55
CA LEU A 280 24.79 11.84 -14.97
C LEU A 280 23.76 11.31 -15.95
N GLN A 281 22.89 10.40 -15.50
CA GLN A 281 21.74 9.98 -16.30
C GLN A 281 20.64 11.03 -16.24
N CYS A 282 20.13 11.43 -17.42
CA CYS A 282 19.09 12.45 -17.53
C CYS A 282 17.86 11.93 -18.26
N LYS A 283 16.73 12.57 -17.97
CA LYS A 283 15.48 12.42 -18.70
C LYS A 283 15.03 13.80 -19.19
N ILE A 284 14.46 13.86 -20.38
CA ILE A 284 13.76 15.06 -20.85
C ILE A 284 12.29 14.84 -20.55
N LYS A 285 11.70 15.74 -19.77
CA LYS A 285 10.33 15.55 -19.32
C LYS A 285 9.40 16.56 -19.98
N GLN A 286 8.12 16.19 -20.04
CA GLN A 286 7.13 17.09 -20.59
C GLN A 286 6.24 17.72 -19.54
N ILE A 287 6.07 17.08 -18.38
CA ILE A 287 5.29 17.63 -17.28
C ILE A 287 6.24 18.26 -16.29
N ILE A 288 6.10 19.56 -16.06
CA ILE A 288 7.06 20.37 -15.33
C ILE A 288 6.36 20.98 -14.13
N ASN A 289 6.98 20.90 -12.96
CA ASN A 289 6.53 21.69 -11.82
C ASN A 289 7.13 23.08 -11.97
N MET A 290 6.30 24.10 -11.98
CA MET A 290 6.75 25.43 -12.38
C MET A 290 7.57 26.09 -11.28
N TRP A 291 8.62 26.81 -11.68
CA TRP A 291 9.34 27.62 -10.72
C TRP A 291 8.66 28.95 -10.49
N GLN A 292 7.82 29.40 -11.43
CA GLN A 292 7.23 30.73 -11.35
C GLN A 292 6.12 30.84 -10.30
N GLU A 293 5.40 29.75 -10.05
CA GLU A 293 4.23 29.73 -9.17
C GLU A 293 3.95 28.26 -8.92
N VAL A 294 3.06 28.00 -7.98
CA VAL A 294 2.63 26.61 -7.72
C VAL A 294 1.70 26.19 -8.85
N GLY A 295 2.15 25.23 -9.64
CA GLY A 295 1.36 24.77 -10.76
C GLY A 295 2.22 23.84 -11.57
N ARG A 296 1.60 23.22 -12.59
CA ARG A 296 2.28 22.33 -13.51
C ARG A 296 2.14 22.84 -14.93
N ALA A 297 3.15 22.54 -15.77
CA ALA A 297 3.15 22.96 -17.17
C ALA A 297 3.45 21.76 -18.03
N ILE A 298 2.78 21.64 -19.18
CA ILE A 298 2.98 20.50 -20.07
C ILE A 298 3.42 21.00 -21.44
N TYR A 299 4.52 20.44 -21.94
CA TYR A 299 5.19 20.83 -23.17
C TYR A 299 5.13 19.68 -24.17
N ALA A 300 5.42 19.98 -25.43
CA ALA A 300 5.42 18.96 -26.47
C ALA A 300 6.66 18.07 -26.36
N PRO A 301 6.63 16.90 -26.99
CA PRO A 301 7.77 15.96 -26.92
C PRO A 301 9.03 16.57 -27.52
N PRO A 302 10.19 15.95 -27.32
CA PRO A 302 11.43 16.63 -27.68
C PRO A 302 11.56 16.88 -29.17
N ILE A 303 12.24 17.98 -29.49
CA ILE A 303 12.64 18.32 -30.85
C ILE A 303 13.58 17.20 -31.28
N GLU A 304 13.96 17.12 -32.54
CA GLU A 304 14.50 15.84 -32.95
C GLU A 304 15.99 16.07 -33.23
N GLY A 305 16.80 15.01 -33.28
CA GLY A 305 18.25 15.21 -33.45
C GLY A 305 18.98 15.34 -32.12
N GLU A 306 20.22 15.85 -32.19
CA GLU A 306 21.04 15.94 -30.99
C GLU A 306 20.83 17.26 -30.25
N ILE A 307 20.54 17.16 -28.96
CA ILE A 307 20.32 18.33 -28.13
C ILE A 307 21.45 18.38 -27.12
N THR A 308 22.27 19.42 -27.21
CA THR A 308 23.49 19.48 -26.42
C THR A 308 23.70 20.87 -25.83
N CYS A 309 24.01 20.92 -24.53
CA CYS A 309 24.41 22.17 -23.88
C CYS A 309 25.76 21.96 -23.23
N ASN A 310 26.67 22.87 -23.49
CA ASN A 310 28.02 22.85 -22.95
C ASN A 310 28.08 24.03 -21.98
N SER A 311 28.00 23.77 -20.68
CA SER A 311 27.81 24.83 -19.70
C SER A 311 28.97 24.85 -18.72
N ASN A 312 29.17 25.99 -18.07
CA ASN A 312 30.08 26.10 -16.94
C ASN A 312 29.29 26.05 -15.63
N ILE A 313 29.61 25.10 -14.76
CA ILE A 313 29.16 25.19 -13.36
C ILE A 313 29.97 26.29 -12.66
N THR A 314 29.27 27.34 -12.19
CA THR A 314 29.97 28.42 -11.50
C THR A 314 29.55 28.58 -10.03
N GLY A 315 28.67 27.73 -9.52
CA GLY A 315 28.19 27.87 -8.15
C GLY A 315 27.37 26.65 -7.80
N LEU A 316 27.10 26.48 -6.51
CA LEU A 316 26.24 25.41 -6.04
C LEU A 316 25.18 26.00 -5.14
N LEU A 317 24.01 25.34 -5.08
CA LEU A 317 22.98 25.60 -4.08
C LEU A 317 22.94 24.42 -3.14
N LEU A 318 23.17 24.66 -1.83
CA LEU A 318 23.26 23.57 -0.86
C LEU A 318 22.34 23.81 0.32
N LEU A 319 21.96 22.70 0.96
CA LEU A 319 21.15 22.70 2.16
C LEU A 319 21.83 21.78 3.16
N ARG A 320 22.05 22.29 4.36
CA ARG A 320 22.63 21.55 5.47
C ARG A 320 21.56 20.81 6.24
N ASP A 321 21.84 19.56 6.59
CA ASP A 321 20.96 18.87 7.53
C ASP A 321 21.06 19.47 8.94
N ASP A 330 31.28 15.84 15.54
CA ASP A 330 30.16 15.24 14.83
C ASP A 330 30.30 15.54 13.31
N THR A 331 29.21 15.38 12.56
CA THR A 331 29.22 15.53 11.12
C THR A 331 28.22 16.60 10.67
N GLU A 332 28.60 17.37 9.65
CA GLU A 332 27.69 18.23 8.91
C GLU A 332 27.53 17.66 7.49
N THR A 333 26.27 17.51 7.07
CA THR A 333 25.94 16.94 5.79
C THR A 333 25.29 17.99 4.91
N PHE A 334 25.75 18.07 3.68
CA PHE A 334 25.25 19.05 2.71
C PHE A 334 24.69 18.34 1.49
N ARG A 335 23.45 18.67 1.15
CA ARG A 335 22.75 18.14 0.00
C ARG A 335 22.43 19.26 -0.99
N PRO A 336 22.40 18.96 -2.29
CA PRO A 336 22.04 20.00 -3.25
C PRO A 336 20.61 20.47 -3.03
N GLY A 337 20.38 21.76 -3.29
CA GLY A 337 19.09 22.38 -3.12
C GLY A 337 18.65 23.14 -4.37
N GLY A 338 17.83 24.15 -4.15
CA GLY A 338 17.27 24.95 -5.22
C GLY A 338 15.75 24.87 -5.21
N GLY A 339 15.16 25.53 -6.21
CA GLY A 339 13.73 25.57 -6.38
C GLY A 339 13.14 26.95 -6.31
N ASP A 340 13.83 27.87 -5.64
CA ASP A 340 13.44 29.27 -5.58
C ASP A 340 14.41 30.02 -6.48
N MET A 341 13.96 30.37 -7.70
CA MET A 341 14.87 30.96 -8.68
C MET A 341 15.41 32.31 -8.25
N ARG A 342 14.80 32.94 -7.22
CA ARG A 342 15.38 34.19 -6.75
C ARG A 342 16.78 33.97 -6.18
N ASP A 343 17.11 32.77 -5.70
CA ASP A 343 18.47 32.53 -5.25
C ASP A 343 19.45 32.54 -6.42
N ASN A 344 19.02 32.02 -7.58
CA ASN A 344 19.85 32.12 -8.78
C ASN A 344 20.14 33.58 -9.11
N TRP A 345 19.12 34.45 -9.06
CA TRP A 345 19.40 35.86 -9.33
C TRP A 345 20.28 36.49 -8.25
N ARG A 346 19.97 36.25 -6.96
CA ARG A 346 20.81 36.67 -5.84
C ARG A 346 22.29 36.40 -6.06
N SER A 347 22.61 35.20 -6.57
CA SER A 347 24.01 34.80 -6.66
C SER A 347 24.78 35.71 -7.60
N GLU A 348 24.07 36.48 -8.41
CA GLU A 348 24.66 37.46 -9.32
C GLU A 348 24.47 38.90 -8.86
N LEU A 349 23.38 39.21 -8.16
CA LEU A 349 23.07 40.56 -7.75
C LEU A 349 23.61 40.91 -6.37
N TYR A 350 24.36 40.01 -5.74
CA TYR A 350 24.69 40.15 -4.32
C TYR A 350 25.51 41.40 -4.04
N LYS A 351 26.29 41.87 -5.02
CA LYS A 351 27.21 42.97 -4.79
C LYS A 351 26.58 44.31 -5.10
N TYR A 352 25.29 44.35 -5.40
CA TYR A 352 24.66 45.56 -5.88
C TYR A 352 23.55 45.99 -4.95
N LYS A 353 23.39 47.29 -4.82
CA LYS A 353 22.33 47.96 -4.07
C LYS A 353 21.93 49.19 -4.88
N VAL A 354 20.65 49.55 -4.87
CA VAL A 354 20.23 50.78 -5.56
C VAL A 354 19.96 51.86 -4.52
N VAL A 355 20.36 53.11 -4.81
CA VAL A 355 20.28 54.10 -3.75
C VAL A 355 19.85 55.45 -4.32
N GLU A 356 19.41 56.32 -3.40
CA GLU A 356 19.23 57.79 -3.52
C GLU A 356 17.97 58.22 -4.25
N LYS B 6 -44.66 13.42 7.17
CA LYS B 6 -45.36 14.60 7.70
C LYS B 6 -46.20 15.26 6.58
N THR B 7 -45.93 14.85 5.33
CA THR B 7 -46.52 15.41 4.11
C THR B 7 -46.56 14.29 3.07
N THR B 8 -46.96 14.62 1.83
CA THR B 8 -46.93 13.61 0.76
C THR B 8 -45.74 13.90 -0.16
N LEU B 9 -44.86 12.92 -0.31
CA LEU B 9 -43.69 13.01 -1.16
C LEU B 9 -44.04 12.70 -2.61
N PHE B 10 -43.10 13.01 -3.51
CA PHE B 10 -43.22 12.58 -4.89
C PHE B 10 -41.99 11.76 -5.25
N CYS B 11 -42.07 11.01 -6.35
CA CYS B 11 -40.94 10.19 -6.77
C CYS B 11 -40.29 10.80 -8.01
N ALA B 12 -38.99 10.57 -8.10
CA ALA B 12 -38.23 10.88 -9.30
C ALA B 12 -37.62 9.57 -9.77
N SER B 13 -37.52 9.40 -11.07
CA SER B 13 -36.92 8.20 -11.62
C SER B 13 -36.18 8.59 -12.87
N ASP B 14 -35.38 7.68 -13.40
CA ASP B 14 -34.80 7.93 -14.71
C ASP B 14 -35.44 7.01 -15.75
N ALA B 15 -36.76 6.82 -15.72
CA ALA B 15 -37.43 5.87 -16.61
C ALA B 15 -37.58 6.44 -18.01
N LYS B 16 -37.89 5.54 -18.95
CA LYS B 16 -38.15 6.00 -20.33
C LYS B 16 -39.63 5.80 -20.59
N ALA B 17 -40.24 6.73 -21.35
CA ALA B 17 -41.59 6.39 -21.80
C ALA B 17 -41.59 5.41 -22.98
N TYR B 18 -40.41 5.00 -23.46
CA TYR B 18 -40.26 4.10 -24.61
C TYR B 18 -39.81 2.69 -24.26
N GLU B 19 -39.33 2.49 -23.05
CA GLU B 19 -39.30 1.16 -22.46
C GLU B 19 -40.75 0.66 -22.34
N LYS B 20 -41.03 -0.55 -22.81
CA LYS B 20 -42.21 -1.29 -22.35
C LYS B 20 -42.05 -1.96 -20.99
N GLU B 21 -40.84 -2.02 -20.44
CA GLU B 21 -40.71 -2.57 -19.11
C GLU B 21 -41.63 -1.82 -18.17
N VAL B 22 -42.35 -2.55 -17.31
CA VAL B 22 -43.52 -1.97 -16.66
C VAL B 22 -43.16 -1.02 -15.52
N HIS B 23 -42.02 -1.22 -14.85
CA HIS B 23 -41.60 -0.20 -13.90
C HIS B 23 -41.39 1.13 -14.62
N ASN B 24 -40.78 1.09 -15.81
CA ASN B 24 -40.57 2.30 -16.60
C ASN B 24 -41.91 2.95 -16.96
N VAL B 25 -42.87 2.16 -17.44
CA VAL B 25 -44.17 2.73 -17.81
C VAL B 25 -44.81 3.41 -16.61
N TRP B 26 -44.86 2.70 -15.48
CA TRP B 26 -45.48 3.27 -14.30
C TRP B 26 -44.77 4.56 -13.90
N ALA B 27 -43.43 4.54 -13.87
CA ALA B 27 -42.68 5.69 -13.38
C ALA B 27 -42.84 6.88 -14.31
N THR B 28 -42.92 6.62 -15.63
CA THR B 28 -43.24 7.68 -16.57
C THR B 28 -44.55 8.36 -16.21
N HIS B 29 -45.56 7.58 -15.82
CA HIS B 29 -46.84 8.22 -15.47
C HIS B 29 -46.73 8.93 -14.12
N ALA B 30 -45.98 8.35 -13.17
CA ALA B 30 -46.12 8.72 -11.76
C ALA B 30 -44.98 9.53 -11.19
N CYS B 31 -43.82 9.57 -11.84
CA CYS B 31 -42.65 10.25 -11.29
C CYS B 31 -42.14 11.33 -12.23
N VAL B 32 -41.38 12.25 -11.66
CA VAL B 32 -40.79 13.36 -12.42
C VAL B 32 -39.36 12.98 -12.73
N PRO B 33 -38.69 13.61 -13.69
CA PRO B 33 -37.29 13.26 -13.94
C PRO B 33 -36.40 13.62 -12.77
N THR B 34 -35.34 12.84 -12.61
CA THR B 34 -34.39 13.10 -11.54
C THR B 34 -33.62 14.38 -11.83
N ASP B 35 -33.34 15.15 -10.80
CA ASP B 35 -32.49 16.32 -10.98
C ASP B 35 -31.05 15.84 -11.18
N PRO B 36 -30.37 16.29 -12.25
CA PRO B 36 -29.09 15.66 -12.61
C PRO B 36 -27.98 15.93 -11.62
N ASN B 37 -28.05 16.95 -10.78
CA ASN B 37 -27.09 17.06 -9.68
C ASN B 37 -27.83 17.51 -8.43
N PRO B 38 -28.18 16.59 -7.55
CA PRO B 38 -28.86 16.94 -6.30
C PRO B 38 -28.03 17.85 -5.43
N GLN B 39 -28.73 18.63 -4.62
CA GLN B 39 -28.13 19.42 -3.56
C GLN B 39 -28.05 18.61 -2.26
N GLU B 40 -26.93 18.76 -1.55
CA GLU B 40 -26.76 18.18 -0.22
C GLU B 40 -26.03 19.13 0.73
N MET B 41 -26.55 19.22 1.95
CA MET B 41 -26.21 20.22 2.97
C MET B 41 -25.92 19.49 4.28
N VAL B 42 -24.62 19.29 4.56
CA VAL B 42 -24.13 18.60 5.75
C VAL B 42 -24.31 19.50 6.98
N LEU B 43 -24.29 18.88 8.17
CA LEU B 43 -24.54 19.54 9.47
C LEU B 43 -24.08 18.62 10.61
N ALA B 44 -22.76 18.44 10.80
CA ALA B 44 -22.21 17.48 11.78
C ALA B 44 -22.39 17.90 13.25
N ASN B 45 -22.85 19.13 13.51
CA ASN B 45 -23.18 19.56 14.87
C ASN B 45 -24.55 19.06 15.31
N VAL B 46 -25.48 18.87 14.37
CA VAL B 46 -26.91 19.01 14.65
C VAL B 46 -27.41 17.93 15.60
N THR B 47 -27.16 16.66 15.27
CA THR B 47 -27.68 15.51 16.01
C THR B 47 -29.21 15.47 16.05
N GLU B 48 -29.81 14.54 15.32
CA GLU B 48 -31.23 14.31 15.46
C GLU B 48 -31.56 12.82 15.50
N ASN B 49 -32.83 12.58 15.85
CA ASN B 49 -33.39 11.29 16.18
C ASN B 49 -34.10 10.71 14.96
N PHE B 50 -33.90 9.43 14.70
CA PHE B 50 -34.59 8.74 13.63
C PHE B 50 -35.29 7.52 14.21
N ASN B 51 -36.33 7.05 13.51
CA ASN B 51 -36.89 5.76 13.89
C ASN B 51 -37.37 5.09 12.61
N MET B 52 -36.54 4.23 12.06
CA MET B 52 -36.84 3.56 10.80
C MET B 52 -38.11 2.72 10.90
N TRP B 53 -38.53 2.37 12.12
CA TRP B 53 -39.69 1.51 12.33
C TRP B 53 -40.99 2.29 12.40
N LYS B 54 -40.94 3.62 12.44
CA LYS B 54 -42.12 4.45 12.54
C LYS B 54 -41.86 5.57 11.55
N ASN B 55 -41.83 5.26 10.26
CA ASN B 55 -41.33 6.20 9.27
C ASN B 55 -42.36 6.29 8.16
N ASP B 56 -42.93 7.47 7.98
CA ASP B 56 -44.03 7.55 7.04
C ASP B 56 -43.59 7.43 5.58
N MET B 57 -42.31 7.66 5.30
CA MET B 57 -41.86 7.38 3.94
C MET B 57 -42.11 5.92 3.57
N VAL B 58 -42.06 5.01 4.53
CA VAL B 58 -42.26 3.59 4.25
C VAL B 58 -43.68 3.36 3.74
N GLU B 59 -44.65 4.01 4.38
CA GLU B 59 -46.06 3.88 4.02
C GLU B 59 -46.34 4.47 2.65
N GLN B 60 -45.79 5.66 2.38
CA GLN B 60 -45.96 6.27 1.07
C GLN B 60 -45.38 5.38 -0.02
N MET B 61 -44.15 4.87 0.19
CA MET B 61 -43.55 3.99 -0.81
C MET B 61 -44.33 2.68 -0.96
N HIS B 62 -44.77 2.09 0.14
CA HIS B 62 -45.56 0.85 0.07
C HIS B 62 -46.78 1.06 -0.82
N GLU B 63 -47.50 2.16 -0.61
CA GLU B 63 -48.64 2.50 -1.47
C GLU B 63 -48.23 2.60 -2.92
N ASP B 64 -47.11 3.25 -3.19
CA ASP B 64 -46.65 3.35 -4.58
C ASP B 64 -46.42 1.97 -5.18
N ILE B 65 -45.72 1.09 -4.46
CA ILE B 65 -45.39 -0.20 -5.10
C ILE B 65 -46.64 -1.04 -5.28
N ILE B 66 -47.60 -0.97 -4.33
CA ILE B 66 -48.87 -1.63 -4.54
C ILE B 66 -49.50 -1.15 -5.83
N SER B 67 -49.55 0.17 -6.02
CA SER B 67 -50.10 0.74 -7.24
C SER B 67 -49.35 0.26 -8.48
N LEU B 68 -48.01 0.21 -8.39
CA LEU B 68 -47.19 -0.24 -9.52
C LEU B 68 -47.52 -1.67 -9.90
N TRP B 69 -47.57 -2.57 -8.90
CA TRP B 69 -47.86 -3.97 -9.18
C TRP B 69 -49.27 -4.16 -9.70
N ASP B 70 -50.22 -3.36 -9.20
CA ASP B 70 -51.59 -3.40 -9.70
C ASP B 70 -51.69 -2.96 -11.16
N GLU B 71 -50.88 -1.98 -11.56
CA GLU B 71 -50.99 -1.58 -12.95
C GLU B 71 -50.19 -2.50 -13.85
N SER B 72 -49.19 -3.19 -13.30
CA SER B 72 -48.17 -3.90 -14.06
C SER B 72 -48.26 -5.42 -14.04
N LEU B 73 -48.57 -6.04 -12.90
CA LEU B 73 -48.65 -7.50 -12.79
C LEU B 73 -50.08 -7.89 -12.44
N LYS B 74 -50.96 -7.63 -13.35
CA LYS B 74 -52.34 -8.03 -13.25
C LYS B 74 -52.45 -9.55 -13.23
N PRO B 75 -53.10 -10.12 -12.23
CA PRO B 75 -53.36 -11.56 -12.23
C PRO B 75 -54.54 -11.88 -13.12
N CYS B 76 -54.57 -13.13 -13.59
CA CYS B 76 -55.76 -13.58 -14.30
C CYS B 76 -56.96 -13.60 -13.38
N VAL B 77 -56.77 -14.02 -12.14
CA VAL B 77 -57.84 -14.04 -11.15
C VAL B 77 -57.28 -13.46 -9.87
N LYS B 78 -58.03 -12.59 -9.23
CA LYS B 78 -57.70 -12.12 -7.89
C LYS B 78 -58.82 -12.58 -6.97
N LEU B 79 -58.47 -13.31 -5.91
CA LEU B 79 -59.42 -13.75 -4.91
C LEU B 79 -59.16 -13.00 -3.61
N THR B 80 -60.02 -12.06 -3.26
CA THR B 80 -59.94 -11.38 -1.97
C THR B 80 -61.28 -11.54 -1.27
N GLY B 81 -61.26 -12.26 -0.15
CA GLY B 81 -62.47 -12.51 0.58
C GLY B 81 -63.40 -13.40 -0.20
N GLY B 82 -64.59 -12.87 -0.50
CA GLY B 82 -65.59 -13.66 -1.20
C GLY B 82 -65.49 -13.50 -2.70
N SER B 83 -65.16 -12.27 -3.11
CA SER B 83 -65.18 -11.89 -4.51
C SER B 83 -63.95 -12.45 -5.24
N ALA B 84 -64.11 -12.67 -6.55
CA ALA B 84 -63.05 -13.03 -7.47
C ALA B 84 -63.09 -12.06 -8.64
N ILE B 85 -61.94 -11.56 -9.06
CA ILE B 85 -61.85 -10.57 -10.12
C ILE B 85 -61.02 -11.18 -11.23
N THR B 86 -61.46 -11.05 -12.47
CA THR B 86 -60.75 -11.69 -13.57
C THR B 86 -60.29 -10.57 -14.47
N GLN B 87 -59.15 -10.75 -15.14
CA GLN B 87 -58.80 -9.78 -16.17
C GLN B 87 -57.67 -10.32 -17.02
N ALA B 88 -57.41 -9.61 -18.11
CA ALA B 88 -56.28 -9.95 -18.96
C ALA B 88 -55.00 -9.96 -18.13
N CYS B 89 -54.23 -11.05 -18.26
CA CYS B 89 -52.95 -11.20 -17.57
C CYS B 89 -51.82 -11.47 -18.56
N PRO B 90 -51.54 -10.52 -19.47
CA PRO B 90 -50.44 -10.74 -20.43
C PRO B 90 -49.12 -10.92 -19.70
N LYS B 91 -48.22 -11.67 -20.32
CA LYS B 91 -46.82 -11.68 -19.91
C LYS B 91 -46.21 -10.31 -20.21
N VAL B 92 -45.32 -9.84 -19.35
CA VAL B 92 -44.80 -8.47 -19.51
C VAL B 92 -43.30 -8.49 -19.31
N SER B 93 -42.63 -7.43 -19.74
CA SER B 93 -41.23 -7.33 -19.36
C SER B 93 -41.16 -6.56 -18.04
N PHE B 94 -40.43 -7.14 -17.09
CA PHE B 94 -40.49 -6.75 -15.69
C PHE B 94 -39.07 -6.76 -15.16
N ASP B 95 -38.56 -5.60 -14.75
CA ASP B 95 -37.21 -5.53 -14.18
C ASP B 95 -37.09 -4.25 -13.36
N PRO B 96 -37.06 -4.33 -12.03
CA PRO B 96 -37.22 -3.13 -11.20
C PRO B 96 -36.18 -2.07 -11.55
N ILE B 97 -36.60 -0.81 -11.53
CA ILE B 97 -35.72 0.33 -11.75
C ILE B 97 -35.69 1.13 -10.44
N PRO B 98 -34.66 1.96 -10.24
CA PRO B 98 -34.58 2.72 -8.98
C PRO B 98 -35.56 3.89 -8.96
N LEU B 99 -36.05 4.19 -7.75
CA LEU B 99 -37.01 5.26 -7.52
C LEU B 99 -36.48 6.16 -6.41
N HIS B 100 -36.56 7.46 -6.61
CA HIS B 100 -36.11 8.44 -5.62
C HIS B 100 -37.33 9.03 -4.97
N TYR B 101 -37.29 9.22 -3.65
CA TYR B 101 -38.41 9.85 -2.95
C TYR B 101 -38.00 11.26 -2.56
N CYS B 102 -38.86 12.23 -2.88
CA CYS B 102 -38.50 13.63 -2.85
C CYS B 102 -39.44 14.40 -1.95
N ALA B 103 -38.85 15.37 -1.17
CA ALA B 103 -39.68 16.24 -0.34
C ALA B 103 -40.21 17.40 -1.17
N PRO B 104 -41.49 17.75 -1.05
CA PRO B 104 -42.01 18.87 -1.85
C PRO B 104 -41.56 20.22 -1.28
N ALA B 105 -41.97 21.32 -1.93
CA ALA B 105 -41.54 22.65 -1.54
C ALA B 105 -41.88 22.96 -0.08
N GLY B 106 -40.87 23.37 0.69
CA GLY B 106 -41.06 23.75 2.08
C GLY B 106 -40.77 22.66 3.08
N PHE B 107 -40.02 21.64 2.68
CA PHE B 107 -40.00 20.32 3.27
C PHE B 107 -38.67 19.78 2.84
N ALA B 108 -37.96 19.10 3.73
CA ALA B 108 -36.68 18.55 3.35
C ALA B 108 -36.60 17.12 3.84
N ILE B 109 -35.67 16.39 3.27
CA ILE B 109 -35.38 15.06 3.74
C ILE B 109 -34.06 15.11 4.48
N LEU B 110 -34.07 14.64 5.72
CA LEU B 110 -32.87 14.51 6.52
C LEU B 110 -32.28 13.13 6.36
N LYS B 111 -31.02 13.07 5.97
CA LYS B 111 -30.27 11.83 5.86
C LYS B 111 -29.31 11.76 7.02
N CYS B 112 -29.28 10.62 7.70
CA CYS B 112 -28.27 10.35 8.70
C CYS B 112 -27.02 9.78 8.03
N ASN B 113 -25.83 10.36 8.29
CA ASN B 113 -24.66 9.84 7.60
C ASN B 113 -23.72 9.01 8.50
N ASN B 114 -24.12 8.70 9.74
CA ASN B 114 -23.31 7.79 10.55
C ASN B 114 -23.35 6.40 9.90
N LYS B 115 -22.19 5.91 9.45
CA LYS B 115 -22.12 4.68 8.66
C LYS B 115 -22.59 3.45 9.43
N THR B 116 -22.70 3.54 10.76
CA THR B 116 -23.05 2.40 11.60
C THR B 116 -24.39 2.59 12.31
N PHE B 117 -25.11 3.65 11.96
CA PHE B 117 -26.44 3.91 12.50
C PHE B 117 -27.34 2.70 12.35
N ASN B 118 -27.98 2.29 13.44
CA ASN B 118 -28.77 1.07 13.42
C ASN B 118 -30.23 1.31 13.06
N GLY B 119 -30.62 2.55 12.76
CA GLY B 119 -31.96 2.87 12.31
C GLY B 119 -32.81 3.58 13.34
N THR B 120 -32.28 3.77 14.54
CA THR B 120 -33.04 4.11 15.72
C THR B 120 -32.19 4.99 16.62
N GLY B 121 -32.81 6.01 17.22
CA GLY B 121 -32.14 6.82 18.19
C GLY B 121 -31.47 8.03 17.59
N PRO B 122 -30.55 8.65 18.33
CA PRO B 122 -29.88 9.85 17.83
C PRO B 122 -28.75 9.55 16.87
N CYS B 123 -28.51 10.50 15.98
CA CYS B 123 -27.50 10.41 14.94
C CYS B 123 -26.81 11.76 14.83
N ARG B 124 -25.47 11.78 14.91
CA ARG B 124 -24.77 13.06 15.06
C ARG B 124 -24.58 13.76 13.70
N ASN B 125 -23.99 13.07 12.72
CA ASN B 125 -23.68 13.71 11.43
C ASN B 125 -24.89 13.55 10.53
N VAL B 126 -25.48 14.67 10.13
CA VAL B 126 -26.77 14.76 9.48
C VAL B 126 -26.67 15.66 8.26
N SER B 127 -27.34 15.30 7.16
CA SER B 127 -27.45 16.18 6.00
C SER B 127 -28.92 16.50 5.72
N THR B 128 -29.15 17.51 4.87
CA THR B 128 -30.48 17.70 4.29
C THR B 128 -30.36 17.50 2.78
N VAL B 129 -31.38 16.86 2.20
CA VAL B 129 -31.37 16.53 0.77
C VAL B 129 -32.75 16.77 0.19
N GLN B 130 -32.75 16.96 -1.13
CA GLN B 130 -33.98 17.00 -1.93
C GLN B 130 -34.68 15.64 -1.95
N CYS B 131 -33.93 14.56 -2.24
CA CYS B 131 -34.48 13.23 -2.46
C CYS B 131 -33.58 12.18 -1.87
N THR B 132 -34.17 11.00 -1.64
CA THR B 132 -33.41 9.83 -1.24
C THR B 132 -32.56 9.34 -2.41
N HIS B 133 -31.65 8.42 -2.12
CA HIS B 133 -30.99 7.73 -3.22
C HIS B 133 -32.01 6.90 -3.99
N GLY B 134 -31.57 6.24 -5.05
CA GLY B 134 -32.48 5.51 -5.90
C GLY B 134 -32.68 4.14 -5.34
N ILE B 135 -33.93 3.75 -5.05
CA ILE B 135 -34.24 2.48 -4.39
C ILE B 135 -34.96 1.58 -5.37
N LYS B 136 -34.41 0.41 -5.66
CA LYS B 136 -35.16 -0.53 -6.50
C LYS B 136 -36.23 -1.20 -5.65
N PRO B 137 -37.50 -1.19 -6.06
CA PRO B 137 -38.54 -1.76 -5.16
C PRO B 137 -38.68 -3.27 -5.33
N VAL B 138 -37.77 -4.02 -4.73
CA VAL B 138 -37.67 -5.45 -5.00
C VAL B 138 -38.50 -6.22 -3.98
N VAL B 139 -39.52 -6.93 -4.46
CA VAL B 139 -40.40 -7.70 -3.61
C VAL B 139 -39.79 -9.08 -3.40
N SER B 140 -39.58 -9.48 -2.13
CA SER B 140 -39.01 -10.80 -1.86
C SER B 140 -39.16 -11.09 -0.37
N THR B 141 -38.97 -12.37 0.00
CA THR B 141 -38.89 -12.81 1.38
C THR B 141 -37.52 -13.43 1.65
N GLN B 142 -37.16 -13.49 2.94
CA GLN B 142 -35.94 -14.12 3.45
C GLN B 142 -34.68 -13.38 3.08
N LEU B 143 -34.49 -13.09 1.80
CA LEU B 143 -33.28 -12.42 1.34
C LEU B 143 -33.69 -11.10 0.75
N LEU B 144 -33.01 -10.03 1.14
CA LEU B 144 -33.17 -8.74 0.46
C LEU B 144 -32.20 -8.69 -0.72
N LEU B 145 -32.69 -8.35 -1.90
CA LEU B 145 -31.93 -8.47 -3.14
C LEU B 145 -31.74 -7.09 -3.74
N ASN B 146 -30.54 -6.83 -4.27
CA ASN B 146 -30.29 -5.66 -5.09
C ASN B 146 -30.46 -4.35 -4.31
N GLY B 147 -30.30 -4.38 -2.99
CA GLY B 147 -30.31 -3.15 -2.24
C GLY B 147 -28.93 -2.50 -2.23
N SER B 148 -28.71 -1.60 -1.29
CA SER B 148 -27.38 -1.03 -1.14
C SER B 148 -26.73 -1.54 0.14
N LEU B 149 -25.42 -1.78 0.05
CA LEU B 149 -24.69 -2.40 1.13
C LEU B 149 -24.37 -1.41 2.24
N ALA B 150 -24.20 -1.93 3.45
CA ALA B 150 -23.67 -1.12 4.55
C ALA B 150 -22.21 -0.79 4.28
N GLU B 151 -21.76 0.33 4.81
CA GLU B 151 -20.51 0.92 4.34
C GLU B 151 -19.33 0.51 5.18
N GLU B 152 -19.60 0.15 6.43
CA GLU B 152 -18.57 -0.10 7.42
C GLU B 152 -18.73 -1.58 7.72
N GLU B 153 -19.26 -1.93 8.91
CA GLU B 153 -19.77 -3.28 9.23
C GLU B 153 -21.23 -3.59 8.97
N ILE B 154 -21.47 -4.89 9.08
CA ILE B 154 -22.80 -5.45 9.09
C ILE B 154 -23.59 -4.87 10.25
N ILE B 155 -24.77 -4.34 9.94
CA ILE B 155 -25.64 -3.69 10.91
C ILE B 155 -26.84 -4.60 11.19
N ILE B 156 -27.15 -4.79 12.46
CA ILE B 156 -28.36 -5.47 12.89
C ILE B 156 -29.40 -4.40 13.21
N ARG B 157 -30.54 -4.46 12.53
CA ARG B 157 -31.63 -3.53 12.79
C ARG B 157 -32.84 -4.29 13.32
N SER B 158 -33.47 -3.72 14.34
CA SER B 158 -34.70 -4.27 14.85
C SER B 158 -35.37 -3.22 15.69
N GLU B 159 -36.68 -3.17 15.58
CA GLU B 159 -37.48 -2.32 16.45
C GLU B 159 -37.29 -2.67 17.91
N ASN B 160 -36.96 -3.93 18.21
CA ASN B 160 -36.79 -4.37 19.59
C ASN B 160 -36.20 -5.77 19.64
N LEU B 161 -34.87 -5.88 19.79
CA LEU B 161 -34.22 -7.18 19.70
C LEU B 161 -34.68 -8.14 20.78
N THR B 162 -35.12 -7.63 21.94
CA THR B 162 -35.58 -8.52 23.01
C THR B 162 -36.90 -9.19 22.66
N ASN B 163 -37.72 -8.52 21.87
CA ASN B 163 -39.03 -9.03 21.49
C ASN B 163 -38.84 -9.90 20.24
N ASN B 164 -38.83 -11.22 20.42
CA ASN B 164 -38.52 -12.12 19.31
C ASN B 164 -39.55 -12.09 18.18
N ALA B 165 -40.72 -11.51 18.39
CA ALA B 165 -41.71 -11.36 17.32
C ALA B 165 -41.37 -10.23 16.35
N LYS B 166 -40.38 -9.39 16.64
CA LYS B 166 -40.03 -8.30 15.72
C LYS B 166 -38.99 -8.77 14.71
N THR B 167 -39.25 -8.50 13.45
CA THR B 167 -38.33 -8.88 12.39
C THR B 167 -36.96 -8.26 12.63
N ILE B 168 -35.90 -9.03 12.35
CA ILE B 168 -34.54 -8.52 12.37
C ILE B 168 -34.09 -8.28 10.93
N ILE B 169 -33.63 -7.07 10.60
CA ILE B 169 -33.04 -6.82 9.29
C ILE B 169 -31.53 -6.85 9.47
N VAL B 170 -30.86 -7.72 8.74
CA VAL B 170 -29.40 -7.76 8.70
C VAL B 170 -28.96 -7.01 7.44
N HIS B 171 -28.18 -5.96 7.62
CA HIS B 171 -27.65 -5.17 6.51
C HIS B 171 -26.20 -5.61 6.22
N LEU B 172 -26.00 -6.29 5.13
CA LEU B 172 -24.68 -6.83 4.77
C LEU B 172 -23.77 -5.71 4.26
N ASN B 173 -22.45 -5.88 4.45
CA ASN B 173 -21.50 -4.95 3.86
C ASN B 173 -20.86 -5.48 2.59
N GLU B 174 -21.07 -6.75 2.27
CA GLU B 174 -20.54 -7.38 1.08
C GLU B 174 -21.67 -8.19 0.47
N SER B 175 -21.96 -7.99 -0.82
CA SER B 175 -23.08 -8.76 -1.36
C SER B 175 -22.64 -10.19 -1.68
N VAL B 176 -23.63 -11.08 -1.73
CA VAL B 176 -23.46 -12.48 -2.06
C VAL B 176 -24.29 -12.73 -3.31
N ASN B 177 -23.65 -13.22 -4.37
CA ASN B 177 -24.34 -13.42 -5.62
C ASN B 177 -25.35 -14.55 -5.46
N ILE B 178 -26.54 -14.42 -6.04
CA ILE B 178 -27.44 -15.55 -6.17
C ILE B 178 -27.96 -15.56 -7.59
N VAL B 179 -27.82 -16.69 -8.26
CA VAL B 179 -28.20 -16.86 -9.66
C VAL B 179 -29.30 -17.91 -9.72
N CYS B 180 -30.49 -17.51 -10.18
CA CYS B 180 -31.64 -18.41 -10.30
C CYS B 180 -32.03 -18.50 -11.76
N THR B 181 -32.29 -19.72 -12.23
CA THR B 181 -32.72 -19.91 -13.61
C THR B 181 -33.75 -21.03 -13.67
N ARG B 182 -34.75 -20.84 -14.54
CA ARG B 182 -35.51 -21.94 -15.11
C ARG B 182 -34.90 -22.20 -16.48
N PRO B 183 -34.22 -23.31 -16.70
CA PRO B 183 -33.48 -23.50 -17.96
C PRO B 183 -34.43 -23.79 -19.10
N ASN B 184 -33.93 -23.67 -20.33
CA ASN B 184 -34.76 -23.97 -21.49
C ASN B 184 -35.38 -25.37 -21.41
N ASN B 193 -40.03 -30.71 -16.39
CA ASN B 193 -41.00 -29.84 -15.74
C ASN B 193 -40.78 -28.39 -16.16
N ILE B 194 -41.80 -27.66 -16.59
CA ILE B 194 -41.51 -26.28 -16.95
C ILE B 194 -41.48 -25.37 -15.72
N ARG B 195 -42.06 -25.83 -14.59
CA ARG B 195 -42.03 -25.06 -13.36
C ARG B 195 -40.73 -25.20 -12.60
N GLN B 196 -39.77 -26.01 -13.03
CA GLN B 196 -38.74 -26.28 -12.05
C GLN B 196 -37.47 -25.51 -12.36
N ALA B 197 -36.86 -24.94 -11.31
CA ALA B 197 -35.73 -24.04 -11.43
C ALA B 197 -34.79 -24.27 -10.26
N HIS B 198 -33.67 -23.56 -10.26
CA HIS B 198 -32.71 -23.71 -9.17
C HIS B 198 -31.90 -22.43 -9.03
N CYS B 199 -31.38 -22.20 -7.84
CA CYS B 199 -30.45 -21.09 -7.61
C CYS B 199 -29.10 -21.60 -7.14
N ASN B 200 -28.04 -20.91 -7.56
CA ASN B 200 -26.69 -21.25 -7.11
C ASN B 200 -26.12 -20.13 -6.26
N ILE B 201 -25.57 -20.49 -5.11
CA ILE B 201 -24.78 -19.58 -4.30
C ILE B 201 -23.43 -20.25 -4.02
N ASN B 202 -22.35 -19.47 -4.18
CA ASN B 202 -20.99 -19.85 -3.79
C ASN B 202 -20.93 -20.17 -2.29
N GLU B 203 -20.69 -21.44 -1.92
CA GLU B 203 -20.71 -21.81 -0.51
C GLU B 203 -19.65 -21.04 0.29
N SER B 204 -18.53 -20.71 -0.34
CA SER B 204 -17.50 -20.01 0.39
C SER B 204 -17.95 -18.60 0.76
N LYS B 205 -18.54 -17.88 -0.19
CA LYS B 205 -18.99 -16.52 0.08
C LYS B 205 -20.10 -16.49 1.15
N TRP B 206 -21.04 -17.44 1.03
CA TRP B 206 -22.12 -17.53 2.01
C TRP B 206 -21.60 -17.85 3.39
N ASN B 207 -20.77 -18.89 3.46
CA ASN B 207 -20.01 -19.30 4.63
C ASN B 207 -19.41 -18.10 5.34
N ASN B 208 -18.70 -17.28 4.59
CA ASN B 208 -18.00 -16.15 5.15
C ASN B 208 -19.01 -15.17 5.76
N THR B 209 -20.06 -14.84 4.98
CA THR B 209 -21.01 -13.83 5.45
C THR B 209 -21.74 -14.33 6.69
N LEU B 210 -22.13 -15.61 6.74
CA LEU B 210 -22.80 -16.08 7.95
C LEU B 210 -21.84 -16.14 9.14
N GLN B 211 -20.54 -16.37 8.89
CA GLN B 211 -19.53 -16.17 9.92
C GLN B 211 -19.67 -14.78 10.54
N LYS B 212 -19.75 -13.75 9.70
CA LYS B 212 -19.76 -12.39 10.27
C LYS B 212 -21.12 -11.94 10.78
N VAL B 213 -22.20 -12.46 10.21
CA VAL B 213 -23.51 -12.20 10.78
C VAL B 213 -23.60 -12.81 12.17
N GLY B 214 -23.09 -14.04 12.32
CA GLY B 214 -23.05 -14.65 13.64
C GLY B 214 -22.22 -13.85 14.63
N GLU B 215 -21.04 -13.36 14.20
CA GLU B 215 -20.31 -12.39 15.02
C GLU B 215 -21.21 -11.28 15.55
N GLU B 216 -21.87 -10.52 14.65
CA GLU B 216 -22.66 -9.36 15.08
C GLU B 216 -23.84 -9.76 15.97
N LEU B 217 -24.51 -10.87 15.61
CA LEU B 217 -25.59 -11.36 16.46
C LEU B 217 -25.06 -11.76 17.82
N ALA B 218 -23.81 -12.22 17.89
CA ALA B 218 -23.21 -12.61 19.17
C ALA B 218 -22.99 -11.39 20.04
N LYS B 219 -22.51 -10.30 19.46
CA LYS B 219 -22.45 -9.06 20.22
C LYS B 219 -23.80 -8.77 20.87
N HIS B 220 -24.91 -9.05 20.17
CA HIS B 220 -26.17 -8.69 20.83
C HIS B 220 -26.74 -9.76 21.75
N PHE B 221 -26.41 -11.04 21.54
CA PHE B 221 -26.80 -12.11 22.46
C PHE B 221 -25.52 -12.85 22.89
N PRO B 222 -24.86 -12.38 23.98
CA PRO B 222 -23.47 -12.83 24.19
C PRO B 222 -23.26 -14.18 24.85
N SER B 223 -24.18 -14.68 25.69
CA SER B 223 -23.87 -15.97 26.31
C SER B 223 -24.14 -17.16 25.42
N LYS B 224 -24.74 -16.92 24.28
CA LYS B 224 -25.57 -17.82 23.53
C LYS B 224 -24.80 -18.42 22.35
N THR B 225 -25.04 -19.71 22.04
CA THR B 225 -24.71 -20.23 20.71
C THR B 225 -25.70 -19.68 19.68
N ILE B 226 -25.21 -19.35 18.47
CA ILE B 226 -26.03 -18.74 17.42
C ILE B 226 -26.29 -19.79 16.34
N LYS B 227 -27.55 -20.22 16.20
CA LYS B 227 -27.92 -21.20 15.19
C LYS B 227 -28.77 -20.55 14.08
N PHE B 228 -28.50 -20.96 12.84
CA PHE B 228 -29.34 -20.62 11.70
C PHE B 228 -30.09 -21.85 11.23
N GLU B 229 -31.39 -21.74 11.04
CA GLU B 229 -32.24 -22.89 10.75
C GLU B 229 -33.31 -22.48 9.78
N PRO B 230 -33.87 -23.40 8.98
CA PRO B 230 -34.85 -23.03 7.97
C PRO B 230 -36.11 -22.52 8.62
N SER B 231 -36.90 -21.81 7.83
CA SER B 231 -38.17 -21.30 8.32
C SER B 231 -39.07 -22.46 8.73
N SER B 232 -39.56 -22.39 9.96
CA SER B 232 -40.47 -23.40 10.50
C SER B 232 -41.69 -23.62 9.60
N GLY B 233 -42.70 -22.77 9.72
CA GLY B 233 -43.89 -23.01 8.93
C GLY B 233 -44.52 -21.70 8.46
N GLY B 234 -45.59 -21.85 7.71
CA GLY B 234 -46.31 -20.71 7.19
C GLY B 234 -46.64 -20.97 5.75
N ASP B 235 -47.15 -19.93 5.09
CA ASP B 235 -47.35 -20.01 3.66
C ASP B 235 -46.02 -20.19 2.94
N LEU B 236 -46.11 -20.80 1.78
CA LEU B 236 -44.90 -21.04 1.00
C LEU B 236 -44.15 -19.75 0.67
N GLU B 237 -44.85 -18.62 0.55
CA GLU B 237 -44.16 -17.37 0.23
C GLU B 237 -43.09 -17.03 1.28
N ILE B 238 -43.26 -17.46 2.52
CA ILE B 238 -42.33 -17.09 3.58
C ILE B 238 -41.49 -18.26 4.08
N THR B 239 -41.92 -19.50 3.87
CA THR B 239 -41.06 -20.62 4.21
C THR B 239 -40.05 -20.88 3.11
N THR B 240 -40.19 -20.23 1.96
CA THR B 240 -39.14 -20.29 0.96
C THR B 240 -38.68 -18.87 0.68
N HIS B 241 -37.61 -18.77 -0.10
CA HIS B 241 -37.18 -17.47 -0.61
C HIS B 241 -37.99 -17.23 -1.87
N SER B 242 -39.02 -16.39 -1.77
CA SER B 242 -39.85 -16.14 -2.95
C SER B 242 -39.55 -14.75 -3.49
N PHE B 243 -39.64 -14.62 -4.81
CA PHE B 243 -39.32 -13.36 -5.49
C PHE B 243 -39.87 -13.45 -6.91
N ASN B 244 -39.92 -12.30 -7.59
CA ASN B 244 -40.37 -12.25 -8.97
C ASN B 244 -39.17 -12.03 -9.88
N CYS B 245 -39.03 -12.87 -10.90
CA CYS B 245 -37.93 -12.81 -11.83
C CYS B 245 -38.51 -12.75 -13.23
N ARG B 246 -38.36 -11.61 -13.88
CA ARG B 246 -38.86 -11.38 -15.22
C ARG B 246 -40.37 -11.71 -15.30
N GLY B 247 -41.13 -11.41 -14.26
CA GLY B 247 -42.57 -11.60 -14.27
C GLY B 247 -43.05 -12.90 -13.66
N GLU B 248 -42.18 -13.90 -13.54
CA GLU B 248 -42.51 -15.20 -12.99
C GLU B 248 -42.23 -15.25 -11.50
N PHE B 249 -43.04 -15.99 -10.74
CA PHE B 249 -42.90 -16.04 -9.29
C PHE B 249 -42.12 -17.28 -8.92
N PHE B 250 -40.89 -17.08 -8.40
CA PHE B 250 -40.03 -18.18 -7.95
C PHE B 250 -40.20 -18.43 -6.47
N TYR B 251 -40.16 -19.71 -6.10
CA TYR B 251 -40.18 -20.14 -4.70
C TYR B 251 -39.02 -21.09 -4.53
N CYS B 252 -37.96 -20.64 -3.83
CA CYS B 252 -36.69 -21.34 -3.74
C CYS B 252 -36.45 -21.83 -2.31
N ASN B 253 -36.23 -23.14 -2.19
CA ASN B 253 -36.06 -23.78 -0.88
C ASN B 253 -34.73 -23.36 -0.28
N THR B 254 -34.73 -22.86 0.96
CA THR B 254 -33.49 -22.37 1.56
C THR B 254 -32.99 -23.25 2.70
N SER B 255 -33.49 -24.47 2.82
CA SER B 255 -33.09 -25.27 3.96
C SER B 255 -31.61 -25.66 3.91
N ASP B 256 -30.97 -25.62 2.75
CA ASP B 256 -29.52 -25.79 2.71
C ASP B 256 -28.78 -24.48 2.93
N LEU B 257 -29.51 -23.37 3.06
CA LEU B 257 -28.91 -22.06 3.17
C LEU B 257 -28.91 -21.55 4.60
N PHE B 258 -30.05 -21.64 5.28
CA PHE B 258 -30.17 -21.24 6.68
C PHE B 258 -30.09 -22.51 7.50
N ASN B 259 -28.83 -22.93 7.74
CA ASN B 259 -28.51 -24.26 8.24
C ASN B 259 -27.04 -24.25 8.64
N GLY B 260 -26.77 -23.93 9.90
CA GLY B 260 -25.41 -23.68 10.32
C GLY B 260 -25.37 -23.24 11.77
N THR B 261 -24.18 -23.43 12.38
CA THR B 261 -23.95 -23.06 13.78
C THR B 261 -22.71 -22.18 13.90
N TYR B 262 -22.83 -21.13 14.71
CA TYR B 262 -21.73 -20.24 15.08
C TYR B 262 -21.49 -20.45 16.59
N ARG B 263 -20.40 -21.16 16.93
CA ARG B 263 -20.20 -21.73 18.27
C ARG B 263 -19.22 -20.92 19.10
N ASN B 264 -17.91 -21.01 18.81
CA ASN B 264 -16.92 -20.36 19.66
C ASN B 264 -16.15 -19.40 18.79
N GLY B 265 -16.80 -18.31 18.41
CA GLY B 265 -16.18 -17.44 17.42
C GLY B 265 -16.02 -18.05 16.05
N THR B 266 -16.56 -19.25 15.80
CA THR B 266 -16.43 -19.94 14.51
C THR B 266 -17.79 -20.41 13.98
N TYR B 267 -18.02 -20.18 12.68
CA TYR B 267 -19.23 -20.63 11.99
C TYR B 267 -18.99 -21.96 11.27
N ASN B 268 -19.92 -22.90 11.41
CA ASN B 268 -19.90 -24.18 10.70
C ASN B 268 -21.17 -24.36 9.88
N HIS B 269 -21.03 -24.49 8.56
CA HIS B 269 -22.19 -24.70 7.71
C HIS B 269 -22.65 -26.15 7.74
N THR B 270 -23.91 -26.36 8.11
CA THR B 270 -24.60 -27.63 8.22
C THR B 270 -25.40 -28.02 6.97
N GLY B 271 -25.60 -27.10 6.02
CA GLY B 271 -26.41 -27.42 4.86
C GLY B 271 -25.58 -28.09 3.79
N ARG B 272 -26.25 -28.71 2.82
CA ARG B 272 -25.53 -29.54 1.86
C ARG B 272 -25.07 -28.66 0.71
N SER B 273 -23.84 -28.90 0.24
CA SER B 273 -23.35 -28.29 -0.98
C SER B 273 -22.62 -29.34 -1.79
N SER B 274 -22.21 -28.96 -3.02
CA SER B 274 -21.47 -29.83 -3.92
C SER B 274 -20.66 -28.96 -4.86
N ASN B 275 -19.40 -29.33 -5.08
CA ASN B 275 -18.46 -28.48 -5.80
C ASN B 275 -18.41 -27.07 -5.19
N GLY B 276 -18.68 -26.95 -3.89
CA GLY B 276 -18.61 -25.64 -3.26
C GLY B 276 -19.66 -24.64 -3.69
N THR B 277 -20.82 -25.11 -4.16
CA THR B 277 -21.98 -24.25 -4.38
C THR B 277 -23.18 -24.85 -3.67
N ILE B 278 -23.95 -24.00 -3.01
CA ILE B 278 -25.25 -24.41 -2.49
C ILE B 278 -26.24 -24.24 -3.63
N THR B 279 -27.04 -25.27 -3.88
CA THR B 279 -28.03 -25.19 -4.94
C THR B 279 -29.41 -25.26 -4.30
N LEU B 280 -30.22 -24.22 -4.55
CA LEU B 280 -31.59 -24.15 -4.04
C LEU B 280 -32.52 -24.69 -5.10
N GLN B 281 -33.37 -25.66 -4.73
CA GLN B 281 -34.44 -26.11 -5.61
C GLN B 281 -35.60 -25.12 -5.59
N CYS B 282 -36.07 -24.72 -6.78
CA CYS B 282 -37.15 -23.75 -6.92
C CYS B 282 -38.30 -24.31 -7.74
N LYS B 283 -39.49 -23.74 -7.49
CA LYS B 283 -40.67 -23.94 -8.30
C LYS B 283 -41.18 -22.57 -8.77
N ILE B 284 -41.68 -22.49 -10.00
CA ILE B 284 -42.42 -21.33 -10.47
C ILE B 284 -43.89 -21.62 -10.27
N LYS B 285 -44.58 -20.78 -9.50
CA LYS B 285 -45.95 -21.07 -9.13
C LYS B 285 -46.89 -20.09 -9.81
N GLN B 286 -48.15 -20.52 -9.96
CA GLN B 286 -49.16 -19.66 -10.55
C GLN B 286 -50.13 -19.12 -9.53
N ILE B 287 -50.34 -19.81 -8.39
CA ILE B 287 -51.22 -19.34 -7.33
C ILE B 287 -50.35 -18.70 -6.26
N ILE B 288 -50.59 -17.41 -6.00
CA ILE B 288 -49.71 -16.58 -5.19
C ILE B 288 -50.52 -16.05 -4.02
N ASN B 289 -49.96 -16.14 -2.81
CA ASN B 289 -50.52 -15.41 -1.68
C ASN B 289 -49.99 -13.98 -1.75
N MET B 290 -50.88 -13.01 -1.78
CA MET B 290 -50.49 -11.65 -2.10
C MET B 290 -49.77 -10.99 -0.93
N TRP B 291 -48.74 -10.19 -1.26
CA TRP B 291 -48.12 -9.38 -0.23
C TRP B 291 -48.88 -8.09 0.01
N GLN B 292 -49.70 -7.66 -0.97
CA GLN B 292 -50.38 -6.37 -0.88
C GLN B 292 -51.53 -6.36 0.10
N GLU B 293 -52.21 -7.49 0.28
CA GLU B 293 -53.42 -7.61 1.08
C GLU B 293 -53.63 -9.09 1.26
N VAL B 294 -54.57 -9.45 2.15
CA VAL B 294 -54.92 -10.85 2.33
C VAL B 294 -55.77 -11.28 1.14
N GLY B 295 -55.23 -12.19 0.34
CA GLY B 295 -55.91 -12.66 -0.83
C GLY B 295 -54.95 -13.51 -1.63
N ARG B 296 -55.48 -14.13 -2.69
CA ARG B 296 -54.70 -14.95 -3.61
C ARG B 296 -54.78 -14.39 -5.01
N ALA B 297 -53.71 -14.61 -5.79
CA ALA B 297 -53.65 -14.14 -7.17
C ALA B 297 -53.23 -15.30 -8.06
N ILE B 298 -53.83 -15.40 -9.26
CA ILE B 298 -53.51 -16.51 -10.16
C ILE B 298 -53.02 -15.93 -11.49
N TYR B 299 -51.86 -16.40 -11.94
CA TYR B 299 -51.15 -15.95 -13.11
C TYR B 299 -51.10 -17.06 -14.15
N ALA B 300 -50.75 -16.70 -15.38
CA ALA B 300 -50.62 -17.68 -16.45
C ALA B 300 -49.35 -18.50 -16.29
N PRO B 301 -49.27 -19.65 -16.97
CA PRO B 301 -48.08 -20.53 -16.86
C PRO B 301 -46.83 -19.84 -17.35
N PRO B 302 -45.65 -20.39 -17.11
CA PRO B 302 -44.43 -19.63 -17.37
C PRO B 302 -44.22 -19.34 -18.84
N ILE B 303 -43.59 -18.19 -19.09
CA ILE B 303 -43.14 -17.77 -20.40
C ILE B 303 -42.11 -18.83 -20.81
N GLU B 304 -41.66 -18.84 -22.05
CA GLU B 304 -41.01 -20.07 -22.47
C GLU B 304 -39.53 -19.74 -22.65
N GLY B 305 -38.67 -20.76 -22.70
CA GLY B 305 -37.22 -20.48 -22.77
C GLY B 305 -36.57 -20.36 -21.39
N GLU B 306 -35.36 -19.78 -21.37
CA GLU B 306 -34.62 -19.69 -20.11
C GLU B 306 -34.95 -18.40 -19.35
N ILE B 307 -35.31 -18.57 -18.09
CA ILE B 307 -35.64 -17.45 -17.23
C ILE B 307 -34.58 -17.37 -16.17
N THR B 308 -33.81 -16.28 -16.16
CA THR B 308 -32.65 -16.18 -15.30
C THR B 308 -32.55 -14.81 -14.65
N CYS B 309 -32.31 -14.78 -13.34
CA CYS B 309 -32.03 -13.54 -12.62
C CYS B 309 -30.71 -13.69 -11.90
N ASN B 310 -29.84 -12.72 -12.08
CA ASN B 310 -28.53 -12.69 -11.45
C ASN B 310 -28.59 -11.55 -10.44
N SER B 311 -28.73 -11.86 -9.16
CA SER B 311 -29.03 -10.84 -8.17
C SER B 311 -27.93 -10.80 -7.12
N ASN B 312 -27.83 -9.67 -6.41
CA ASN B 312 -27.00 -9.55 -5.23
C ASN B 312 -27.86 -9.69 -3.97
N ILE B 313 -27.54 -10.65 -3.11
CA ILE B 313 -28.07 -10.63 -1.75
C ILE B 313 -27.38 -9.51 -0.98
N THR B 314 -28.15 -8.53 -0.50
CA THR B 314 -27.56 -7.44 0.26
C THR B 314 -28.07 -7.34 1.70
N GLY B 315 -28.93 -8.25 2.14
CA GLY B 315 -29.49 -8.20 3.48
C GLY B 315 -30.25 -9.47 3.74
N LEU B 316 -30.60 -9.69 5.00
CA LEU B 316 -31.42 -10.84 5.38
C LEU B 316 -32.56 -10.33 6.25
N LEU B 317 -33.69 -11.05 6.20
CA LEU B 317 -34.80 -10.88 7.15
C LEU B 317 -34.83 -12.09 8.06
N LEU B 318 -34.70 -11.89 9.38
CA LEU B 318 -34.59 -13.01 10.32
C LEU B 318 -35.60 -12.86 11.45
N LEU B 319 -35.94 -14.01 12.03
CA LEU B 319 -36.82 -14.10 13.17
C LEU B 319 -36.16 -15.02 14.19
N ARG B 320 -36.03 -14.53 15.42
CA ARG B 320 -35.47 -15.28 16.53
C ARG B 320 -36.55 -16.11 17.21
N ASP B 321 -36.21 -17.35 17.54
CA ASP B 321 -37.11 -18.12 18.40
C ASP B 321 -37.11 -17.57 19.82
N ASP B 330 -27.11 -20.85 26.92
CA ASP B 330 -28.15 -21.50 26.12
C ASP B 330 -27.95 -21.14 24.63
N THR B 331 -28.98 -21.33 23.81
CA THR B 331 -28.90 -21.12 22.37
C THR B 331 -29.93 -20.10 21.90
N GLU B 332 -29.53 -19.27 20.93
CA GLU B 332 -30.45 -18.44 20.16
C GLU B 332 -30.49 -18.96 18.73
N THR B 333 -31.71 -19.16 18.23
CA THR B 333 -31.93 -19.72 16.91
C THR B 333 -32.59 -18.67 16.02
N PHE B 334 -32.06 -18.52 14.82
CA PHE B 334 -32.56 -17.54 13.85
C PHE B 334 -33.00 -18.25 12.58
N ARG B 335 -34.24 -17.97 12.17
CA ARG B 335 -34.85 -18.49 10.98
C ARG B 335 -35.17 -17.35 10.00
N PRO B 336 -35.11 -17.61 8.70
CA PRO B 336 -35.47 -16.56 7.75
C PRO B 336 -36.92 -16.17 7.90
N GLY B 337 -37.21 -14.89 7.66
CA GLY B 337 -38.55 -14.33 7.78
C GLY B 337 -38.96 -13.57 6.53
N GLY B 338 -39.84 -12.60 6.73
CA GLY B 338 -40.39 -11.80 5.66
C GLY B 338 -41.89 -11.97 5.56
N GLY B 339 -42.46 -11.30 4.56
CA GLY B 339 -43.88 -11.35 4.30
C GLY B 339 -44.54 -10.00 4.38
N ASP B 340 -43.95 -9.06 5.12
CA ASP B 340 -44.42 -7.69 5.21
C ASP B 340 -43.45 -6.86 4.38
N MET B 341 -43.84 -6.48 3.15
CA MET B 341 -42.91 -5.82 2.25
C MET B 341 -42.48 -4.45 2.76
N ARG B 342 -43.18 -3.91 3.76
CA ARG B 342 -42.70 -2.64 4.32
C ARG B 342 -41.33 -2.79 4.95
N ASP B 343 -40.96 -3.99 5.41
CA ASP B 343 -39.62 -4.17 5.94
C ASP B 343 -38.58 -4.06 4.83
N ASN B 344 -38.90 -4.58 3.63
CA ASN B 344 -38.02 -4.38 2.48
C ASN B 344 -37.78 -2.90 2.21
N TRP B 345 -38.85 -2.09 2.23
CA TRP B 345 -38.64 -0.65 2.03
C TRP B 345 -37.86 -0.02 3.18
N ARG B 346 -38.23 -0.33 4.43
CA ARG B 346 -37.48 0.11 5.63
C ARG B 346 -35.98 -0.08 5.48
N SER B 347 -35.57 -1.23 4.96
CA SER B 347 -34.15 -1.55 4.93
C SER B 347 -33.38 -0.57 4.07
N GLU B 348 -34.07 0.19 3.25
CA GLU B 348 -33.50 1.22 2.41
C GLU B 348 -33.79 2.64 2.89
N LEU B 349 -34.94 2.85 3.54
CA LEU B 349 -35.33 4.18 3.97
C LEU B 349 -34.90 4.50 5.40
N TYR B 350 -34.14 3.62 6.04
CA TYR B 350 -33.90 3.74 7.47
C TYR B 350 -33.18 5.02 7.85
N LYS B 351 -32.37 5.56 6.94
CA LYS B 351 -31.52 6.71 7.24
C LYS B 351 -32.20 8.02 6.95
N TYR B 352 -33.48 8.00 6.57
CA TYR B 352 -34.15 9.19 6.09
C TYR B 352 -35.33 9.51 6.97
N LYS B 353 -35.57 10.82 7.13
CA LYS B 353 -36.70 11.38 7.84
C LYS B 353 -37.13 12.63 7.05
N VAL B 354 -38.42 12.93 6.99
CA VAL B 354 -38.88 14.14 6.31
C VAL B 354 -39.25 15.17 7.37
N VAL B 355 -38.92 16.45 7.14
CA VAL B 355 -39.11 17.40 8.23
C VAL B 355 -39.58 18.74 7.67
N GLU B 356 -40.13 19.55 8.59
CA GLU B 356 -40.39 21.01 8.52
C GLU B 356 -41.62 21.41 7.72
N LYS C 6 36.10 -8.06 44.04
CA LYS C 6 37.15 -7.57 44.94
C LYS C 6 37.49 -8.64 46.00
N THR C 7 36.61 -9.65 46.10
CA THR C 7 36.66 -10.73 47.09
C THR C 7 36.02 -11.96 46.46
N THR C 8 35.86 -13.04 47.24
CA THR C 8 35.17 -14.23 46.73
C THR C 8 33.76 -14.28 47.33
N LEU C 9 32.76 -14.32 46.46
CA LEU C 9 31.35 -14.39 46.85
C LEU C 9 30.94 -15.83 47.13
N PHE C 10 29.78 -15.98 47.74
CA PHE C 10 29.17 -17.30 47.88
C PHE C 10 27.78 -17.27 47.26
N CYS C 11 27.22 -18.45 46.98
CA CYS C 11 25.90 -18.50 46.38
C CYS C 11 24.87 -18.97 47.39
N ALA C 12 23.66 -18.49 47.21
CA ALA C 12 22.50 -18.97 47.93
C ALA C 12 21.51 -19.49 46.90
N SER C 13 20.80 -20.55 47.25
CA SER C 13 19.83 -21.10 46.33
C SER C 13 18.68 -21.61 47.16
N ASP C 14 17.58 -21.96 46.52
CA ASP C 14 16.52 -22.64 47.23
C ASP C 14 16.44 -24.11 46.81
N ALA C 15 17.57 -24.79 46.64
CA ALA C 15 17.58 -26.15 46.12
C ALA C 15 17.16 -27.16 47.17
N LYS C 16 16.85 -28.38 46.72
CA LYS C 16 16.53 -29.44 47.68
C LYS C 16 17.66 -30.45 47.63
N ALA C 17 18.00 -31.04 48.77
CA ALA C 17 18.91 -32.17 48.66
C ALA C 17 18.20 -33.46 48.21
N TYR C 18 16.88 -33.40 47.99
CA TYR C 18 16.07 -34.57 47.61
C TYR C 18 15.59 -34.54 46.17
N GLU C 19 15.69 -33.40 45.50
CA GLU C 19 15.70 -33.38 44.06
C GLU C 19 16.93 -34.16 43.58
N LYS C 20 16.75 -35.09 42.62
CA LYS C 20 17.86 -35.55 41.80
C LYS C 20 18.22 -34.61 40.65
N GLU C 21 17.41 -33.60 40.37
CA GLU C 21 17.81 -32.66 39.34
C GLU C 21 19.17 -32.10 39.69
N VAL C 22 20.07 -32.02 38.70
CA VAL C 22 21.49 -31.87 39.01
C VAL C 22 21.86 -30.45 39.43
N HIS C 23 21.14 -29.43 38.97
CA HIS C 23 21.38 -28.11 39.55
C HIS C 23 21.11 -28.13 41.04
N ASN C 24 20.02 -28.79 41.45
CA ASN C 24 19.70 -28.91 42.87
C ASN C 24 20.81 -29.63 43.62
N VAL C 25 21.29 -30.76 43.10
CA VAL C 25 22.35 -31.49 43.79
C VAL C 25 23.57 -30.61 43.97
N TRP C 26 24.00 -29.97 42.88
CA TRP C 26 25.19 -29.14 42.96
C TRP C 26 24.98 -28.03 43.98
N ALA C 27 23.84 -27.35 43.92
CA ALA C 27 23.60 -26.19 44.79
C ALA C 27 23.51 -26.61 46.25
N THR C 28 22.94 -27.79 46.52
CA THR C 28 22.98 -28.35 47.87
C THR C 28 24.41 -28.47 48.38
N HIS C 29 25.33 -28.93 47.52
CA HIS C 29 26.71 -29.05 48.00
C HIS C 29 27.37 -27.67 48.13
N ALA C 30 27.05 -26.73 47.22
CA ALA C 30 27.88 -25.55 47.02
C ALA C 30 27.28 -24.25 47.53
N CYS C 31 25.98 -24.19 47.79
CA CYS C 31 25.33 -22.94 48.19
C CYS C 31 24.65 -23.08 49.54
N VAL C 32 24.40 -21.94 50.17
CA VAL C 32 23.74 -21.87 51.47
C VAL C 32 22.28 -21.54 51.21
N PRO C 33 21.38 -21.78 52.16
CA PRO C 33 19.98 -21.41 51.91
C PRO C 33 19.81 -19.91 51.76
N THR C 34 18.81 -19.53 50.98
CA THR C 34 18.51 -18.12 50.80
C THR C 34 17.94 -17.54 52.07
N ASP C 35 18.30 -16.31 52.38
CA ASP C 35 17.68 -15.64 53.51
C ASP C 35 16.26 -15.26 53.12
N PRO C 36 15.25 -15.62 53.93
CA PRO C 36 13.86 -15.51 53.47
C PRO C 36 13.39 -14.07 53.32
N ASN C 37 14.02 -13.09 53.94
CA ASN C 37 13.71 -11.69 53.61
C ASN C 37 14.99 -10.90 53.56
N PRO C 38 15.54 -10.68 52.37
CA PRO C 38 16.77 -9.90 52.23
C PRO C 38 16.60 -8.47 52.71
N GLN C 39 17.73 -7.90 53.13
CA GLN C 39 17.82 -6.49 53.44
C GLN C 39 18.21 -5.69 52.20
N GLU C 40 17.59 -4.52 52.04
CA GLU C 40 17.94 -3.56 51.00
C GLU C 40 17.90 -2.13 51.49
N MET C 41 18.94 -1.38 51.11
CA MET C 41 19.28 -0.05 51.64
C MET C 41 19.50 0.90 50.45
N VAL C 42 18.45 1.68 50.14
CA VAL C 42 18.46 2.65 49.05
C VAL C 42 19.34 3.85 49.40
N LEU C 43 19.76 4.61 48.37
CA LEU C 43 20.67 5.75 48.47
C LEU C 43 20.64 6.58 47.18
N ALA C 44 19.54 7.31 46.92
CA ALA C 44 19.34 8.03 45.65
C ALA C 44 20.25 9.26 45.47
N ASN C 45 20.98 9.68 46.52
CA ASN C 45 21.96 10.75 46.39
C ASN C 45 23.28 10.27 45.78
N VAL C 46 23.62 8.99 45.99
CA VAL C 46 25.02 8.55 46.04
C VAL C 46 25.70 8.70 44.68
N THR C 47 25.11 8.13 43.63
CA THR C 47 25.70 8.07 42.29
C THR C 47 27.04 7.34 42.27
N GLU C 48 27.07 6.14 41.70
CA GLU C 48 28.34 5.47 41.46
C GLU C 48 28.38 4.84 40.07
N ASN C 49 29.61 4.42 39.74
CA ASN C 49 30.02 3.96 38.42
C ASN C 49 29.98 2.44 38.37
N PHE C 50 29.46 1.89 37.28
CA PHE C 50 29.45 0.45 37.07
C PHE C 50 30.11 0.16 35.74
N ASN C 51 30.61 -1.07 35.59
CA ASN C 51 31.04 -1.49 34.26
C ASN C 51 30.77 -2.99 34.15
N MET C 52 29.63 -3.31 33.55
CA MET C 52 29.21 -4.69 33.42
C MET C 52 30.21 -5.52 32.62
N TRP C 53 31.08 -4.87 31.85
CA TRP C 53 32.02 -5.56 30.99
C TRP C 53 33.33 -5.88 31.70
N LYS C 54 33.54 -5.36 32.90
CA LYS C 54 34.76 -5.58 33.66
C LYS C 54 34.27 -5.87 35.07
N ASN C 55 33.61 -6.99 35.27
CA ASN C 55 32.88 -7.21 36.51
C ASN C 55 33.29 -8.57 37.05
N ASP C 56 33.91 -8.60 38.22
CA ASP C 56 34.45 -9.86 38.66
C ASP C 56 33.38 -10.86 39.11
N MET C 57 32.17 -10.38 39.41
CA MET C 57 31.12 -11.34 39.67
C MET C 57 30.90 -12.27 38.47
N VAL C 58 31.15 -11.78 37.26
CA VAL C 58 30.94 -12.59 36.06
C VAL C 58 31.89 -13.77 36.06
N GLU C 59 33.15 -13.51 36.44
CA GLU C 59 34.19 -14.53 36.48
C GLU C 59 33.91 -15.57 37.55
N GLN C 60 33.52 -15.11 38.74
CA GLN C 60 33.17 -16.03 39.81
C GLN C 60 32.00 -16.92 39.40
N MET C 61 30.94 -16.33 38.84
CA MET C 61 29.80 -17.13 38.39
C MET C 61 30.18 -18.09 37.26
N HIS C 62 30.98 -17.63 36.29
CA HIS C 62 31.42 -18.49 35.20
C HIS C 62 32.11 -19.73 35.74
N GLU C 63 33.01 -19.54 36.70
CA GLU C 63 33.68 -20.67 37.35
C GLU C 63 32.69 -21.60 38.00
N ASP C 64 31.69 -21.04 38.69
CA ASP C 64 30.68 -21.89 39.31
C ASP C 64 29.95 -22.73 38.26
N ILE C 65 29.53 -22.12 37.16
CA ILE C 65 28.72 -22.91 36.22
C ILE C 65 29.58 -23.96 35.53
N ILE C 66 30.86 -23.63 35.25
CA ILE C 66 31.76 -24.67 34.73
C ILE C 66 31.79 -25.84 35.68
N SER C 67 31.98 -25.55 36.97
CA SER C 67 32.01 -26.61 37.97
C SER C 67 30.70 -27.40 38.00
N LEU C 68 29.56 -26.70 37.90
CA LEU C 68 28.25 -27.35 37.91
C LEU C 68 28.11 -28.31 36.73
N TRP C 69 28.46 -27.84 35.53
CA TRP C 69 28.34 -28.68 34.34
C TRP C 69 29.30 -29.86 34.40
N ASP C 70 30.49 -29.65 34.95
CA ASP C 70 31.45 -30.74 35.14
C ASP C 70 30.94 -31.80 36.10
N GLU C 71 30.23 -31.38 37.15
CA GLU C 71 29.77 -32.41 38.06
C GLU C 71 28.49 -33.07 37.54
N SER C 72 27.75 -32.38 36.66
CA SER C 72 26.38 -32.72 36.30
C SER C 72 26.20 -33.27 34.89
N LEU C 73 26.90 -32.73 33.88
CA LEU C 73 26.75 -33.17 32.49
C LEU C 73 28.09 -33.73 32.01
N LYS C 74 28.49 -34.80 32.62
CA LYS C 74 29.67 -35.53 32.23
C LYS C 74 29.51 -36.09 30.83
N PRO C 75 30.43 -35.80 29.93
CA PRO C 75 30.40 -36.43 28.60
C PRO C 75 30.97 -37.83 28.67
N CYS C 76 30.56 -38.65 27.70
CA CYS C 76 31.19 -39.97 27.58
C CYS C 76 32.65 -39.82 27.23
N VAL C 77 32.98 -38.88 26.36
CA VAL C 77 34.36 -38.62 25.98
C VAL C 77 34.57 -37.11 26.00
N LYS C 78 35.67 -36.67 26.58
CA LYS C 78 36.07 -35.27 26.48
C LYS C 78 37.38 -35.24 25.72
N LEU C 79 37.44 -34.47 24.64
CA LEU C 79 38.66 -34.28 23.86
C LEU C 79 39.15 -32.87 24.06
N THR C 80 40.23 -32.68 24.80
CA THR C 80 40.87 -31.37 24.92
C THR C 80 42.32 -31.53 24.53
N GLY C 81 42.69 -30.86 23.43
CA GLY C 81 44.04 -30.95 22.94
C GLY C 81 44.34 -32.34 22.44
N GLY C 82 45.33 -32.98 23.06
CA GLY C 82 45.74 -34.31 22.62
C GLY C 82 44.99 -35.40 23.35
N SER C 83 44.74 -35.15 24.63
CA SER C 83 44.18 -36.14 25.51
C SER C 83 42.67 -36.33 25.26
N ALA C 84 42.19 -37.53 25.57
CA ALA C 84 40.77 -37.87 25.57
C ALA C 84 40.44 -38.49 26.91
N ILE C 85 39.33 -38.08 27.52
CA ILE C 85 38.94 -38.56 28.85
C ILE C 85 37.60 -39.25 28.70
N THR C 86 37.45 -40.42 29.30
CA THR C 86 36.21 -41.16 29.12
C THR C 86 35.59 -41.27 30.50
N GLN C 87 34.26 -41.32 30.57
CA GLN C 87 33.65 -41.64 31.85
C GLN C 87 32.18 -41.95 31.67
N ALA C 88 31.58 -42.45 32.74
CA ALA C 88 30.15 -42.70 32.73
C ALA C 88 29.42 -41.42 32.38
N CYS C 89 28.50 -41.51 31.40
CA CYS C 89 27.66 -40.38 30.98
C CYS C 89 26.18 -40.72 31.10
N PRO C 90 25.68 -40.98 32.31
CA PRO C 90 24.25 -41.29 32.46
C PRO C 90 23.41 -40.12 32.00
N LYS C 91 22.20 -40.43 31.54
CA LYS C 91 21.17 -39.42 31.35
C LYS C 91 20.74 -38.89 32.71
N VAL C 92 20.44 -37.60 32.81
CA VAL C 92 20.15 -37.01 34.11
C VAL C 92 18.93 -36.12 34.00
N SER C 93 18.34 -35.77 35.13
CA SER C 93 17.31 -34.74 35.06
C SER C 93 17.99 -33.39 35.26
N PHE C 94 17.68 -32.48 34.35
CA PHE C 94 18.45 -31.25 34.16
C PHE C 94 17.45 -30.12 33.93
N ASP C 95 17.39 -29.16 34.84
CA ASP C 95 16.50 -28.01 34.65
C ASP C 95 16.99 -26.86 35.52
N PRO C 96 17.56 -25.81 34.93
CA PRO C 96 18.28 -24.80 35.73
C PRO C 96 17.41 -24.21 36.82
N ILE C 97 18.01 -23.97 37.99
CA ILE C 97 17.34 -23.34 39.11
C ILE C 97 18.05 -21.98 39.34
N PRO C 98 17.39 -21.03 40.00
CA PRO C 98 18.04 -19.73 40.23
C PRO C 98 19.10 -19.77 41.31
N LEU C 99 20.13 -18.95 41.14
CA LEU C 99 21.26 -18.87 42.06
C LEU C 99 21.47 -17.41 42.44
N HIS C 100 21.68 -17.17 43.73
CA HIS C 100 21.90 -15.82 44.23
C HIS C 100 23.37 -15.70 44.55
N TYR C 101 23.98 -14.56 44.21
CA TYR C 101 25.38 -14.33 44.55
C TYR C 101 25.45 -13.33 45.68
N CYS C 102 26.22 -13.67 46.72
CA CYS C 102 26.17 -12.98 48.00
C CYS C 102 27.54 -12.46 48.38
N ALA C 103 27.55 -11.22 48.97
CA ALA C 103 28.81 -10.66 49.45
C ALA C 103 29.10 -11.18 50.86
N PRO C 104 30.32 -11.61 51.15
CA PRO C 104 30.61 -12.11 52.51
C PRO C 104 30.71 -10.97 53.52
N ALA C 105 30.97 -11.32 54.78
CA ALA C 105 31.00 -10.33 55.86
C ALA C 105 32.02 -9.22 55.58
N GLY C 106 31.57 -7.98 55.66
CA GLY C 106 32.44 -6.83 55.48
C GLY C 106 32.45 -6.26 54.08
N PHE C 107 31.43 -6.55 53.28
CA PHE C 107 31.46 -6.53 51.84
C PHE C 107 30.00 -6.40 51.48
N ALA C 108 29.68 -5.58 50.50
CA ALA C 108 28.28 -5.44 50.12
C ALA C 108 28.19 -5.50 48.61
N ILE C 109 26.99 -5.75 48.14
CA ILE C 109 26.71 -5.68 46.72
C ILE C 109 25.92 -4.42 46.46
N LEU C 110 26.42 -3.60 45.56
CA LEU C 110 25.71 -2.42 45.11
C LEU C 110 24.89 -2.73 43.88
N LYS C 111 23.59 -2.44 43.96
CA LYS C 111 22.67 -2.59 42.85
C LYS C 111 22.35 -1.21 42.31
N CYS C 112 22.43 -1.06 41.01
CA CYS C 112 21.97 0.15 40.36
C CYS C 112 20.47 0.03 40.07
N ASN C 113 19.66 1.03 40.49
CA ASN C 113 18.22 0.87 40.24
C ASN C 113 17.68 1.76 39.13
N ASN C 114 18.53 2.45 38.36
CA ASN C 114 18.04 3.18 37.20
C ASN C 114 17.54 2.18 36.17
N LYS C 115 16.22 2.21 35.87
CA LYS C 115 15.58 1.19 35.04
C LYS C 115 16.14 1.16 33.62
N THR C 116 16.86 2.20 33.18
CA THR C 116 17.35 2.30 31.82
C THR C 116 18.87 2.29 31.74
N PHE C 117 19.53 2.01 32.87
CA PHE C 117 20.98 1.89 32.92
C PHE C 117 21.48 0.91 31.88
N ASN C 118 22.46 1.33 31.08
CA ASN C 118 22.93 0.50 29.98
C ASN C 118 24.08 -0.43 30.37
N GLY C 119 24.51 -0.42 31.63
CA GLY C 119 25.52 -1.32 32.14
C GLY C 119 26.85 -0.67 32.40
N THR C 120 26.97 0.61 32.10
CA THR C 120 28.24 1.30 31.97
C THR C 120 28.06 2.74 32.42
N GLY C 121 29.06 3.26 33.14
CA GLY C 121 29.06 4.66 33.50
C GLY C 121 28.41 4.91 34.85
N PRO C 122 28.06 6.17 35.12
CA PRO C 122 27.47 6.51 36.42
C PRO C 122 25.98 6.20 36.48
N CYS C 123 25.53 5.92 37.70
CA CYS C 123 24.16 5.55 38.00
C CYS C 123 23.75 6.27 39.28
N ARG C 124 22.61 6.99 39.24
CA ARG C 124 22.30 7.89 40.35
C ARG C 124 21.64 7.14 41.51
N ASN C 125 20.56 6.42 41.25
CA ASN C 125 19.81 5.75 42.33
C ASN C 125 20.42 4.37 42.55
N VAL C 126 20.95 4.15 43.74
CA VAL C 126 21.79 3.02 44.10
C VAL C 126 21.31 2.41 45.40
N SER C 127 21.32 1.08 45.50
CA SER C 127 21.03 0.39 46.76
C SER C 127 22.24 -0.44 47.18
N THR C 128 22.24 -0.89 48.44
CA THR C 128 23.15 -1.94 48.88
C THR C 128 22.34 -3.16 49.26
N VAL C 129 22.84 -4.35 48.92
CA VAL C 129 22.11 -5.59 49.17
C VAL C 129 23.09 -6.66 49.63
N GLN C 130 22.53 -7.66 50.31
CA GLN C 130 23.24 -8.87 50.68
C GLN C 130 23.60 -9.71 49.44
N CYS C 131 22.63 -9.94 48.54
CA CYS C 131 22.77 -10.86 47.42
C CYS C 131 22.07 -10.29 46.20
N THR C 132 22.49 -10.80 45.03
CA THR C 132 21.80 -10.51 43.79
C THR C 132 20.45 -11.19 43.77
N HIS C 133 19.62 -10.83 42.80
CA HIS C 133 18.43 -11.63 42.57
C HIS C 133 18.81 -13.03 42.12
N GLY C 134 17.82 -13.89 41.91
CA GLY C 134 18.11 -15.27 41.58
C GLY C 134 18.30 -15.38 40.09
N ILE C 135 19.45 -15.91 39.65
CA ILE C 135 19.79 -15.96 38.24
C ILE C 135 19.82 -17.41 37.80
N LYS C 136 18.99 -17.77 36.82
CA LYS C 136 19.10 -19.13 36.29
C LYS C 136 20.31 -19.20 35.35
N PRO C 137 21.22 -20.16 35.54
CA PRO C 137 22.44 -20.14 34.69
C PRO C 137 22.24 -20.87 33.36
N VAL C 138 21.58 -20.18 32.42
CA VAL C 138 21.12 -20.85 31.21
C VAL C 138 22.17 -20.70 30.10
N VAL C 139 22.71 -21.83 29.65
CA VAL C 139 23.74 -21.84 28.63
C VAL C 139 23.06 -21.85 27.27
N SER C 140 23.39 -20.87 26.41
CA SER C 140 22.79 -20.83 25.08
C SER C 140 23.54 -19.80 24.24
N THR C 141 23.31 -19.86 22.91
CA THR C 141 23.80 -18.86 21.98
C THR C 141 22.62 -18.19 21.28
N GLN C 142 22.89 -16.99 20.73
CA GLN C 142 21.95 -16.20 19.91
C GLN C 142 20.81 -15.63 20.73
N LEU C 143 20.11 -16.47 21.49
CA LEU C 143 18.96 -16.01 22.25
C LEU C 143 19.28 -16.23 23.70
N LEU C 144 19.05 -15.21 24.54
CA LEU C 144 19.10 -15.39 25.99
C LEU C 144 17.73 -15.85 26.47
N LEU C 145 17.68 -16.92 27.26
CA LEU C 145 16.44 -17.58 27.61
C LEU C 145 16.22 -17.50 29.11
N ASN C 146 14.99 -17.25 29.53
CA ASN C 146 14.60 -17.39 30.93
C ASN C 146 15.34 -16.39 31.83
N GLY C 147 15.80 -15.27 31.30
CA GLY C 147 16.37 -14.24 32.14
C GLY C 147 15.28 -13.33 32.72
N SER C 148 15.68 -12.16 33.18
CA SER C 148 14.69 -11.19 33.64
C SER C 148 14.61 -10.04 32.66
N LEU C 149 13.40 -9.54 32.45
CA LEU C 149 13.14 -8.53 31.43
C LEU C 149 13.54 -7.14 31.92
N ALA C 150 13.87 -6.27 30.98
CA ALA C 150 14.04 -4.85 31.29
C ALA C 150 12.70 -4.24 31.69
N GLU C 151 12.76 -3.20 32.50
CA GLU C 151 11.55 -2.79 33.20
C GLU C 151 10.83 -1.66 32.49
N GLU C 152 11.58 -0.92 31.67
CA GLU C 152 11.09 0.30 31.05
C GLU C 152 11.11 -0.05 29.57
N GLU C 153 12.06 0.52 28.79
CA GLU C 153 12.40 0.07 27.44
C GLU C 153 13.50 -0.96 27.28
N ILE C 154 13.54 -1.43 26.04
CA ILE C 154 14.60 -2.27 25.53
C ILE C 154 15.92 -1.53 25.64
N ILE C 155 16.90 -2.18 26.27
CA ILE C 155 18.23 -1.61 26.50
C ILE C 155 19.23 -2.28 25.58
N ILE C 156 20.05 -1.47 24.92
CA ILE C 156 21.19 -1.96 24.14
C ILE C 156 22.42 -1.84 25.02
N ARG C 157 23.10 -2.96 25.26
CA ARG C 157 24.33 -2.98 26.03
C ARG C 157 25.49 -3.40 25.14
N SER C 158 26.60 -2.70 25.27
CA SER C 158 27.81 -3.09 24.60
C SER C 158 28.97 -2.37 25.26
N GLU C 159 30.08 -3.09 25.37
CA GLU C 159 31.32 -2.50 25.83
C GLU C 159 31.76 -1.34 24.94
N ASN C 160 31.39 -1.38 23.66
CA ASN C 160 31.78 -0.35 22.71
C ASN C 160 31.05 -0.50 21.39
N LEU C 161 29.95 0.24 21.22
CA LEU C 161 29.10 0.04 20.04
C LEU C 161 29.83 0.36 18.74
N THR C 162 30.84 1.24 18.78
CA THR C 162 31.58 1.56 17.55
C THR C 162 32.45 0.41 17.09
N ASN C 163 32.92 -0.40 18.03
CA ASN C 163 33.80 -1.52 17.72
C ASN C 163 32.91 -2.72 17.40
N ASN C 164 32.74 -3.02 16.11
CA ASN C 164 31.80 -4.07 15.71
C ASN C 164 32.20 -5.47 16.18
N ALA C 165 33.42 -5.68 16.65
CA ALA C 165 33.81 -6.96 17.22
C ALA C 165 33.27 -7.20 18.63
N LYS C 166 32.69 -6.19 19.29
CA LYS C 166 32.15 -6.38 20.63
C LYS C 166 30.70 -6.83 20.57
N THR C 167 30.39 -7.89 21.31
CA THR C 167 29.05 -8.41 21.36
C THR C 167 28.07 -7.34 21.81
N ILE C 168 26.88 -7.32 21.20
CA ILE C 168 25.78 -6.45 21.64
C ILE C 168 24.79 -7.30 22.40
N ILE C 169 24.46 -6.92 23.63
CA ILE C 169 23.38 -7.59 24.36
C ILE C 169 22.14 -6.73 24.24
N VAL C 170 21.07 -7.28 23.70
CA VAL C 170 19.76 -6.62 23.67
C VAL C 170 18.95 -7.15 24.83
N HIS C 171 18.53 -6.26 25.73
CA HIS C 171 17.69 -6.63 26.86
C HIS C 171 16.24 -6.29 26.55
N LEU C 172 15.42 -7.31 26.34
CA LEU C 172 14.03 -7.12 25.96
C LEU C 172 13.19 -6.71 27.17
N ASN C 173 12.09 -5.97 26.91
CA ASN C 173 11.16 -5.65 28.00
C ASN C 173 9.92 -6.54 27.98
N GLU C 174 9.74 -7.33 26.94
CA GLU C 174 8.63 -8.25 26.81
C GLU C 174 9.18 -9.57 26.30
N SER C 175 8.88 -10.68 26.99
CA SER C 175 9.48 -11.91 26.51
C SER C 175 8.70 -12.46 25.30
N VAL C 176 9.38 -13.28 24.52
CA VAL C 176 8.84 -13.95 23.35
C VAL C 176 8.94 -15.44 23.62
N ASN C 177 7.82 -16.13 23.56
CA ASN C 177 7.81 -17.56 23.87
C ASN C 177 8.57 -18.31 22.78
N ILE C 178 9.36 -19.30 23.16
CA ILE C 178 9.89 -20.23 22.16
C ILE C 178 9.69 -21.63 22.71
N VAL C 179 9.06 -22.49 21.92
CA VAL C 179 8.73 -23.86 22.31
C VAL C 179 9.48 -24.80 21.39
N CYS C 180 10.36 -25.62 21.96
CA CYS C 180 11.15 -26.59 21.19
C CYS C 180 10.81 -27.98 21.68
N THR C 181 10.60 -28.91 20.74
CA THR C 181 10.31 -30.29 21.09
C THR C 181 10.99 -31.22 20.10
N ARG C 182 11.49 -32.35 20.63
CA ARG C 182 11.70 -33.55 19.84
C ARG C 182 10.50 -34.44 20.12
N PRO C 183 9.61 -34.66 19.17
CA PRO C 183 8.36 -35.38 19.46
C PRO C 183 8.62 -36.85 19.66
N ASN C 184 7.64 -37.55 20.23
CA ASN C 184 7.78 -39.00 20.42
C ASN C 184 8.11 -39.71 19.11
N ASN C 193 13.52 -39.80 12.31
CA ASN C 193 14.82 -39.46 12.89
C ASN C 193 14.68 -39.19 14.37
N ILE C 194 15.50 -39.78 15.24
CA ILE C 194 15.33 -39.45 16.65
C ILE C 194 16.03 -38.15 17.01
N ARG C 195 16.97 -37.69 16.16
CA ARG C 195 17.64 -36.41 16.40
C ARG C 195 16.83 -35.21 15.96
N GLN C 196 15.66 -35.37 15.36
CA GLN C 196 15.16 -34.18 14.71
C GLN C 196 14.04 -33.53 15.53
N ALA C 197 14.10 -32.20 15.63
CA ALA C 197 13.21 -31.43 16.50
C ALA C 197 12.89 -30.11 15.81
N HIS C 198 12.03 -29.31 16.45
CA HIS C 198 11.68 -28.02 15.87
C HIS C 198 11.25 -27.08 16.99
N CYS C 199 11.38 -25.78 16.74
CA CYS C 199 10.87 -24.77 17.66
C CYS C 199 9.82 -23.91 16.99
N ASN C 200 8.83 -23.48 17.76
CA ASN C 200 7.80 -22.58 17.26
C ASN C 200 7.89 -21.24 17.96
N ILE C 201 7.87 -20.17 17.16
CA ILE C 201 7.72 -18.81 17.68
C ILE C 201 6.55 -18.17 16.94
N ASN C 202 5.68 -17.50 17.70
CA ASN C 202 4.60 -16.65 17.18
C ASN C 202 5.18 -15.52 16.30
N GLU C 203 4.92 -15.55 14.98
CA GLU C 203 5.51 -14.54 14.10
C GLU C 203 5.09 -13.14 14.48
N SER C 204 3.88 -12.97 15.01
CA SER C 204 3.44 -11.64 15.37
C SER C 204 4.26 -11.08 16.54
N LYS C 205 4.46 -11.88 17.57
CA LYS C 205 5.21 -11.43 18.73
C LYS C 205 6.67 -11.10 18.36
N TRP C 206 7.27 -11.97 17.54
CA TRP C 206 8.64 -11.76 17.11
C TRP C 206 8.77 -10.50 16.27
N ASN C 207 7.90 -10.40 15.27
CA ASN C 207 7.70 -9.23 14.43
C ASN C 207 7.71 -7.95 15.25
N ASN C 208 6.89 -7.94 16.28
CA ASN C 208 6.74 -6.75 17.11
C ASN C 208 8.07 -6.42 17.78
N THR C 209 8.68 -7.44 18.42
CA THR C 209 9.90 -7.18 19.18
C THR C 209 11.02 -6.72 18.25
N LEU C 210 11.16 -7.31 17.06
CA LEU C 210 12.21 -6.82 16.17
C LEU C 210 11.91 -5.42 15.64
N GLN C 211 10.62 -5.07 15.50
CA GLN C 211 10.24 -3.68 15.27
C GLN C 211 10.90 -2.78 16.32
N LYS C 212 10.77 -3.14 17.59
CA LYS C 212 11.27 -2.22 18.62
C LYS C 212 12.77 -2.32 18.87
N VAL C 213 13.36 -3.49 18.62
CA VAL C 213 14.81 -3.59 18.67
C VAL C 213 15.41 -2.72 17.58
N GLY C 214 14.83 -2.77 16.38
CA GLY C 214 15.28 -1.91 15.30
C GLY C 214 15.15 -0.43 15.64
N GLU C 215 14.02 -0.03 16.24
CA GLU C 215 13.92 1.32 16.80
C GLU C 215 15.14 1.69 17.65
N GLU C 216 15.44 0.89 18.70
CA GLU C 216 16.53 1.25 19.62
C GLU C 216 17.91 1.25 18.92
N LEU C 217 18.14 0.25 18.06
CA LEU C 217 19.37 0.24 17.30
C LEU C 217 19.46 1.46 16.39
N ALA C 218 18.32 1.96 15.91
CA ALA C 218 18.31 3.14 15.06
C ALA C 218 18.74 4.38 15.85
N LYS C 219 18.24 4.51 17.06
CA LYS C 219 18.75 5.58 17.92
C LYS C 219 20.27 5.54 17.96
N HIS C 220 20.88 4.33 17.99
CA HIS C 220 22.34 4.38 18.09
C HIS C 220 23.07 4.47 16.75
N PHE C 221 22.47 4.02 15.65
CA PHE C 221 23.04 4.20 14.31
C PHE C 221 21.98 4.92 13.43
N PRO C 222 21.98 6.26 13.44
CA PRO C 222 20.80 6.97 12.93
C PRO C 222 20.69 7.14 11.42
N SER C 223 21.78 7.19 10.65
CA SER C 223 21.57 7.40 9.21
C SER C 223 21.19 6.13 8.47
N LYS C 224 21.23 5.02 9.13
CA LYS C 224 21.46 3.70 8.60
C LYS C 224 20.13 2.92 8.49
N THR C 225 19.97 2.12 7.44
CA THR C 225 18.99 1.03 7.45
C THR C 225 19.48 -0.10 8.37
N ILE C 226 18.56 -0.71 9.13
CA ILE C 226 18.89 -1.74 10.12
C ILE C 226 18.44 -3.10 9.58
N LYS C 227 19.40 -3.97 9.25
CA LYS C 227 19.09 -5.30 8.74
C LYS C 227 19.44 -6.38 9.77
N PHE C 228 18.57 -7.38 9.87
CA PHE C 228 18.84 -8.59 10.63
C PHE C 228 19.05 -9.75 9.69
N GLU C 229 20.13 -10.51 9.89
CA GLU C 229 20.52 -11.55 8.96
C GLU C 229 21.08 -12.71 9.72
N PRO C 230 21.04 -13.94 9.20
CA PRO C 230 21.50 -15.10 9.94
C PRO C 230 22.99 -15.03 10.18
N SER C 231 23.44 -15.81 11.16
CA SER C 231 24.86 -15.85 11.45
C SER C 231 25.63 -16.37 10.26
N SER C 232 26.64 -15.60 9.84
CA SER C 232 27.49 -15.96 8.72
C SER C 232 28.10 -17.35 8.88
N GLY C 233 29.19 -17.46 9.64
CA GLY C 233 29.83 -18.75 9.75
C GLY C 233 30.39 -18.99 11.13
N GLY C 234 30.96 -20.17 11.30
CA GLY C 234 31.53 -20.55 12.57
C GLY C 234 31.13 -21.95 12.89
N ASP C 235 31.45 -22.37 14.11
CA ASP C 235 30.96 -23.66 14.59
C ASP C 235 29.45 -23.63 14.68
N LEU C 236 28.87 -24.82 14.56
CA LEU C 236 27.42 -24.93 14.62
C LEU C 236 26.85 -24.39 15.94
N GLU C 237 27.61 -24.43 17.03
CA GLU C 237 27.07 -23.92 18.30
C GLU C 237 26.68 -22.45 18.19
N ILE C 238 27.32 -21.68 17.31
CA ILE C 238 27.05 -20.25 17.23
C ILE C 238 26.35 -19.84 15.95
N THR C 239 26.41 -20.64 14.89
CA THR C 239 25.61 -20.34 13.72
C THR C 239 24.19 -20.82 13.87
N THR C 240 23.90 -21.58 14.92
CA THR C 240 22.52 -21.88 15.24
C THR C 240 22.23 -21.40 16.65
N HIS C 241 20.97 -21.46 17.03
CA HIS C 241 20.57 -21.22 18.41
C HIS C 241 20.76 -22.54 19.13
N SER C 242 21.84 -22.68 19.89
CA SER C 242 22.08 -23.94 20.59
C SER C 242 21.80 -23.75 22.08
N PHE C 243 21.30 -24.81 22.70
CA PHE C 243 20.93 -24.76 24.11
C PHE C 243 20.75 -26.20 24.59
N ASN C 244 20.69 -26.38 25.91
CA ASN C 244 20.45 -27.69 26.50
C ASN C 244 19.03 -27.75 27.04
N CYS C 245 18.30 -28.80 26.65
CA CYS C 245 16.91 -28.97 27.05
C CYS C 245 16.79 -30.36 27.64
N ARG C 246 16.56 -30.42 28.96
CA ARG C 246 16.43 -31.67 29.68
C ARG C 246 17.65 -32.57 29.44
N GLY C 247 18.84 -32.00 29.33
CA GLY C 247 20.05 -32.79 29.18
C GLY C 247 20.53 -32.98 27.75
N GLU C 248 19.65 -32.80 26.77
CA GLU C 248 19.96 -32.98 25.36
C GLU C 248 20.39 -31.65 24.74
N PHE C 249 21.32 -31.71 23.78
CA PHE C 249 21.85 -30.48 23.16
C PHE C 249 21.11 -30.22 21.86
N PHE C 250 20.32 -29.14 21.84
CA PHE C 250 19.58 -28.74 20.64
C PHE C 250 20.37 -27.73 19.83
N TYR C 251 20.28 -27.85 18.51
CA TYR C 251 20.86 -26.88 17.57
C TYR C 251 19.76 -26.49 16.61
N CYS C 252 19.24 -25.27 16.75
CA CYS C 252 18.04 -24.80 16.04
C CYS C 252 18.40 -23.72 15.02
N ASN C 253 18.04 -23.96 13.77
CA ASN C 253 18.37 -23.05 12.67
C ASN C 253 17.55 -21.77 12.81
N THR C 254 18.22 -20.61 12.80
CA THR C 254 17.51 -19.35 13.00
C THR C 254 17.43 -18.49 11.74
N SER C 255 17.71 -19.06 10.57
CA SER C 255 17.74 -18.22 9.38
C SER C 255 16.36 -17.67 9.02
N ASP C 256 15.28 -18.27 9.50
CA ASP C 256 13.96 -17.66 9.35
C ASP C 256 13.65 -16.67 10.45
N LEU C 257 14.54 -16.54 11.43
CA LEU C 257 14.30 -15.71 12.59
C LEU C 257 15.05 -14.38 12.51
N PHE C 258 16.34 -14.44 12.19
CA PHE C 258 17.15 -13.23 12.02
C PHE C 258 17.23 -12.96 10.52
N ASN C 259 16.18 -12.30 10.03
CA ASN C 259 15.88 -12.21 8.60
C ASN C 259 14.79 -11.16 8.43
N GLY C 260 15.19 -9.91 8.23
CA GLY C 260 14.24 -8.81 8.29
C GLY C 260 14.94 -7.49 8.13
N THR C 261 14.16 -6.48 7.70
CA THR C 261 14.65 -5.12 7.49
C THR C 261 13.78 -4.12 8.24
N TYR C 262 14.44 -3.16 8.90
CA TYR C 262 13.81 -2.02 9.56
C TYR C 262 14.25 -0.76 8.79
N ARG C 263 13.34 -0.21 7.98
CA ARG C 263 13.68 0.77 6.94
C ARG C 263 13.35 2.20 7.35
N ASN C 264 12.05 2.56 7.36
CA ASN C 264 11.70 3.97 7.61
C ASN C 264 10.79 3.98 8.82
N GLY C 265 11.38 3.72 9.99
CA GLY C 265 10.54 3.53 11.15
C GLY C 265 9.66 2.30 11.12
N THR C 266 9.81 1.42 10.11
CA THR C 266 8.99 0.22 9.98
C THR C 266 9.84 -1.03 9.76
N TYR C 267 9.50 -2.11 10.48
CA TYR C 267 10.15 -3.41 10.35
C TYR C 267 9.37 -4.32 9.40
N ASN C 268 10.09 -4.99 8.50
CA ASN C 268 9.52 -5.99 7.59
C ASN C 268 10.22 -7.33 7.75
N HIS C 269 9.47 -8.36 8.15
CA HIS C 269 10.06 -9.69 8.29
C HIS C 269 10.22 -10.38 6.95
N THR C 270 11.45 -10.77 6.64
CA THR C 270 11.88 -11.46 5.42
C THR C 270 11.94 -12.98 5.57
N GLY C 271 11.83 -13.54 6.79
CA GLY C 271 11.94 -14.97 6.95
C GLY C 271 10.62 -15.65 6.74
N ARG C 272 10.66 -16.97 6.54
CA ARG C 272 9.45 -17.67 6.13
C ARG C 272 8.66 -18.06 7.38
N SER C 273 7.35 -17.92 7.32
CA SER C 273 6.46 -18.45 8.35
C SER C 273 5.27 -19.11 7.68
N SER C 274 4.42 -19.75 8.50
CA SER C 274 3.20 -20.41 8.04
C SER C 274 2.22 -20.46 9.18
N ASN C 275 0.96 -20.15 8.90
CA ASN C 275 -0.04 -19.97 9.95
C ASN C 275 0.43 -18.98 11.02
N GLY C 276 1.30 -18.03 10.63
CA GLY C 276 1.75 -17.04 11.59
C GLY C 276 2.64 -17.56 12.70
N THR C 277 3.36 -18.67 12.46
CA THR C 277 4.42 -19.11 13.37
C THR C 277 5.68 -19.35 12.55
N ILE C 278 6.81 -18.89 13.09
CA ILE C 278 8.12 -19.25 12.55
C ILE C 278 8.48 -20.60 13.15
N THR C 279 8.87 -21.54 12.31
CA THR C 279 9.28 -22.85 12.81
C THR C 279 10.76 -23.04 12.53
N LEU C 280 11.53 -23.27 13.59
CA LEU C 280 12.97 -23.51 13.48
C LEU C 280 13.20 -25.01 13.41
N GLN C 281 13.94 -25.46 12.38
CA GLN C 281 14.38 -26.84 12.32
C GLN C 281 15.59 -27.06 13.24
N CYS C 282 15.52 -28.10 14.08
CA CYS C 282 16.56 -28.42 15.04
C CYS C 282 17.10 -29.83 14.86
N LYS C 283 18.34 -30.01 15.31
CA LYS C 283 18.97 -31.31 15.47
C LYS C 283 19.43 -31.46 16.92
N ILE C 284 19.33 -32.67 17.47
CA ILE C 284 19.96 -33.01 18.74
C ILE C 284 21.28 -33.66 18.41
N LYS C 285 22.37 -33.09 18.90
CA LYS C 285 23.69 -33.57 18.52
C LYS C 285 24.38 -34.25 19.70
N GLN C 286 25.33 -35.13 19.38
CA GLN C 286 26.09 -35.81 20.42
C GLN C 286 27.50 -35.27 20.53
N ILE C 287 28.08 -34.71 19.46
CA ILE C 287 29.41 -34.12 19.50
C ILE C 287 29.26 -32.62 19.67
N ILE C 288 29.81 -32.08 20.76
CA ILE C 288 29.57 -30.71 21.20
C ILE C 288 30.90 -30.00 21.25
N ASN C 289 30.95 -28.78 20.70
CA ASN C 289 32.08 -27.90 20.95
C ASN C 289 31.83 -27.21 22.28
N MET C 290 32.77 -27.34 23.20
CA MET C 290 32.52 -26.94 24.58
C MET C 290 32.54 -25.42 24.72
N TRP C 291 31.64 -24.90 25.56
CA TRP C 291 31.71 -23.49 25.91
C TRP C 291 32.71 -23.23 27.02
N GLN C 292 33.05 -24.27 27.80
CA GLN C 292 33.90 -24.09 28.98
C GLN C 292 35.37 -23.87 28.63
N GLU C 293 35.84 -24.44 27.53
CA GLU C 293 37.24 -24.44 27.13
C GLU C 293 37.26 -24.90 25.69
N VAL C 294 38.41 -24.77 25.03
CA VAL C 294 38.56 -25.28 23.68
C VAL C 294 38.66 -26.81 23.75
N GLY C 295 37.68 -27.48 23.22
CA GLY C 295 37.65 -28.92 23.25
C GLY C 295 36.30 -29.38 22.75
N ARG C 296 36.17 -30.71 22.59
CA ARG C 296 34.92 -31.33 22.19
C ARG C 296 34.44 -32.31 23.23
N ALA C 297 33.12 -32.49 23.31
CA ALA C 297 32.52 -33.40 24.28
C ALA C 297 31.54 -34.31 23.56
N ILE C 298 31.49 -35.59 23.91
CA ILE C 298 30.63 -36.54 23.25
C ILE C 298 29.68 -37.16 24.28
N TYR C 299 28.38 -37.12 24.00
CA TYR C 299 27.30 -37.56 24.87
C TYR C 299 26.59 -38.73 24.23
N ALA C 300 25.78 -39.44 25.04
CA ALA C 300 25.02 -40.57 24.54
C ALA C 300 23.83 -40.10 23.70
N PRO C 301 23.26 -41.00 22.89
CA PRO C 301 22.12 -40.62 22.02
C PRO C 301 20.92 -40.17 22.84
N PRO C 302 19.91 -39.58 22.21
CA PRO C 302 18.85 -38.93 22.99
C PRO C 302 18.05 -39.91 23.83
N ILE C 303 17.60 -39.41 24.97
CA ILE C 303 16.66 -40.11 25.85
C ILE C 303 15.39 -40.29 25.01
N GLU C 304 14.43 -41.07 25.48
CA GLU C 304 13.47 -41.51 24.49
C GLU C 304 12.15 -40.81 24.83
N GLY C 305 11.19 -40.77 23.91
CA GLY C 305 9.95 -40.02 24.17
C GLY C 305 10.04 -38.56 23.74
N GLU C 306 9.10 -37.75 24.25
CA GLU C 306 9.04 -36.35 23.83
C GLU C 306 9.90 -35.46 24.73
N ILE C 307 10.76 -34.68 24.09
CA ILE C 307 11.65 -33.78 24.81
C ILE C 307 11.20 -32.37 24.46
N THR C 308 10.74 -31.62 25.45
CA THR C 308 10.13 -30.32 25.18
C THR C 308 10.59 -29.29 26.20
N CYS C 309 11.00 -28.11 25.71
CA CYS C 309 11.29 -26.97 26.59
C CYS C 309 10.44 -25.81 26.14
N ASN C 310 9.77 -25.19 27.09
CA ASN C 310 8.92 -24.03 26.85
C ASN C 310 9.64 -22.86 27.53
N SER C 311 10.29 -22.01 26.74
CA SER C 311 11.19 -21.00 27.31
C SER C 311 10.71 -19.61 26.92
N ASN C 312 11.15 -18.61 27.70
CA ASN C 312 10.98 -17.21 27.34
C ASN C 312 12.28 -16.67 26.74
N ILE C 313 12.24 -16.15 25.51
CA ILE C 313 13.32 -15.32 25.01
C ILE C 313 13.27 -13.98 25.74
N THR C 314 14.34 -13.64 26.48
CA THR C 314 14.36 -12.36 27.18
C THR C 314 15.48 -11.42 26.72
N GLY C 315 16.27 -11.81 25.72
CA GLY C 315 17.39 -10.99 25.27
C GLY C 315 17.95 -11.60 24.01
N LEU C 316 18.79 -10.82 23.33
CA LEU C 316 19.47 -11.32 22.14
C LEU C 316 20.95 -11.02 22.28
N LEU C 317 21.79 -11.85 21.65
CA LEU C 317 23.21 -11.56 21.47
C LEU C 317 23.44 -11.28 20.00
N LEU C 318 23.97 -10.08 19.67
CA LEU C 318 24.11 -9.66 18.28
C LEU C 318 25.53 -9.19 17.99
N LEU C 319 25.89 -9.30 16.72
CA LEU C 319 27.17 -8.84 16.21
C LEU C 319 26.89 -8.01 14.96
N ARG C 320 27.44 -6.80 14.94
CA ARG C 320 27.33 -5.89 13.81
C ARG C 320 28.43 -6.16 12.80
N ASP C 321 28.07 -6.16 11.53
CA ASP C 321 29.11 -6.17 10.49
C ASP C 321 29.87 -4.84 10.46
N ASP C 330 23.82 4.61 4.53
CA ASP C 330 24.24 3.25 4.26
C ASP C 330 23.44 2.27 5.16
N THR C 331 23.94 1.04 5.32
CA THR C 331 23.23 0.01 6.06
C THR C 331 24.10 -0.53 7.20
N GLU C 332 23.46 -0.83 8.34
CA GLU C 332 24.05 -1.61 9.41
C GLU C 332 23.34 -2.95 9.49
N THR C 333 24.14 -4.02 9.50
CA THR C 333 23.63 -5.38 9.51
C THR C 333 23.98 -6.05 10.83
N PHE C 334 23.00 -6.71 11.42
CA PHE C 334 23.16 -7.39 12.70
C PHE C 334 22.85 -8.86 12.56
N ARG C 335 23.79 -9.70 12.99
CA ARG C 335 23.67 -11.14 12.98
C ARG C 335 23.71 -11.68 14.41
N PRO C 336 23.02 -12.79 14.67
CA PRO C 336 23.08 -13.37 16.02
C PRO C 336 24.49 -13.84 16.34
N GLY C 337 24.85 -13.72 17.61
CA GLY C 337 26.16 -14.09 18.10
C GLY C 337 26.08 -15.03 19.29
N GLY C 338 27.11 -14.97 20.12
CA GLY C 338 27.24 -15.82 21.28
C GLY C 338 28.48 -16.69 21.20
N GLY C 339 28.64 -17.55 22.20
CA GLY C 339 29.75 -18.47 22.28
C GLY C 339 30.60 -18.26 23.51
N ASP C 340 30.59 -17.05 24.07
CA ASP C 340 31.28 -16.75 25.32
C ASP C 340 30.19 -16.64 26.39
N MET C 341 30.04 -17.70 27.21
CA MET C 341 28.93 -17.74 28.16
C MET C 341 29.03 -16.64 29.22
N ARG C 342 30.19 -16.00 29.35
CA ARG C 342 30.25 -14.89 30.29
C ARG C 342 29.33 -13.75 29.88
N ASP C 343 29.00 -13.63 28.59
CA ASP C 343 28.04 -12.60 28.20
C ASP C 343 26.64 -12.94 28.72
N ASN C 344 26.29 -14.23 28.71
CA ASN C 344 25.02 -14.66 29.31
C ASN C 344 24.96 -14.25 30.78
N TRP C 345 26.04 -14.49 31.54
CA TRP C 345 26.02 -14.05 32.95
C TRP C 345 25.97 -12.52 33.07
N ARG C 346 26.82 -11.80 32.31
CA ARG C 346 26.78 -10.34 32.24
C ARG C 346 25.38 -9.78 32.09
N SER C 347 24.57 -10.40 31.23
CA SER C 347 23.27 -9.83 30.92
C SER C 347 22.37 -9.80 32.14
N GLU C 348 22.74 -10.54 33.17
CA GLU C 348 22.03 -10.58 34.44
C GLU C 348 22.76 -9.86 35.56
N LEU C 349 24.09 -9.82 35.53
CA LEU C 349 24.88 -9.22 36.60
C LEU C 349 25.20 -7.75 36.35
N TYR C 350 24.68 -7.16 35.27
CA TYR C 350 25.15 -5.85 34.81
C TYR C 350 24.91 -4.76 35.84
N LYS C 351 23.89 -4.91 36.69
CA LYS C 351 23.49 -3.85 37.60
C LYS C 351 24.18 -3.98 38.94
N TYR C 352 25.12 -4.91 39.09
CA TYR C 352 25.68 -5.21 40.39
C TYR C 352 27.18 -4.97 40.36
N LYS C 353 27.69 -4.52 41.51
CA LYS C 353 29.11 -4.32 41.79
C LYS C 353 29.32 -4.73 43.24
N VAL C 354 30.48 -5.31 43.55
CA VAL C 354 30.78 -5.66 44.94
C VAL C 354 31.78 -4.64 45.49
N VAL C 355 31.61 -4.22 46.76
CA VAL C 355 32.44 -3.12 47.22
C VAL C 355 32.83 -3.34 48.68
N GLU C 356 33.87 -2.58 49.08
CA GLU C 356 34.31 -2.27 50.46
C GLU C 356 35.09 -3.38 51.15
N LYS D 6 -13.06 -12.56 -38.97
CA LYS D 6 -13.25 -12.82 -40.39
C LYS D 6 -14.37 -11.91 -40.97
N THR D 7 -15.12 -11.28 -40.05
CA THR D 7 -16.29 -10.44 -40.34
C THR D 7 -16.39 -9.40 -39.23
N THR D 8 -17.46 -8.61 -39.23
CA THR D 8 -17.68 -7.64 -38.15
C THR D 8 -18.78 -8.17 -37.21
N LEU D 9 -18.45 -8.32 -35.94
CA LEU D 9 -19.38 -8.79 -34.92
C LEU D 9 -20.24 -7.65 -34.39
N PHE D 10 -21.29 -8.01 -33.65
CA PHE D 10 -22.07 -7.02 -32.93
C PHE D 10 -22.08 -7.40 -31.46
N CYS D 11 -22.43 -6.44 -30.59
CA CYS D 11 -22.47 -6.73 -29.17
C CYS D 11 -23.90 -6.82 -28.68
N ALA D 12 -24.08 -7.64 -27.66
CA ALA D 12 -25.32 -7.71 -26.92
C ALA D 12 -24.99 -7.37 -25.47
N SER D 13 -25.91 -6.70 -24.80
CA SER D 13 -25.69 -6.34 -23.42
C SER D 13 -27.04 -6.40 -22.73
N ASP D 14 -27.03 -6.33 -21.41
CA ASP D 14 -28.30 -6.19 -20.70
C ASP D 14 -28.41 -4.78 -20.11
N ALA D 15 -28.02 -3.74 -20.85
CA ALA D 15 -28.00 -2.39 -20.31
C ALA D 15 -29.40 -1.79 -20.26
N LYS D 16 -29.51 -0.68 -19.50
CA LYS D 16 -30.80 0.02 -19.46
C LYS D 16 -30.60 1.34 -20.18
N ALA D 17 -31.64 1.80 -20.89
CA ALA D 17 -31.53 3.17 -21.37
C ALA D 17 -31.83 4.21 -20.28
N TYR D 18 -32.17 3.75 -19.06
CA TYR D 18 -32.52 4.62 -17.94
C TYR D 18 -31.48 4.71 -16.85
N GLU D 19 -30.50 3.80 -16.85
CA GLU D 19 -29.25 4.04 -16.18
C GLU D 19 -28.58 5.26 -16.83
N LYS D 20 -28.13 6.23 -16.01
CA LYS D 20 -27.11 7.17 -16.46
C LYS D 20 -25.69 6.64 -16.42
N GLU D 21 -25.46 5.49 -15.81
CA GLU D 21 -24.12 4.93 -15.86
C GLU D 21 -23.69 4.80 -17.32
N VAL D 22 -22.45 5.21 -17.62
CA VAL D 22 -22.10 5.49 -19.00
C VAL D 22 -21.86 4.23 -19.83
N HIS D 23 -21.44 3.12 -19.22
CA HIS D 23 -21.43 1.88 -19.98
C HIS D 23 -22.83 1.53 -20.47
N ASN D 24 -23.82 1.71 -19.59
CA ASN D 24 -25.22 1.46 -19.97
C ASN D 24 -25.64 2.35 -21.12
N VAL D 25 -25.35 3.66 -21.03
CA VAL D 25 -25.74 4.57 -22.12
C VAL D 25 -25.12 4.13 -23.43
N TRP D 26 -23.82 3.89 -23.42
CA TRP D 26 -23.14 3.48 -24.64
C TRP D 26 -23.76 2.21 -25.19
N ALA D 27 -23.96 1.21 -24.32
CA ALA D 27 -24.44 -0.10 -24.79
C ALA D 27 -25.86 0.01 -25.33
N THR D 28 -26.69 0.85 -24.72
CA THR D 28 -28.01 1.14 -25.27
C THR D 28 -27.91 1.64 -26.71
N HIS D 29 -26.94 2.53 -26.99
CA HIS D 29 -26.82 3.01 -28.36
C HIS D 29 -26.24 1.93 -29.28
N ALA D 30 -25.30 1.12 -28.78
CA ALA D 30 -24.43 0.34 -29.64
C ALA D 30 -24.70 -1.15 -29.66
N CYS D 31 -25.43 -1.69 -28.68
CA CYS D 31 -25.64 -3.14 -28.59
C CYS D 31 -27.12 -3.47 -28.63
N VAL D 32 -27.40 -4.74 -28.97
CA VAL D 32 -28.77 -5.24 -29.04
C VAL D 32 -29.04 -5.99 -27.74
N PRO D 33 -30.29 -6.25 -27.38
CA PRO D 33 -30.52 -7.01 -26.14
C PRO D 33 -30.00 -8.43 -26.26
N THR D 34 -29.61 -8.97 -25.10
CA THR D 34 -29.13 -10.34 -25.07
C THR D 34 -30.28 -11.30 -25.32
N ASP D 35 -30.01 -12.38 -26.03
CA ASP D 35 -31.02 -13.40 -26.20
C ASP D 35 -31.15 -14.17 -24.88
N PRO D 36 -32.36 -14.31 -24.33
CA PRO D 36 -32.50 -14.80 -22.96
C PRO D 36 -32.11 -16.26 -22.79
N ASN D 37 -32.08 -17.07 -23.84
CA ASN D 37 -31.48 -18.41 -23.71
C ASN D 37 -30.66 -18.69 -24.95
N PRO D 38 -29.35 -18.51 -24.89
CA PRO D 38 -28.50 -18.78 -26.03
C PRO D 38 -28.53 -20.25 -26.44
N GLN D 39 -28.26 -20.48 -27.72
CA GLN D 39 -28.05 -21.81 -28.25
C GLN D 39 -26.57 -22.20 -28.16
N GLU D 40 -26.32 -23.46 -27.80
CA GLU D 40 -24.98 -24.03 -27.80
C GLU D 40 -24.97 -25.47 -28.32
N MET D 41 -23.99 -25.75 -29.18
CA MET D 41 -23.88 -26.95 -30.02
C MET D 41 -22.48 -27.54 -29.83
N VAL D 42 -22.40 -28.57 -28.96
CA VAL D 42 -21.14 -29.26 -28.65
C VAL D 42 -20.72 -30.15 -29.82
N LEU D 43 -19.43 -30.52 -29.85
CA LEU D 43 -18.79 -31.30 -30.93
C LEU D 43 -17.44 -31.83 -30.46
N ALA D 44 -17.42 -32.84 -29.55
CA ALA D 44 -16.18 -33.34 -28.94
C ALA D 44 -15.28 -34.14 -29.88
N ASN D 45 -15.75 -34.46 -31.10
CA ASN D 45 -14.91 -35.11 -32.10
C ASN D 45 -14.01 -34.11 -32.83
N VAL D 46 -14.45 -32.85 -32.94
CA VAL D 46 -14.06 -31.99 -34.07
C VAL D 46 -12.57 -31.65 -34.03
N THR D 47 -12.09 -31.13 -32.89
CA THR D 47 -10.72 -30.64 -32.74
C THR D 47 -10.38 -29.51 -33.72
N GLU D 48 -10.26 -28.29 -33.21
CA GLU D 48 -9.74 -27.21 -34.03
C GLU D 48 -8.74 -26.36 -33.27
N ASN D 49 -8.09 -25.51 -34.06
CA ASN D 49 -6.93 -24.70 -33.68
C ASN D 49 -7.39 -23.30 -33.30
N PHE D 50 -6.83 -22.77 -32.22
CA PHE D 50 -7.10 -21.41 -31.80
C PHE D 50 -5.78 -20.67 -31.66
N ASN D 51 -5.83 -19.35 -31.76
CA ASN D 51 -4.65 -18.58 -31.39
C ASN D 51 -5.13 -17.26 -30.78
N MET D 52 -5.18 -17.23 -29.45
CA MET D 52 -5.67 -16.07 -28.74
C MET D 52 -4.84 -14.83 -29.04
N TRP D 53 -3.62 -15.00 -29.54
CA TRP D 53 -2.71 -13.89 -29.79
C TRP D 53 -2.89 -13.29 -31.17
N LYS D 54 -3.69 -13.92 -32.05
CA LYS D 54 -3.91 -13.44 -33.38
C LYS D 54 -5.41 -13.60 -33.59
N ASN D 55 -6.20 -12.81 -32.88
CA ASN D 55 -7.64 -13.07 -32.81
C ASN D 55 -8.35 -11.78 -33.11
N ASP D 56 -9.11 -11.75 -34.20
CA ASP D 56 -9.67 -10.48 -34.60
C ASP D 56 -10.79 -10.00 -33.69
N MET D 57 -11.40 -10.89 -32.91
CA MET D 57 -12.35 -10.41 -31.93
C MET D 57 -11.70 -9.41 -30.97
N VAL D 58 -10.40 -9.56 -30.71
CA VAL D 58 -9.72 -8.66 -29.78
C VAL D 58 -9.70 -7.25 -30.34
N GLU D 59 -9.44 -7.13 -31.64
CA GLU D 59 -9.36 -5.85 -32.33
C GLU D 59 -10.72 -5.18 -32.39
N GLN D 60 -11.76 -5.95 -32.72
CA GLN D 60 -13.11 -5.41 -32.74
C GLN D 60 -13.51 -4.89 -31.36
N MET D 61 -13.27 -5.70 -30.31
CA MET D 61 -13.59 -5.25 -28.96
C MET D 61 -12.77 -4.04 -28.54
N HIS D 62 -11.47 -4.03 -28.85
CA HIS D 62 -10.62 -2.88 -28.51
C HIS D 62 -11.20 -1.60 -29.09
N GLU D 63 -11.59 -1.64 -30.37
CA GLU D 63 -12.24 -0.50 -31.00
C GLU D 63 -13.49 -0.09 -30.27
N ASP D 64 -14.31 -1.06 -29.87
CA ASP D 64 -15.52 -0.73 -29.12
C ASP D 64 -15.17 0.00 -27.82
N ILE D 65 -14.20 -0.51 -27.06
CA ILE D 65 -13.97 0.12 -25.75
C ILE D 65 -13.36 1.50 -25.92
N ILE D 66 -12.51 1.68 -26.95
CA ILE D 66 -12.02 3.03 -27.26
C ILE D 66 -13.19 3.96 -27.48
N SER D 67 -14.13 3.52 -28.32
CA SER D 67 -15.31 4.33 -28.60
C SER D 67 -16.10 4.62 -27.33
N LEU D 68 -16.26 3.61 -26.47
CA LEU D 68 -17.00 3.77 -25.21
C LEU D 68 -16.34 4.81 -24.32
N TRP D 69 -15.03 4.72 -24.14
CA TRP D 69 -14.32 5.67 -23.29
C TRP D 69 -14.34 7.07 -23.88
N ASP D 70 -14.28 7.18 -25.21
CA ASP D 70 -14.39 8.48 -25.87
C ASP D 70 -15.75 9.10 -25.68
N GLU D 71 -16.82 8.30 -25.66
CA GLU D 71 -18.11 8.93 -25.47
C GLU D 71 -18.38 9.20 -24.01
N SER D 72 -17.71 8.48 -23.11
CA SER D 72 -18.06 8.40 -21.69
C SER D 72 -17.08 9.10 -20.75
N LEU D 73 -15.77 9.01 -20.97
CA LEU D 73 -14.77 9.62 -20.09
C LEU D 73 -14.01 10.68 -20.87
N LYS D 74 -14.70 11.68 -21.28
CA LYS D 74 -14.12 12.82 -21.94
C LYS D 74 -13.15 13.54 -21.01
N PRO D 75 -11.91 13.75 -21.43
CA PRO D 75 -10.98 14.56 -20.63
C PRO D 75 -11.24 16.03 -20.84
N CYS D 76 -10.83 16.83 -19.87
CA CYS D 76 -10.89 18.27 -20.05
C CYS D 76 -9.94 18.69 -21.16
N VAL D 77 -8.77 18.08 -21.23
CA VAL D 77 -7.80 18.38 -22.28
C VAL D 77 -7.28 17.04 -22.79
N LYS D 78 -7.18 16.90 -24.10
CA LYS D 78 -6.50 15.76 -24.69
C LYS D 78 -5.31 16.30 -25.46
N LEU D 79 -4.12 15.81 -25.15
CA LEU D 79 -2.89 16.18 -25.86
C LEU D 79 -2.42 14.99 -26.67
N THR D 80 -2.56 15.05 -27.98
CA THR D 80 -2.00 14.03 -28.87
C THR D 80 -1.12 14.73 -29.87
N GLY D 81 0.17 14.44 -29.82
CA GLY D 81 1.12 15.06 -30.71
C GLY D 81 1.24 16.54 -30.42
N GLY D 82 0.90 17.35 -31.42
CA GLY D 82 1.03 18.79 -31.27
C GLY D 82 -0.23 19.43 -30.76
N SER D 83 -1.36 18.88 -31.21
CA SER D 83 -2.67 19.46 -30.94
C SER D 83 -3.12 19.16 -29.50
N ALA D 84 -3.95 20.06 -28.97
CA ALA D 84 -4.63 19.89 -27.70
C ALA D 84 -6.11 20.13 -27.93
N ILE D 85 -6.96 19.27 -27.36
CA ILE D 85 -8.40 19.33 -27.56
C ILE D 85 -9.03 19.55 -26.20
N THR D 86 -9.97 20.47 -26.10
CA THR D 86 -10.56 20.79 -24.81
C THR D 86 -12.03 20.44 -24.91
N GLN D 87 -12.64 20.02 -23.81
CA GLN D 87 -14.09 19.88 -23.83
C GLN D 87 -14.62 19.71 -22.43
N ALA D 88 -15.94 19.77 -22.32
CA ALA D 88 -16.60 19.53 -21.05
C ALA D 88 -16.19 18.16 -20.53
N CYS D 89 -15.75 18.11 -19.26
CA CYS D 89 -15.36 16.87 -18.60
C CYS D 89 -16.17 16.66 -17.31
N PRO D 90 -17.51 16.52 -17.42
CA PRO D 90 -18.31 16.30 -16.21
C PRO D 90 -17.89 15.02 -15.51
N LYS D 91 -18.07 14.99 -14.20
CA LYS D 91 -18.01 13.74 -13.45
C LYS D 91 -19.20 12.87 -13.85
N VAL D 92 -18.99 11.55 -13.92
CA VAL D 92 -20.04 10.67 -14.42
C VAL D 92 -20.15 9.46 -13.52
N SER D 93 -21.27 8.74 -13.64
CA SER D 93 -21.29 7.47 -12.94
C SER D 93 -20.76 6.40 -13.90
N PHE D 94 -19.82 5.61 -13.41
CA PHE D 94 -18.97 4.76 -14.23
C PHE D 94 -18.83 3.43 -13.52
N ASP D 95 -19.33 2.36 -14.12
CA ASP D 95 -19.17 1.03 -13.51
C ASP D 95 -19.35 -0.03 -14.60
N PRO D 96 -18.29 -0.71 -15.01
CA PRO D 96 -18.36 -1.53 -16.24
C PRO D 96 -19.47 -2.58 -16.13
N ILE D 97 -20.16 -2.80 -17.25
CA ILE D 97 -21.19 -3.82 -17.36
C ILE D 97 -20.68 -4.87 -18.36
N PRO D 98 -21.22 -6.08 -18.32
CA PRO D 98 -20.74 -7.12 -19.25
C PRO D 98 -21.27 -6.91 -20.67
N LEU D 99 -20.43 -7.31 -21.65
CA LEU D 99 -20.73 -7.16 -23.07
C LEU D 99 -20.54 -8.50 -23.74
N HIS D 100 -21.48 -8.90 -24.59
CA HIS D 100 -21.40 -10.15 -25.31
C HIS D 100 -21.04 -9.84 -26.74
N TYR D 101 -20.14 -10.64 -27.34
CA TYR D 101 -19.79 -10.44 -28.74
C TYR D 101 -20.43 -11.54 -29.56
N CYS D 102 -21.11 -11.15 -30.64
CA CYS D 102 -22.02 -12.04 -31.36
C CYS D 102 -21.63 -12.13 -32.82
N ALA D 103 -21.74 -13.37 -33.37
CA ALA D 103 -21.48 -13.56 -34.80
C ALA D 103 -22.73 -13.23 -35.60
N PRO D 104 -22.62 -12.49 -36.69
CA PRO D 104 -23.82 -12.17 -37.48
C PRO D 104 -24.30 -13.37 -38.30
N ALA D 105 -25.39 -13.20 -39.04
CA ALA D 105 -26.00 -14.29 -39.80
C ALA D 105 -25.00 -14.92 -40.78
N GLY D 106 -24.85 -16.24 -40.69
CA GLY D 106 -23.99 -16.98 -41.60
C GLY D 106 -22.61 -17.25 -41.06
N PHE D 107 -22.43 -17.17 -39.75
CA PHE D 107 -21.16 -16.92 -39.09
C PHE D 107 -21.40 -17.46 -37.69
N ALA D 108 -20.44 -18.16 -37.14
CA ALA D 108 -20.63 -18.68 -35.80
C ALA D 108 -19.39 -18.39 -34.98
N ILE D 109 -19.55 -18.48 -33.67
CA ILE D 109 -18.42 -18.37 -32.77
C ILE D 109 -18.13 -19.77 -32.25
N LEU D 110 -16.89 -20.20 -32.41
CA LEU D 110 -16.43 -21.45 -31.85
C LEU D 110 -15.80 -21.21 -30.49
N LYS D 111 -16.29 -21.92 -29.49
CA LYS D 111 -15.76 -21.89 -28.14
C LYS D 111 -15.00 -23.18 -27.91
N CYS D 112 -13.79 -23.06 -27.38
CA CYS D 112 -13.05 -24.23 -26.94
C CYS D 112 -13.43 -24.56 -25.50
N ASN D 113 -13.81 -25.82 -25.22
CA ASN D 113 -14.24 -26.12 -23.85
C ASN D 113 -13.22 -26.92 -23.04
N ASN D 114 -12.00 -27.13 -23.56
CA ASN D 114 -10.97 -27.76 -22.73
C ASN D 114 -10.60 -26.81 -21.59
N LYS D 115 -10.87 -27.24 -20.35
CA LYS D 115 -10.73 -26.36 -19.18
C LYS D 115 -9.30 -25.89 -18.97
N THR D 116 -8.31 -26.54 -19.60
CA THR D 116 -6.89 -26.22 -19.38
C THR D 116 -6.23 -25.68 -20.64
N PHE D 117 -7.00 -25.42 -21.68
CA PHE D 117 -6.51 -24.83 -22.91
C PHE D 117 -5.72 -23.55 -22.62
N ASN D 118 -4.50 -23.48 -23.17
CA ASN D 118 -3.63 -22.36 -22.86
C ASN D 118 -3.78 -21.19 -23.83
N GLY D 119 -4.70 -21.28 -24.79
CA GLY D 119 -5.00 -20.18 -25.71
C GLY D 119 -4.48 -20.40 -27.11
N THR D 120 -3.78 -21.49 -27.34
CA THR D 120 -2.94 -21.69 -28.51
C THR D 120 -2.95 -23.15 -28.89
N GLY D 121 -3.00 -23.43 -30.19
CA GLY D 121 -2.88 -24.78 -30.67
C GLY D 121 -4.21 -25.49 -30.81
N PRO D 122 -4.19 -26.82 -30.90
CA PRO D 122 -5.45 -27.56 -31.10
C PRO D 122 -6.19 -27.77 -29.79
N CYS D 123 -7.51 -27.89 -29.94
CA CYS D 123 -8.44 -28.06 -28.83
C CYS D 123 -9.48 -29.10 -29.25
N ARG D 124 -9.69 -30.13 -28.43
CA ARG D 124 -10.49 -31.27 -28.87
C ARG D 124 -11.98 -31.01 -28.72
N ASN D 125 -12.42 -30.64 -27.52
CA ASN D 125 -13.85 -30.48 -27.24
C ASN D 125 -14.24 -29.04 -27.58
N VAL D 126 -15.12 -28.88 -28.55
CA VAL D 126 -15.43 -27.60 -29.20
C VAL D 126 -16.94 -27.43 -29.28
N SER D 127 -17.43 -26.22 -29.05
CA SER D 127 -18.84 -25.90 -29.27
C SER D 127 -18.99 -24.80 -30.31
N THR D 128 -20.21 -24.62 -30.82
CA THR D 128 -20.54 -23.42 -31.58
C THR D 128 -21.59 -22.63 -30.81
N VAL D 129 -21.46 -21.30 -30.81
CA VAL D 129 -22.35 -20.44 -30.05
C VAL D 129 -22.69 -19.20 -30.88
N GLN D 130 -23.82 -18.60 -30.51
CA GLN D 130 -24.22 -17.29 -31.02
C GLN D 130 -23.27 -16.18 -30.56
N CYS D 131 -22.98 -16.13 -29.25
CA CYS D 131 -22.23 -15.03 -28.65
C CYS D 131 -21.29 -15.57 -27.58
N THR D 132 -20.28 -14.76 -27.26
CA THR D 132 -19.39 -15.03 -26.15
C THR D 132 -20.14 -14.85 -24.85
N HIS D 133 -19.53 -15.29 -23.75
CA HIS D 133 -20.06 -14.90 -22.45
C HIS D 133 -19.96 -13.40 -22.26
N GLY D 134 -20.45 -12.89 -21.14
CA GLY D 134 -20.49 -11.46 -20.93
C GLY D 134 -19.16 -11.03 -20.36
N ILE D 135 -18.48 -10.08 -21.00
CA ILE D 135 -17.14 -9.66 -20.61
C ILE D 135 -17.21 -8.24 -20.11
N LYS D 136 -16.81 -7.99 -18.85
CA LYS D 136 -16.73 -6.61 -18.41
C LYS D 136 -15.47 -5.97 -18.98
N PRO D 137 -15.56 -4.81 -19.64
CA PRO D 137 -14.33 -4.26 -20.27
C PRO D 137 -13.50 -3.43 -19.30
N VAL D 138 -12.75 -4.11 -18.43
CA VAL D 138 -12.09 -3.44 -17.32
C VAL D 138 -10.68 -3.02 -17.72
N VAL D 139 -10.43 -1.71 -17.73
CA VAL D 139 -9.13 -1.18 -18.11
C VAL D 139 -8.24 -1.15 -16.87
N SER D 140 -7.07 -1.79 -16.96
CA SER D 140 -6.15 -1.80 -15.82
C SER D 140 -4.80 -2.34 -16.27
N THR D 141 -3.77 -2.12 -15.44
CA THR D 141 -2.46 -2.72 -15.62
C THR D 141 -2.12 -3.61 -14.43
N GLN D 142 -1.16 -4.53 -14.64
CA GLN D 142 -0.60 -5.42 -13.62
C GLN D 142 -1.59 -6.49 -13.17
N LEU D 143 -2.77 -6.08 -12.75
CA LEU D 143 -3.76 -7.02 -12.24
C LEU D 143 -4.94 -6.98 -13.16
N LEU D 144 -5.44 -8.14 -13.59
CA LEU D 144 -6.72 -8.21 -14.29
C LEU D 144 -7.83 -8.35 -13.25
N LEU D 145 -8.86 -7.51 -13.35
CA LEU D 145 -9.88 -7.38 -12.32
C LEU D 145 -11.22 -7.79 -12.88
N ASN D 146 -12.01 -8.52 -12.08
CA ASN D 146 -13.41 -8.78 -12.38
C ASN D 146 -13.58 -9.60 -13.66
N GLY D 147 -12.58 -10.40 -14.04
CA GLY D 147 -12.76 -11.30 -15.14
C GLY D 147 -13.40 -12.61 -14.70
N SER D 148 -13.27 -13.65 -15.50
CA SER D 148 -13.76 -14.95 -15.08
C SER D 148 -12.59 -15.87 -14.80
N LEU D 149 -12.75 -16.70 -13.77
CA LEU D 149 -11.66 -17.54 -13.29
C LEU D 149 -11.49 -18.78 -14.16
N ALA D 150 -10.27 -19.30 -14.18
CA ALA D 150 -10.03 -20.62 -14.78
C ALA D 150 -10.71 -21.69 -13.96
N GLU D 151 -11.07 -22.79 -14.62
CA GLU D 151 -12.02 -23.71 -14.02
C GLU D 151 -11.35 -24.86 -13.31
N GLU D 152 -10.12 -25.15 -13.71
CA GLU D 152 -9.40 -26.32 -13.25
C GLU D 152 -8.23 -25.72 -12.49
N GLU D 153 -7.00 -25.79 -13.05
CA GLU D 153 -5.83 -25.03 -12.60
C GLU D 153 -5.58 -23.67 -13.23
N ILE D 154 -4.64 -23.01 -12.57
CA ILE D 154 -4.05 -21.78 -13.06
C ILE D 154 -3.37 -22.04 -14.38
N ILE D 155 -3.71 -21.23 -15.38
CA ILE D 155 -3.21 -21.35 -16.74
C ILE D 155 -2.21 -20.24 -17.01
N ILE D 156 -1.06 -20.58 -17.57
CA ILE D 156 -0.09 -19.62 -18.06
C ILE D 156 -0.31 -19.47 -19.55
N ARG D 157 -0.58 -18.25 -20.00
CA ARG D 157 -0.75 -17.96 -21.42
C ARG D 157 0.35 -17.02 -21.89
N SER D 158 0.90 -17.33 -23.05
CA SER D 158 1.85 -16.43 -23.67
C SER D 158 1.96 -16.84 -25.13
N GLU D 159 2.10 -15.81 -25.97
CA GLU D 159 2.39 -16.04 -27.37
C GLU D 159 3.69 -16.79 -27.57
N ASN D 160 4.63 -16.66 -26.63
CA ASN D 160 5.94 -17.30 -26.75
C ASN D 160 6.73 -17.18 -25.45
N LEU D 161 6.66 -18.19 -24.58
CA LEU D 161 7.26 -18.08 -23.26
C LEU D 161 8.77 -17.90 -23.33
N THR D 162 9.43 -18.38 -24.40
CA THR D 162 10.88 -18.22 -24.51
C THR D 162 11.26 -16.78 -24.78
N ASN D 163 10.40 -16.04 -25.44
CA ASN D 163 10.66 -14.65 -25.81
C ASN D 163 10.21 -13.78 -24.64
N ASN D 164 11.16 -13.33 -23.83
CA ASN D 164 10.80 -12.59 -22.60
C ASN D 164 10.11 -11.26 -22.86
N ALA D 165 10.13 -10.74 -24.09
CA ALA D 165 9.40 -9.52 -24.41
C ALA D 165 7.90 -9.74 -24.58
N LYS D 166 7.41 -10.99 -24.62
CA LYS D 166 5.99 -11.23 -24.77
C LYS D 166 5.30 -11.28 -23.40
N THR D 167 4.21 -10.54 -23.27
CA THR D 167 3.46 -10.51 -22.03
C THR D 167 3.00 -11.92 -21.65
N ILE D 168 3.08 -12.23 -20.35
CA ILE D 168 2.52 -13.48 -19.81
C ILE D 168 1.20 -13.16 -19.14
N ILE D 169 0.12 -13.84 -19.53
CA ILE D 169 -1.15 -13.70 -18.82
C ILE D 169 -1.28 -14.91 -17.90
N VAL D 170 -1.43 -14.66 -16.60
CA VAL D 170 -1.71 -15.69 -15.63
C VAL D 170 -3.20 -15.69 -15.36
N HIS D 171 -3.87 -16.81 -15.62
CA HIS D 171 -5.29 -16.95 -15.38
C HIS D 171 -5.52 -17.69 -14.06
N LEU D 172 -5.98 -16.98 -13.05
CA LEU D 172 -6.16 -17.56 -11.72
C LEU D 172 -7.40 -18.44 -11.68
N ASN D 173 -7.40 -19.44 -10.79
CA ASN D 173 -8.61 -20.25 -10.57
C ASN D 173 -9.37 -19.83 -9.33
N GLU D 174 -8.80 -18.98 -8.50
CA GLU D 174 -9.42 -18.48 -7.30
C GLU D 174 -9.18 -16.97 -7.24
N SER D 175 -10.24 -16.18 -7.08
CA SER D 175 -9.96 -14.75 -7.08
C SER D 175 -9.42 -14.29 -5.73
N VAL D 176 -8.73 -13.17 -5.76
CA VAL D 176 -8.15 -12.51 -4.60
C VAL D 176 -8.80 -11.14 -4.49
N ASN D 177 -9.43 -10.87 -3.36
CA ASN D 177 -10.14 -9.61 -3.19
C ASN D 177 -9.13 -8.47 -3.15
N ILE D 178 -9.44 -7.35 -3.79
CA ILE D 178 -8.67 -6.13 -3.57
C ILE D 178 -9.67 -5.00 -3.36
N VAL D 179 -9.51 -4.27 -2.26
CA VAL D 179 -10.41 -3.19 -1.86
C VAL D 179 -9.60 -1.91 -1.86
N CYS D 180 -9.99 -0.96 -2.72
CA CYS D 180 -9.32 0.34 -2.81
C CYS D 180 -10.31 1.43 -2.46
N THR D 181 -9.87 2.39 -1.62
CA THR D 181 -10.73 3.51 -1.25
C THR D 181 -9.90 4.77 -1.15
N ARG D 182 -10.49 5.88 -1.60
CA ARG D 182 -10.12 7.21 -1.14
C ARG D 182 -11.12 7.57 -0.06
N PRO D 183 -10.72 7.66 1.21
CA PRO D 183 -11.71 7.85 2.28
C PRO D 183 -12.23 9.27 2.29
N ASN D 184 -13.34 9.49 2.99
CA ASN D 184 -13.90 10.83 3.10
C ASN D 184 -12.87 11.84 3.60
N ASN D 193 -4.87 14.96 2.26
CA ASN D 193 -4.73 14.98 0.81
C ASN D 193 -5.98 14.40 0.15
N ILE D 194 -6.57 15.07 -0.84
CA ILE D 194 -7.75 14.46 -1.43
C ILE D 194 -7.36 13.42 -2.48
N ARG D 195 -6.12 13.46 -2.98
CA ARG D 195 -5.65 12.46 -3.93
C ARG D 195 -5.22 11.16 -3.28
N GLN D 196 -5.23 11.02 -1.97
CA GLN D 196 -4.50 9.86 -1.49
C GLN D 196 -5.46 8.75 -1.07
N ALA D 197 -5.11 7.51 -1.46
CA ALA D 197 -5.97 6.36 -1.27
C ALA D 197 -5.09 5.14 -0.96
N HIS D 198 -5.73 4.01 -0.71
CA HIS D 198 -4.99 2.80 -0.40
C HIS D 198 -5.82 1.59 -0.78
N CYS D 199 -5.14 0.48 -1.05
CA CYS D 199 -5.82 -0.79 -1.28
C CYS D 199 -5.40 -1.83 -0.24
N ASN D 200 -6.34 -2.69 0.14
CA ASN D 200 -6.04 -3.78 1.06
C ASN D 200 -6.18 -5.12 0.36
N ILE D 201 -5.18 -5.97 0.53
CA ILE D 201 -5.26 -7.36 0.13
C ILE D 201 -4.89 -8.23 1.33
N ASN D 202 -5.68 -9.27 1.57
CA ASN D 202 -5.41 -10.33 2.54
C ASN D 202 -4.07 -11.02 2.23
N GLU D 203 -3.05 -10.84 3.09
CA GLU D 203 -1.74 -11.41 2.80
C GLU D 203 -1.79 -12.92 2.67
N SER D 204 -2.68 -13.57 3.40
CA SER D 204 -2.76 -15.03 3.33
C SER D 204 -3.25 -15.47 1.96
N LYS D 205 -4.30 -14.85 1.46
CA LYS D 205 -4.85 -15.22 0.17
C LYS D 205 -3.85 -14.97 -0.97
N TRP D 206 -3.17 -13.82 -0.90
CA TRP D 206 -2.19 -13.48 -1.91
C TRP D 206 -1.02 -14.46 -1.88
N ASN D 207 -0.48 -14.66 -0.68
CA ASN D 207 0.52 -15.66 -0.37
C ASN D 207 0.23 -16.98 -1.04
N ASN D 208 -0.99 -17.47 -0.84
CA ASN D 208 -1.37 -18.75 -1.36
C ASN D 208 -1.33 -18.73 -2.88
N THR D 209 -1.94 -17.70 -3.50
CA THR D 209 -2.01 -17.67 -4.95
C THR D 209 -0.63 -17.56 -5.56
N LEU D 210 0.26 -16.75 -4.98
CA LEU D 210 1.61 -16.69 -5.55
C LEU D 210 2.38 -17.99 -5.34
N GLN D 211 2.10 -18.71 -4.26
CA GLN D 211 2.58 -20.09 -4.12
C GLN D 211 2.23 -20.89 -5.38
N LYS D 212 0.96 -20.84 -5.80
CA LYS D 212 0.56 -21.70 -6.92
C LYS D 212 0.93 -21.15 -8.29
N VAL D 213 1.01 -19.82 -8.43
CA VAL D 213 1.53 -19.27 -9.66
C VAL D 213 2.98 -19.66 -9.83
N GLY D 214 3.76 -19.60 -8.75
CA GLY D 214 5.15 -20.06 -8.81
C GLY D 214 5.26 -21.52 -9.18
N GLU D 215 4.41 -22.38 -8.59
CA GLU D 215 4.31 -23.76 -9.07
C GLU D 215 4.19 -23.84 -10.59
N GLU D 216 3.16 -23.21 -11.17
CA GLU D 216 2.93 -23.34 -12.62
C GLU D 216 4.07 -22.75 -13.46
N LEU D 217 4.59 -21.59 -13.02
CA LEU D 217 5.75 -21.03 -13.70
C LEU D 217 6.94 -21.97 -13.61
N ALA D 218 7.06 -22.73 -12.52
CA ALA D 218 8.16 -23.67 -12.36
C ALA D 218 8.04 -24.81 -13.37
N LYS D 219 6.82 -25.32 -13.55
CA LYS D 219 6.64 -26.28 -14.63
C LYS D 219 7.20 -25.75 -15.93
N HIS D 220 7.05 -24.44 -16.20
CA HIS D 220 7.57 -24.01 -17.51
C HIS D 220 9.04 -23.59 -17.50
N PHE D 221 9.60 -23.20 -16.36
CA PHE D 221 11.04 -22.93 -16.24
C PHE D 221 11.59 -23.79 -15.08
N PRO D 222 12.01 -25.04 -15.38
CA PRO D 222 12.19 -25.99 -14.27
C PRO D 222 13.50 -25.92 -13.49
N SER D 223 14.61 -25.46 -14.06
CA SER D 223 15.83 -25.47 -13.25
C SER D 223 15.92 -24.29 -12.29
N LYS D 224 15.02 -23.36 -12.41
CA LYS D 224 15.15 -21.97 -12.06
C LYS D 224 14.46 -21.68 -10.71
N THR D 225 15.06 -20.79 -9.90
CA THR D 225 14.30 -20.12 -8.84
C THR D 225 13.36 -19.09 -9.45
N ILE D 226 12.14 -18.96 -8.90
CA ILE D 226 11.11 -18.07 -9.44
C ILE D 226 10.96 -16.87 -8.51
N LYS D 227 11.36 -15.69 -8.97
CA LYS D 227 11.26 -14.46 -8.18
C LYS D 227 10.17 -13.54 -8.73
N PHE D 228 9.42 -12.91 -7.83
CA PHE D 228 8.49 -11.84 -8.17
C PHE D 228 9.03 -10.52 -7.64
N GLU D 229 9.06 -9.50 -8.49
CA GLU D 229 9.70 -8.24 -8.16
C GLU D 229 8.90 -7.11 -8.76
N PRO D 230 8.95 -5.90 -8.20
CA PRO D 230 8.14 -4.80 -8.70
C PRO D 230 8.55 -4.41 -10.11
N SER D 231 7.65 -3.72 -10.78
CA SER D 231 7.96 -3.25 -12.12
C SER D 231 9.14 -2.31 -12.09
N SER D 232 10.14 -2.60 -12.92
CA SER D 232 11.35 -1.79 -13.03
C SER D 232 11.01 -0.33 -13.33
N GLY D 233 10.76 0.01 -14.59
CA GLY D 233 10.53 1.40 -14.92
C GLY D 233 9.48 1.56 -16.00
N GLY D 234 9.20 2.80 -16.32
CA GLY D 234 8.23 3.12 -17.33
C GLY D 234 7.34 4.23 -16.83
N ASP D 235 6.30 4.50 -17.60
CA ASP D 235 5.28 5.44 -17.15
C ASP D 235 4.60 4.90 -15.90
N LEU D 236 4.10 5.82 -15.10
CA LEU D 236 3.43 5.43 -13.88
C LEU D 236 2.24 4.50 -14.13
N GLU D 237 1.58 4.60 -15.29
CA GLU D 237 0.45 3.71 -15.55
C GLU D 237 0.84 2.25 -15.48
N ILE D 238 2.10 1.91 -15.78
CA ILE D 238 2.50 0.51 -15.82
C ILE D 238 3.45 0.12 -14.68
N THR D 239 4.14 1.08 -14.06
CA THR D 239 4.91 0.75 -12.89
C THR D 239 4.05 0.68 -11.64
N THR D 240 2.80 1.10 -11.73
CA THR D 240 1.87 0.85 -10.65
C THR D 240 0.69 0.06 -11.18
N HIS D 241 -0.16 -0.37 -10.27
CA HIS D 241 -1.43 -0.97 -10.65
C HIS D 241 -2.40 0.17 -10.87
N SER D 242 -2.65 0.54 -12.13
CA SER D 242 -3.55 1.65 -12.39
C SER D 242 -4.88 1.12 -12.91
N PHE D 243 -5.95 1.81 -12.56
CA PHE D 243 -7.30 1.40 -12.93
C PHE D 243 -8.23 2.58 -12.69
N ASN D 244 -9.45 2.49 -13.24
CA ASN D 244 -10.46 3.52 -13.03
C ASN D 244 -11.52 3.01 -12.07
N CYS D 245 -11.81 3.79 -11.04
CA CYS D 245 -12.76 3.42 -10.01
C CYS D 245 -13.77 4.56 -9.89
N ARG D 246 -15.00 4.30 -10.31
CA ARG D 246 -16.07 5.29 -10.28
C ARG D 246 -15.65 6.57 -11.01
N GLY D 247 -14.89 6.46 -12.09
CA GLY D 247 -14.52 7.62 -12.88
C GLY D 247 -13.16 8.22 -12.56
N GLU D 248 -12.62 7.93 -11.39
CA GLU D 248 -11.34 8.45 -10.93
C GLU D 248 -10.21 7.48 -11.29
N PHE D 249 -9.02 8.01 -11.60
CA PHE D 249 -7.90 7.17 -12.03
C PHE D 249 -7.00 6.92 -10.83
N PHE D 250 -6.96 5.65 -10.37
CA PHE D 250 -6.11 5.25 -9.25
C PHE D 250 -4.78 4.72 -9.76
N TYR D 251 -3.71 5.04 -9.03
CA TYR D 251 -2.38 4.51 -9.28
C TYR D 251 -1.87 3.96 -7.96
N CYS D 252 -1.81 2.63 -7.85
CA CYS D 252 -1.55 1.92 -6.60
C CYS D 252 -0.19 1.22 -6.65
N ASN D 253 0.67 1.55 -5.69
CA ASN D 253 2.03 1.01 -5.64
C ASN D 253 1.99 -0.47 -5.29
N THR D 254 2.62 -1.32 -6.09
CA THR D 254 2.56 -2.76 -5.85
C THR D 254 3.89 -3.35 -5.37
N SER D 255 4.82 -2.52 -4.92
CA SER D 255 6.12 -3.07 -4.57
C SER D 255 6.04 -3.98 -3.33
N ASP D 256 5.00 -3.88 -2.50
CA ASP D 256 4.79 -4.85 -1.45
C ASP D 256 4.03 -6.07 -1.93
N LEU D 257 3.58 -6.07 -3.18
CA LEU D 257 2.74 -7.13 -3.71
C LEU D 257 3.54 -8.09 -4.59
N PHE D 258 4.32 -7.55 -5.53
CA PHE D 258 5.17 -8.36 -6.40
C PHE D 258 6.57 -8.31 -5.80
N ASN D 259 6.78 -9.19 -4.82
CA ASN D 259 7.92 -9.12 -3.90
C ASN D 259 7.96 -10.42 -3.11
N GLY D 260 8.68 -11.41 -3.63
CA GLY D 260 8.58 -12.76 -3.08
C GLY D 260 9.42 -13.72 -3.89
N THR D 261 9.79 -14.83 -3.23
CA THR D 261 10.59 -15.89 -3.85
C THR D 261 9.91 -17.25 -3.68
N TYR D 262 9.91 -18.02 -4.77
CA TYR D 262 9.44 -19.41 -4.78
C TYR D 262 10.68 -20.29 -5.06
N ARG D 263 11.18 -20.96 -4.01
CA ARG D 263 12.52 -21.56 -4.02
C ARG D 263 12.48 -23.07 -4.24
N ASN D 264 12.06 -23.85 -3.21
CA ASN D 264 12.14 -25.31 -3.33
C ASN D 264 10.74 -25.83 -3.15
N GLY D 265 9.89 -25.62 -4.15
CA GLY D 265 8.49 -25.92 -3.96
C GLY D 265 7.78 -25.08 -2.93
N THR D 266 8.43 -24.03 -2.38
CA THR D 266 7.83 -23.17 -1.36
C THR D 266 7.98 -21.69 -1.72
N TYR D 267 6.88 -20.94 -1.53
CA TYR D 267 6.84 -19.49 -1.76
C TYR D 267 7.06 -18.73 -0.44
N ASN D 268 7.93 -17.72 -0.47
CA ASN D 268 8.16 -16.82 0.67
C ASN D 268 7.88 -15.38 0.27
N HIS D 269 6.92 -14.74 0.94
CA HIS D 269 6.61 -13.34 0.67
C HIS D 269 7.62 -12.41 1.32
N THR D 270 8.26 -11.58 0.51
CA THR D 270 9.26 -10.58 0.86
C THR D 270 8.69 -9.17 1.08
N GLY D 271 7.42 -8.92 0.70
CA GLY D 271 6.88 -7.59 0.83
C GLY D 271 6.31 -7.35 2.20
N ARG D 272 6.08 -6.08 2.56
CA ARG D 272 5.73 -5.76 3.93
C ARG D 272 4.21 -5.90 4.08
N SER D 273 3.78 -6.46 5.21
CA SER D 273 2.37 -6.45 5.58
C SER D 273 2.26 -6.12 7.05
N SER D 274 1.02 -5.95 7.52
CA SER D 274 0.72 -5.67 8.93
C SER D 274 -0.69 -6.15 9.23
N ASN D 275 -0.87 -6.81 10.37
CA ASN D 275 -2.12 -7.50 10.68
C ASN D 275 -2.53 -8.45 9.55
N GLY D 276 -1.55 -8.97 8.81
CA GLY D 276 -1.88 -9.91 7.74
C GLY D 276 -2.64 -9.33 6.56
N THR D 277 -2.49 -8.02 6.30
CA THR D 277 -2.97 -7.42 5.06
C THR D 277 -1.84 -6.63 4.43
N ILE D 278 -1.70 -6.78 3.11
CA ILE D 278 -0.82 -5.91 2.33
C ILE D 278 -1.61 -4.65 2.03
N THR D 279 -1.03 -3.49 2.29
CA THR D 279 -1.70 -2.24 2.00
C THR D 279 -0.92 -1.52 0.91
N LEU D 280 -1.59 -1.23 -0.20
CA LEU D 280 -0.99 -0.51 -1.33
C LEU D 280 -1.31 0.97 -1.17
N GLN D 281 -0.26 1.80 -1.21
CA GLN D 281 -0.46 3.25 -1.27
C GLN D 281 -0.84 3.68 -2.68
N CYS D 282 -1.91 4.48 -2.80
CA CYS D 282 -2.42 4.94 -4.09
C CYS D 282 -2.49 6.47 -4.16
N LYS D 283 -2.43 6.97 -5.39
CA LYS D 283 -2.71 8.36 -5.71
C LYS D 283 -3.82 8.39 -6.77
N ILE D 284 -4.71 9.37 -6.68
CA ILE D 284 -5.66 9.66 -7.76
C ILE D 284 -5.04 10.78 -8.59
N LYS D 285 -4.84 10.53 -9.88
CA LYS D 285 -4.14 11.48 -10.71
C LYS D 285 -5.08 12.12 -11.71
N GLN D 286 -4.70 13.31 -12.18
CA GLN D 286 -5.49 14.00 -13.17
C GLN D 286 -4.85 13.96 -14.55
N ILE D 287 -3.53 13.83 -14.65
CA ILE D 287 -2.84 13.72 -15.93
C ILE D 287 -2.57 12.26 -16.21
N ILE D 288 -3.12 11.74 -17.30
CA ILE D 288 -3.16 10.32 -17.61
C ILE D 288 -2.44 10.08 -18.92
N ASN D 289 -1.58 9.09 -18.95
CA ASN D 289 -1.05 8.60 -20.23
C ASN D 289 -2.08 7.64 -20.80
N MET D 290 -2.53 7.91 -22.02
CA MET D 290 -3.69 7.20 -22.54
C MET D 290 -3.34 5.78 -22.96
N TRP D 291 -4.26 4.85 -22.71
CA TRP D 291 -4.08 3.51 -23.24
C TRP D 291 -4.56 3.41 -24.67
N GLN D 292 -5.41 4.33 -25.12
CA GLN D 292 -6.03 4.24 -26.45
C GLN D 292 -5.06 4.59 -27.57
N GLU D 293 -4.10 5.47 -27.32
CA GLU D 293 -3.19 6.02 -28.32
C GLU D 293 -2.10 6.70 -27.55
N VAL D 294 -1.03 7.08 -28.24
CA VAL D 294 0.04 7.86 -27.62
C VAL D 294 -0.45 9.29 -27.42
N GLY D 295 -0.60 9.68 -26.17
CA GLY D 295 -1.10 10.99 -25.85
C GLY D 295 -1.36 11.06 -24.36
N ARG D 296 -1.69 12.27 -23.90
CA ARG D 296 -2.04 12.51 -22.50
C ARG D 296 -3.45 13.06 -22.39
N ALA D 297 -4.10 12.77 -21.26
CA ALA D 297 -5.46 13.23 -21.01
C ALA D 297 -5.52 13.88 -19.64
N ILE D 298 -6.25 14.99 -19.50
CA ILE D 298 -6.33 15.69 -18.23
C ILE D 298 -7.79 15.77 -17.80
N TYR D 299 -8.05 15.35 -16.56
CA TYR D 299 -9.37 15.23 -15.97
C TYR D 299 -9.49 16.20 -14.80
N ALA D 300 -10.72 16.43 -14.35
CA ALA D 300 -10.96 17.32 -13.21
C ALA D 300 -10.57 16.63 -11.91
N PRO D 301 -10.39 17.42 -10.84
CA PRO D 301 -9.98 16.85 -9.52
C PRO D 301 -11.03 15.88 -8.99
N PRO D 302 -10.71 15.11 -7.96
CA PRO D 302 -11.61 14.01 -7.58
C PRO D 302 -12.96 14.51 -7.08
N ILE D 303 -13.97 13.68 -7.35
CA ILE D 303 -15.32 13.85 -6.83
C ILE D 303 -15.18 13.75 -5.31
N GLU D 304 -16.21 14.06 -4.54
CA GLU D 304 -15.88 14.32 -3.16
C GLU D 304 -16.50 13.17 -2.35
N GLY D 305 -16.07 12.99 -1.10
CA GLY D 305 -16.56 11.83 -0.33
C GLY D 305 -15.71 10.59 -0.51
N GLU D 306 -16.27 9.43 -0.13
CA GLU D 306 -15.50 8.19 -0.18
C GLU D 306 -15.64 7.50 -1.53
N ILE D 307 -14.50 7.18 -2.13
CA ILE D 307 -14.47 6.51 -3.42
C ILE D 307 -13.91 5.12 -3.19
N THR D 308 -14.71 4.09 -3.42
CA THR D 308 -14.33 2.74 -3.05
C THR D 308 -14.70 1.75 -4.16
N CYS D 309 -13.74 0.88 -4.52
CA CYS D 309 -14.01 -0.23 -5.43
C CYS D 309 -13.61 -1.51 -4.75
N ASN D 310 -14.51 -2.48 -4.76
CA ASN D 310 -14.28 -3.79 -4.17
C ASN D 310 -14.21 -4.75 -5.36
N SER D 311 -13.00 -5.19 -5.72
CA SER D 311 -12.82 -5.91 -6.97
C SER D 311 -12.23 -7.29 -6.69
N ASN D 312 -12.41 -8.20 -7.64
CA ASN D 312 -11.73 -9.49 -7.63
C ASN D 312 -10.52 -9.44 -8.57
N ILE D 313 -9.33 -9.72 -8.04
CA ILE D 313 -8.19 -10.05 -8.91
C ILE D 313 -8.41 -11.43 -9.51
N THR D 314 -8.52 -11.52 -10.83
CA THR D 314 -8.71 -12.83 -11.47
C THR D 314 -7.57 -13.23 -12.41
N GLY D 315 -6.52 -12.43 -12.51
CA GLY D 315 -5.42 -12.74 -13.42
C GLY D 315 -4.30 -11.75 -13.16
N LEU D 316 -3.13 -12.07 -13.71
CA LEU D 316 -1.98 -11.18 -13.64
C LEU D 316 -1.42 -10.98 -15.02
N LEU D 317 -0.80 -9.82 -15.25
CA LEU D 317 0.02 -9.57 -16.44
C LEU D 317 1.48 -9.50 -16.00
N LEU D 318 2.34 -10.38 -16.54
CA LEU D 318 3.72 -10.46 -16.09
C LEU D 318 4.69 -10.36 -17.26
N LEU D 319 5.90 -9.92 -16.94
CA LEU D 319 6.99 -9.83 -17.88
C LEU D 319 8.22 -10.46 -17.22
N ARG D 320 8.83 -11.40 -17.93
CA ARG D 320 10.05 -12.06 -17.49
C ARG D 320 11.27 -11.28 -17.89
N ASP D 321 12.22 -11.16 -16.98
CA ASP D 321 13.54 -10.62 -17.35
C ASP D 321 14.28 -11.59 -18.28
N ASP D 330 19.89 -21.30 -12.31
CA ASP D 330 19.86 -19.84 -12.26
C ASP D 330 18.47 -19.38 -11.80
N THR D 331 18.15 -18.10 -12.03
CA THR D 331 16.89 -17.51 -11.57
C THR D 331 16.09 -16.93 -12.74
N GLU D 332 14.77 -17.07 -12.67
CA GLU D 332 13.84 -16.35 -13.52
C GLU D 332 13.08 -15.35 -12.66
N THR D 333 13.04 -14.10 -13.12
CA THR D 333 12.40 -13.00 -12.39
C THR D 333 11.20 -12.51 -13.19
N PHE D 334 10.09 -12.33 -12.49
CA PHE D 334 8.85 -11.89 -13.09
C PHE D 334 8.39 -10.60 -12.44
N ARG D 335 8.13 -9.59 -13.27
CA ARG D 335 7.65 -8.29 -12.86
C ARG D 335 6.26 -8.03 -13.45
N PRO D 336 5.41 -7.29 -12.75
CA PRO D 336 4.09 -6.96 -13.32
C PRO D 336 4.24 -6.13 -14.58
N GLY D 337 3.33 -6.34 -15.52
CA GLY D 337 3.32 -5.65 -16.79
C GLY D 337 1.98 -5.01 -17.10
N GLY D 338 1.70 -4.87 -18.39
CA GLY D 338 0.49 -4.25 -18.86
C GLY D 338 0.79 -3.02 -19.69
N GLY D 339 -0.28 -2.35 -20.12
CA GLY D 339 -0.18 -1.15 -20.92
C GLY D 339 -0.84 -1.27 -22.26
N ASP D 340 -0.95 -2.49 -22.79
CA ASP D 340 -1.64 -2.77 -24.03
C ASP D 340 -2.96 -3.41 -23.64
N MET D 341 -4.07 -2.65 -23.68
CA MET D 341 -5.34 -3.14 -23.19
C MET D 341 -5.87 -4.31 -24.01
N ARG D 342 -5.31 -4.55 -25.20
CA ARG D 342 -5.75 -5.74 -25.95
C ARG D 342 -5.43 -7.02 -25.20
N ASP D 343 -4.40 -7.01 -24.34
CA ASP D 343 -4.13 -8.22 -23.55
C ASP D 343 -5.24 -8.45 -22.54
N ASN D 344 -5.79 -7.38 -21.95
CA ASN D 344 -6.95 -7.52 -21.08
C ASN D 344 -8.11 -8.18 -21.81
N TRP D 345 -8.40 -7.74 -23.05
CA TRP D 345 -9.48 -8.39 -23.78
C TRP D 345 -9.13 -9.85 -24.14
N ARG D 346 -7.91 -10.09 -24.64
CA ARG D 346 -7.40 -11.45 -24.90
C ARG D 346 -7.67 -12.41 -23.76
N SER D 347 -7.44 -11.95 -22.52
CA SER D 347 -7.52 -12.86 -21.39
C SER D 347 -8.93 -13.40 -21.22
N GLU D 348 -9.90 -12.77 -21.86
CA GLU D 348 -11.28 -13.21 -21.86
C GLU D 348 -11.74 -13.84 -23.16
N LEU D 349 -11.16 -13.42 -24.29
CA LEU D 349 -11.57 -13.91 -25.61
C LEU D 349 -10.76 -15.12 -26.08
N TYR D 350 -9.86 -15.63 -25.23
CA TYR D 350 -8.87 -16.60 -25.71
C TYR D 350 -9.51 -17.88 -26.23
N LYS D 351 -10.69 -18.24 -25.73
CA LYS D 351 -11.31 -19.51 -26.06
C LYS D 351 -12.23 -19.40 -27.26
N TYR D 352 -12.27 -18.26 -27.93
CA TYR D 352 -13.24 -18.02 -28.97
C TYR D 352 -12.55 -17.73 -30.28
N LYS D 353 -13.18 -18.19 -31.36
CA LYS D 353 -12.78 -17.95 -32.74
C LYS D 353 -14.07 -17.75 -33.53
N VAL D 354 -14.06 -16.90 -34.55
CA VAL D 354 -15.23 -16.72 -35.40
C VAL D 354 -14.99 -17.43 -36.73
N VAL D 355 -16.01 -18.10 -37.27
CA VAL D 355 -15.73 -18.93 -38.44
C VAL D 355 -16.89 -18.85 -39.42
N GLU D 356 -16.58 -19.28 -40.66
CA GLU D 356 -17.50 -19.66 -41.77
C GLU D 356 -18.11 -18.51 -42.52
C1 NAG E . 29.09 37.48 6.28
C2 NAG E . 28.84 36.37 7.31
C3 NAG E . 28.16 36.95 8.54
C4 NAG E . 28.98 38.10 9.10
C5 NAG E . 29.23 39.14 8.01
C6 NAG E . 30.12 40.27 8.46
C7 NAG E . 28.57 34.24 6.15
C8 NAG E . 27.61 33.27 5.52
N2 NAG E . 28.03 35.33 6.72
O3 NAG E . 28.02 35.96 9.55
O4 NAG E . 28.26 38.70 10.16
O5 NAG E . 29.87 38.54 6.87
O6 NAG E . 30.31 41.18 7.39
O7 NAG E . 29.79 34.04 6.15
C1 NAG F . 25.78 28.09 -21.10
C2 NAG F . 24.55 27.44 -21.70
C3 NAG F . 24.92 26.68 -22.97
C4 NAG F . 25.58 27.63 -23.97
C5 NAG F . 26.82 28.22 -23.33
C6 NAG F . 27.51 29.22 -24.22
C7 NAG F . 22.62 26.78 -20.36
C8 NAG F . 22.01 25.74 -19.48
N2 NAG F . 23.86 26.55 -20.78
O3 NAG F . 23.77 26.09 -23.55
O4 NAG F . 25.91 26.91 -25.15
O5 NAG F . 26.46 28.92 -22.13
O6 NAG F . 26.71 30.38 -24.38
O7 NAG F . 22.01 27.81 -20.68
C1 NAG G . 39.85 29.17 -5.05
C2 NAG G . 41.40 29.22 -5.21
C3 NAG G . 42.10 28.27 -4.24
C4 NAG G . 41.55 28.35 -2.82
C5 NAG G . 40.05 28.12 -2.89
C6 NAG G . 39.37 27.98 -1.54
C7 NAG G . 41.99 29.78 -7.55
C8 NAG G . 42.36 29.20 -8.88
N2 NAG G . 41.77 28.88 -6.57
O3 NAG G . 43.48 28.61 -4.22
O4 NAG G . 42.16 27.35 -2.02
O5 NAG G . 39.47 29.22 -3.61
O6 NAG G . 38.73 29.17 -1.09
O7 NAG G . 41.89 30.99 -7.36
C1 NAG H . 19.27 8.68 -9.02
C2 NAG H . 17.85 8.46 -8.50
C3 NAG H . 17.85 7.49 -7.32
C4 NAG H . 18.55 6.20 -7.69
C5 NAG H . 19.96 6.51 -8.16
C6 NAG H . 20.71 5.27 -8.59
C7 NAG H . 16.23 10.29 -8.77
C8 NAG H . 15.72 11.60 -8.21
N2 NAG H . 17.24 9.72 -8.11
O3 NAG H . 16.52 7.24 -6.88
O4 NAG H . 18.63 5.36 -6.54
O5 NAG H . 19.89 7.37 -9.31
O6 NAG H . 20.61 5.10 -9.99
O7 NAG H . 15.77 9.78 -9.80
C1 NAG I . 27.31 7.21 -3.98
C2 NAG I . 25.96 6.95 -3.32
C3 NAG I . 25.75 5.46 -3.12
C4 NAG I . 25.90 4.71 -4.43
C5 NAG I . 27.23 5.01 -5.06
C6 NAG I . 27.36 4.38 -6.43
C7 NAG I . 24.79 8.07 -1.44
C8 NAG I . 24.97 8.71 -0.09
N2 NAG I . 25.91 7.63 -2.03
O3 NAG I . 24.45 5.22 -2.58
O4 NAG I . 25.88 3.31 -4.17
O5 NAG I . 27.40 6.43 -5.22
O6 NAG I . 27.92 5.28 -7.37
O7 NAG I . 23.69 8.00 -1.97
C1 NAG J . 20.52 32.56 12.65
C2 NAG J . 20.42 33.69 13.66
C3 NAG J . 19.24 33.52 14.60
C4 NAG J . 19.24 32.17 15.30
C5 NAG J . 19.59 30.97 14.41
C6 NAG J . 18.39 30.24 13.85
C7 NAG J . 22.64 34.64 13.99
C8 NAG J . 23.91 34.59 14.77
N2 NAG J . 21.68 33.81 14.39
O3 NAG J . 18.04 33.73 13.85
O4 NAG J . 20.10 32.18 16.44
O5 NAG J . 20.46 31.25 13.31
O6 NAG J . 18.43 28.87 14.23
O7 NAG J . 22.48 35.42 13.04
C13 Y2K K . 8.74 26.24 -6.34
C17 Y2K K . 11.18 24.44 -9.68
C20 Y2K K . 11.02 23.89 -13.39
C21 Y2K K . 11.78 24.00 -14.56
C22 Y2K K . 13.14 24.13 -14.43
C24 Y2K K . 13.74 24.20 -13.18
C26 Y2K K . 13.03 24.11 -11.99
C02 Y2K K . 9.35 28.32 -5.17
C04 Y2K K . 10.16 26.02 -4.41
C05 Y2K K . 10.20 24.78 -5.05
C06 Y2K K . 10.90 23.71 -4.51
C07 Y2K K . 11.56 23.90 -3.29
C08 Y2K K . 11.52 25.16 -2.63
C09 Y2K K . 12.28 25.26 -1.28
C11 Y2K K . 14.09 26.70 -2.06
C12 Y2K K . 10.81 26.24 -3.18
C14 Y2K K . 9.37 24.85 -6.37
C16 Y2K K . 10.13 24.34 -8.64
C19 Y2K K . 11.66 23.88 -12.13
C29 Y2K K . 7.17 26.25 -6.18
C31 Y2K K . 5.78 24.53 -7.47
C35 Y2K K . 8.72 30.35 -5.98
C36 Y2K K . 7.23 30.72 -5.70
F25 Y2K K . 15.03 24.37 -13.15
F37 Y2K K . 6.90 30.15 -4.54
F38 Y2K K . 6.37 30.26 -6.65
F39 Y2K K . 7.14 32.10 -5.64
N03 Y2K K . 9.36 26.86 -5.26
N10 Y2K K . 12.87 26.59 -1.18
N15 Y2K K . 10.36 24.94 -7.36
N18 Y2K K . 10.81 23.82 -10.96
N30 Y2K K . 6.55 25.79 -7.40
N32 Y2K K . 5.23 24.12 -8.77
N33 Y2K K . 5.57 23.77 -6.43
O01 Y2K K . 9.83 28.97 -4.28
O27 Y2K K . 12.24 24.96 -9.45
O28 Y2K K . 9.16 23.77 -8.89
O34 Y2K K . 8.71 28.96 -6.21
CL23 Y2K K . 14.25 24.28 -15.81
C1 NAG L . -29.98 0.94 18.23
C2 NAG L . -30.22 -0.21 19.21
C3 NAG L . -31.01 0.29 20.41
C4 NAG L . -30.29 1.45 21.06
C5 NAG L . -30.03 2.54 20.02
C6 NAG L . -29.24 3.70 20.56
C7 NAG L . -30.30 -2.32 17.97
C8 NAG L . -31.17 -3.31 17.26
N2 NAG L . -30.93 -1.29 18.53
O3 NAG L . -31.15 -0.75 21.38
O4 NAG L . -31.11 1.97 22.10
O5 NAG L . -29.30 2.01 18.90
O6 NAG L . -29.04 4.66 19.54
O7 NAG L . -29.08 -2.45 18.03
C1 NAG M . -31.16 -7.64 -9.57
C2 NAG M . -32.32 -8.34 -10.28
C3 NAG M . -31.82 -9.04 -11.54
C4 NAG M . -31.17 -8.02 -12.47
C5 NAG M . -29.99 -7.39 -11.73
C6 NAG M . -29.31 -6.32 -12.55
C7 NAG M . -34.28 -9.14 -9.08
C8 NAG M . -34.87 -10.25 -8.26
N2 NAG M . -32.99 -9.30 -9.43
O3 NAG M . -32.91 -9.67 -12.21
O4 NAG M . -30.73 -8.68 -13.64
O5 NAG M . -30.46 -6.76 -10.53
O6 NAG M . -30.17 -5.20 -12.73
O7 NAG M . -34.92 -8.15 -9.40
C1 NAG N . -18.13 -6.37 7.31
C2 NAG N . -16.59 -6.22 7.25
C3 NAG N . -15.88 -7.17 8.22
C4 NAG N . -16.52 -7.17 9.61
C5 NAG N . -17.99 -7.48 9.44
C6 NAG N . -18.74 -7.70 10.74
C7 NAG N . -15.88 -5.56 4.97
C8 NAG N . -15.41 -6.07 3.65
N2 NAG N . -16.11 -6.50 5.90
O3 NAG N . -14.53 -6.76 8.33
O4 NAG N . -15.90 -8.17 10.42
O5 NAG N . -18.59 -6.39 8.74
O6 NAG N . -19.47 -6.57 11.19
O7 NAG N . -16.08 -4.36 5.18
C1 NAG O . -37.26 -27.80 1.47
C2 NAG O . -38.69 -28.11 1.89
C3 NAG O . -38.71 -29.12 3.04
C4 NAG O . -37.91 -30.35 2.68
C5 NAG O . -36.49 -29.96 2.29
C6 NAG O . -35.66 -31.14 1.87
C7 NAG O . -40.39 -26.37 1.59
C8 NAG O . -41.01 -25.11 2.16
N2 NAG O . -39.38 -26.89 2.28
O3 NAG O . -40.04 -29.47 3.39
O4 NAG O . -37.84 -31.24 3.80
O5 NAG O . -36.54 -29.06 1.17
O6 NAG O . -35.67 -31.27 0.46
O7 NAG O . -40.76 -26.86 0.51
C1 NAG P . -29.45 -29.01 6.93
C2 NAG P . -30.82 -29.35 7.50
C3 NAG P . -30.96 -30.86 7.64
C4 NAG P . -30.69 -31.57 6.31
C5 NAG P . -29.33 -31.17 5.77
C6 NAG P . -29.10 -31.75 4.40
C7 NAG P . -32.16 -28.37 9.34
C8 NAG P . -32.10 -27.78 10.72
N2 NAG P . -30.98 -28.73 8.81
O3 NAG P . -32.27 -31.19 8.08
O4 NAG P . -30.63 -32.97 6.53
O5 NAG P . -29.25 -29.74 5.67
O6 NAG P . -28.53 -30.78 3.52
O7 NAG P . -33.22 -28.49 8.74
C1 NAG Q . -38.61 -4.65 23.90
C2 NAG Q . -38.83 -3.57 24.97
C3 NAG Q . -40.06 -3.84 25.83
C4 NAG Q . -40.03 -5.22 26.47
C5 NAG Q . -39.56 -6.36 25.57
C6 NAG Q . -40.68 -7.14 24.92
C7 NAG Q . -36.70 -2.52 25.44
C8 NAG Q . -35.48 -2.52 26.30
N2 NAG Q . -37.64 -3.41 25.76
O3 NAG Q . -41.22 -3.67 25.01
O4 NAG Q . -39.24 -5.20 27.65
O5 NAG Q . -38.64 -5.99 24.52
O6 NAG Q . -40.58 -8.51 25.26
O7 NAG Q . -36.85 -1.71 24.52
C13 Y2K R . -48.89 -10.95 4.06
C17 Y2K R . -46.16 -12.48 0.82
C20 Y2K R . -46.08 -12.93 -2.90
C21 Y2K R . -45.26 -12.73 -4.03
C22 Y2K R . -43.92 -12.52 -3.81
C24 Y2K R . -43.41 -12.46 -2.52
C26 Y2K R . -44.18 -12.64 -1.38
C02 Y2K R . -48.47 -8.88 5.33
C04 Y2K R . -47.59 -11.15 6.07
C05 Y2K R . -47.44 -12.36 5.40
C06 Y2K R . -46.71 -13.42 5.94
C07 Y2K R . -46.13 -13.23 7.19
C08 Y2K R . -46.28 -12.00 7.90
C09 Y2K R . -45.61 -11.91 9.30
C11 Y2K R . -43.84 -10.34 8.67
C12 Y2K R . -47.02 -10.94 7.34
C14 Y2K R . -48.18 -12.29 4.03
C16 Y2K R . -47.27 -12.68 1.79
C19 Y2K R . -45.51 -12.94 -1.61
C29 Y2K R . -50.47 -11.02 4.13
C31 Y2K R . -51.68 -12.78 2.71
C35 Y2K R . -49.16 -6.85 4.55
C36 Y2K R . -50.69 -6.57 4.75
F25 Y2K R . -42.12 -12.22 -2.41
F37 Y2K R . -51.05 -7.20 5.88
F38 Y2K R . -51.48 -7.05 3.74
F39 Y2K R . -50.87 -5.20 4.85
N03 Y2K R . -48.38 -10.33 5.21
N10 Y2K R . -45.09 -10.55 9.47
N15 Y2K R . -47.15 -12.11 3.10
N18 Y2K R . -46.43 -13.09 -0.50
N30 Y2K R . -50.99 -11.48 2.86
N32 Y2K R . -52.13 -13.17 1.37
N33 Y2K R . -51.91 -13.58 3.70
O01 Y2K R . -48.08 -8.23 6.28
O27 Y2K R . -45.16 -11.92 1.13
O28 Y2K R . -48.19 -13.28 1.47
O34 Y2K R . -49.08 -8.24 4.29
CL23 Y2K R . -42.74 -12.27 -5.12
C1 NAG S . 26.16 3.73 28.03
C2 NAG S . 26.62 4.00 26.59
C3 NAG S . 27.95 4.75 26.60
C4 NAG S . 27.82 6.01 27.41
C5 NAG S . 27.32 5.69 28.82
C6 NAG S . 27.06 6.91 29.66
C7 NAG S . 25.76 2.24 25.13
C8 NAG S . 26.01 0.90 24.50
N2 NAG S . 26.75 2.74 25.87
O3 NAG S . 28.34 5.10 25.28
O4 NAG S . 29.10 6.63 27.51
O5 NAG S . 26.07 4.97 28.76
O6 NAG S . 26.60 6.50 30.95
O7 NAG S . 24.69 2.84 24.96
C1 NAG T . 12.97 -22.08 30.84
C2 NAG T . 13.52 -23.46 30.48
C3 NAG T . 12.39 -24.46 30.32
C4 NAG T . 11.57 -24.53 31.60
C5 NAG T . 11.00 -23.15 31.88
C6 NAG T . 10.21 -23.10 33.18
C7 NAG T . 15.64 -23.72 29.31
C8 NAG T . 16.34 -23.74 27.98
N2 NAG T . 14.33 -23.43 29.28
O3 NAG T . 12.93 -25.74 30.01
O4 NAG T . 10.53 -25.49 31.44
O5 NAG T . 12.07 -22.20 32.01
O6 NAG T . 11.08 -23.29 34.29
O7 NAG T . 16.24 -23.96 30.36
C1 NAG U . 9.56 -1.73 25.29
C2 NAG U . 8.20 -0.97 25.43
C3 NAG U . 7.87 -0.17 24.16
C4 NAG U . 9.07 0.63 23.65
C5 NAG U . 10.21 -0.33 23.44
C6 NAG U . 11.44 0.27 22.75
C7 NAG U . 6.66 -2.22 26.91
C8 NAG U . 5.55 -3.23 26.95
N2 NAG U . 7.12 -1.91 25.69
O3 NAG U . 6.82 0.73 24.49
O4 NAG U . 8.72 1.24 22.41
O5 NAG U . 10.60 -0.82 24.74
O6 NAG U . 12.47 0.66 23.64
O7 NAG U . 7.14 -1.73 27.94
C1 NAG V . 19.78 -23.14 8.08
C2 NAG V . 21.18 -23.60 7.66
C3 NAG V . 21.54 -23.03 6.29
C4 NAG V . 20.46 -23.36 5.26
C5 NAG V . 19.12 -22.85 5.76
C6 NAG V . 17.99 -23.16 4.83
C7 NAG V . 22.82 -24.08 9.41
C8 NAG V . 23.84 -23.49 10.36
N2 NAG V . 22.18 -23.21 8.64
O3 NAG V . 22.80 -23.52 5.86
O4 NAG V . 20.76 -22.73 4.03
O5 NAG V . 18.81 -23.45 7.03
O6 NAG V . 17.33 -24.35 5.24
O7 NAG V . 22.57 -25.29 9.38
C1 NAG W . 15.27 -15.34 4.74
C2 NAG W . 16.67 -15.67 4.22
C3 NAG W . 16.58 -16.15 2.77
C4 NAG W . 15.62 -17.32 2.63
C5 NAG W . 14.27 -16.96 3.19
C6 NAG W . 13.32 -18.14 3.18
C7 NAG W . 18.85 -14.52 4.44
C8 NAG W . 19.52 -13.18 4.46
N2 NAG W . 17.52 -14.49 4.30
O3 NAG W . 17.87 -16.56 2.33
O4 NAG W . 15.43 -17.60 1.25
O5 NAG W . 14.39 -16.50 4.54
O6 NAG W . 12.60 -18.23 4.40
O7 NAG W . 19.48 -15.57 4.59
C1 NAG X . 35.31 2.12 20.82
C2 NAG X . 36.18 3.24 21.43
C3 NAG X . 37.59 3.24 20.86
C4 NAG X . 37.61 3.29 19.34
C5 NAG X . 36.59 2.41 18.62
C6 NAG X . 37.13 1.07 18.18
C7 NAG X . 34.72 5.03 22.18
C8 NAG X . 34.05 6.31 21.82
N2 NAG X . 35.53 4.51 21.24
O3 NAG X . 38.25 2.07 21.34
O4 NAG X . 37.46 4.64 18.89
O5 NAG X . 35.38 2.15 19.36
O6 NAG X . 36.96 0.92 16.78
O7 NAG X . 34.56 4.49 23.27
C13 Y2K Y . 34.07 -20.97 22.83
C17 Y2K Y . 29.94 -22.75 22.61
C20 Y2K Y . 28.09 -25.85 23.64
C21 Y2K Y . 26.90 -26.29 24.24
C22 Y2K Y . 25.86 -25.39 24.31
C24 Y2K Y . 26.01 -24.08 23.87
C26 Y2K Y . 27.18 -23.61 23.28
C02 Y2K Y . 34.66 -19.03 24.24
C04 Y2K Y . 33.82 -18.80 21.84
C05 Y2K Y . 33.17 -19.68 20.97
C06 Y2K Y . 32.59 -19.25 19.79
C07 Y2K Y . 32.70 -17.89 19.47
C08 Y2K Y . 33.37 -16.98 20.33
C09 Y2K Y . 33.45 -15.49 19.87
C11 Y2K Y . 31.90 -14.60 21.53
C12 Y2K Y . 33.94 -17.42 21.54
C14 Y2K Y . 33.21 -21.11 21.58
C16 Y2K Y . 31.32 -22.60 22.08
C19 Y2K Y . 28.18 -24.54 23.12
C29 Y2K Y . 35.47 -21.72 22.77
C31 Y2K Y . 35.56 -24.05 21.70
C35 Y2K Y . 35.25 -19.31 26.42
C36 Y2K Y . 36.73 -19.80 26.62
F25 Y2K Y . 24.99 -23.29 24.03
F37 Y2K Y . 37.45 -19.29 25.62
F38 Y2K Y . 36.86 -21.16 26.59
F39 Y2K Y . 37.17 -19.33 27.85
N03 Y2K Y . 34.26 -19.59 22.95
N10 Y2K Y . 33.31 -14.65 21.04
N15 Y2K Y . 31.91 -21.28 22.09
N18 Y2K Y . 29.47 -24.15 22.57
N30 Y2K Y . 35.25 -23.15 22.83
N32 Y2K Y . 35.28 -25.48 21.86
N33 Y2K Y . 36.08 -23.64 20.58
O01 Y2K Y . 34.86 -17.87 24.47
O27 Y2K Y . 29.32 -21.83 23.00
O28 Y2K Y . 31.87 -23.51 21.66
O34 Y2K Y . 34.82 -19.96 25.25
CL23 Y2K Y . 24.27 -25.77 25.04
C1 NAG Z . 3.97 -9.93 11.74
C2 NAG Z . 3.71 -9.35 10.35
C3 NAG Z . 2.24 -9.48 10.02
C4 NAG Z . 1.91 -10.96 10.00
C5 NAG Z . 2.15 -11.54 11.40
C6 NAG Z . 1.87 -13.03 11.48
C7 NAG Z . 5.32 -7.63 9.60
C8 NAG Z . 6.06 -8.72 8.87
N2 NAG Z . 4.20 -7.98 10.25
O3 NAG Z . 1.98 -8.89 8.75
O4 NAG Z . 0.56 -11.17 9.57
O5 NAG Z . 3.52 -11.33 11.78
O6 NAG Z . 2.25 -13.71 10.29
O7 NAG Z . 5.73 -6.47 9.60
C1 NAG AA . 0.37 -23.91 -25.38
C2 NAG AA . 1.87 -23.75 -25.14
C3 NAG AA . 2.63 -24.00 -26.43
C4 NAG AA . 2.28 -25.37 -26.99
C5 NAG AA . 0.77 -25.48 -27.15
C6 NAG AA . 0.32 -26.85 -27.62
C7 NAG AA . 2.23 -22.15 -23.32
C8 NAG AA . 2.46 -20.71 -22.95
N2 NAG AA . 2.14 -22.42 -24.62
O3 NAG AA . 4.04 -23.95 -26.20
O4 NAG AA . 2.91 -25.52 -28.25
O5 NAG AA . 0.09 -25.22 -25.92
O6 NAG AA . -1.10 -26.86 -27.74
O7 NAG AA . 2.13 -23.03 -22.48
C1 NAG BA . -15.47 -4.96 -9.94
C2 NAG BA . -15.36 -3.43 -9.95
C3 NAG BA . -15.99 -2.85 -8.69
C4 NAG BA . -17.45 -3.29 -8.60
C5 NAG BA . -17.49 -4.80 -8.54
C6 NAG BA . -18.90 -5.34 -8.50
C7 NAG BA . -13.58 -2.26 -11.13
C8 NAG BA . -12.16 -1.77 -11.09
N2 NAG BA . -13.99 -2.97 -10.08
O3 NAG BA . -15.92 -1.43 -8.73
O4 NAG BA . -18.02 -2.72 -7.43
O5 NAG BA . -16.87 -5.35 -9.72
O6 NAG BA . -19.57 -5.08 -9.73
O7 NAG BA . -14.31 -2.04 -12.10
C1 NAG CA . -5.71 -23.93 -8.76
C2 NAG CA . -6.14 -25.11 -7.83
C3 NAG CA . -4.93 -25.74 -7.12
C4 NAG CA . -3.75 -25.97 -8.05
C5 NAG CA . -3.41 -24.66 -8.74
C6 NAG CA . -2.14 -24.69 -9.56
C7 NAG CA . -8.42 -24.72 -6.97
C8 NAG CA . -9.21 -24.18 -5.83
N2 NAG CA . -7.08 -24.64 -6.84
O3 NAG CA . -5.35 -26.96 -6.57
O4 NAG CA . -2.63 -26.44 -7.29
O5 NAG CA . -4.52 -24.32 -9.58
O6 NAG CA . -2.35 -24.86 -10.96
O7 NAG CA . -8.96 -25.20 -7.97
C1 NAG DA . 6.52 2.38 -4.62
C2 NAG DA . 7.30 3.36 -5.50
C3 NAG DA . 8.81 3.21 -5.28
C4 NAG DA . 9.14 3.33 -3.80
C5 NAG DA . 8.34 2.31 -3.01
C6 NAG DA . 8.59 2.40 -1.54
C7 NAG DA . 6.31 4.04 -7.65
C8 NAG DA . 6.09 3.67 -9.09
N2 NAG DA . 6.99 3.16 -6.91
O3 NAG DA . 9.53 4.16 -6.04
O4 NAG DA . 10.52 3.07 -3.59
O5 NAG DA . 6.93 2.54 -3.22
O6 NAG DA . 7.59 3.20 -0.92
O7 NAG DA . 5.86 5.08 -7.15
C1 NAG EA . 10.01 -5.72 -0.85
C2 NAG EA . 10.91 -4.86 -1.73
C3 NAG EA . 11.97 -4.18 -0.86
C4 NAG EA . 11.34 -3.40 0.27
C5 NAG EA . 10.43 -4.30 1.09
C6 NAG EA . 9.69 -3.52 2.14
C7 NAG EA . 11.97 -5.25 -3.93
C8 NAG EA . 12.65 -6.26 -4.81
N2 NAG EA . 11.56 -5.69 -2.74
O3 NAG EA . 12.75 -3.31 -1.65
O4 NAG EA . 12.36 -2.97 1.16
O5 NAG EA . 9.46 -4.92 0.24
O6 NAG EA . 8.31 -3.88 2.20
O7 NAG EA . 11.77 -4.09 -4.31
C1 NAG FA . 9.76 -18.08 -29.37
C2 NAG FA . 9.94 -18.92 -30.63
C3 NAG FA . 10.99 -18.34 -31.56
C4 NAG FA . 12.33 -18.12 -30.86
C5 NAG FA . 12.25 -17.52 -29.46
C6 NAG FA . 12.43 -16.02 -29.42
C7 NAG FA . 9.27 -21.20 -30.13
C8 NAG FA . 9.70 -22.55 -29.66
N2 NAG FA . 10.23 -20.29 -30.26
O3 NAG FA . 10.48 -17.13 -32.11
O4 NAG FA . 13.07 -19.33 -30.82
O5 NAG FA . 11.05 -17.81 -28.73
O6 NAG FA . 13.53 -15.68 -28.57
O7 NAG FA . 8.09 -20.95 -30.42
C13 Y2K GA . 0.30 2.52 -24.32
C17 Y2K GA . -1.74 2.83 -20.31
C20 Y2K GA . -4.33 4.89 -18.56
C21 Y2K GA . -5.47 4.78 -17.73
C22 Y2K GA . -5.68 3.58 -17.09
C24 Y2K GA . -4.82 2.51 -17.28
C26 Y2K GA . -3.70 2.57 -18.09
C02 Y2K GA . -0.06 0.67 -25.91
C04 Y2K GA . 1.74 0.59 -24.09
C05 Y2K GA . 1.93 1.35 -22.93
C06 Y2K GA . 2.86 0.98 -21.97
C07 Y2K GA . 3.60 -0.19 -22.20
C08 Y2K GA . 3.42 -0.96 -23.38
C09 Y2K GA . 4.30 -2.23 -23.54
C11 Y2K GA . 2.54 -3.87 -23.21
C12 Y2K GA . 2.47 -0.57 -24.35
C14 Y2K GA . 0.98 2.58 -22.96
C16 Y2K GA . -0.67 3.23 -21.26
C19 Y2K GA . -3.44 3.79 -18.67
C29 Y2K GA . 0.69 3.68 -25.31
C31 Y2K GA . 0.91 6.07 -24.38
C35 Y2K GA . -1.78 0.74 -27.40
C36 Y2K GA . -1.51 1.64 -28.65
F25 Y2K GA . -5.13 1.40 -16.66
F37 Y2K GA . -0.20 1.59 -28.89
F38 Y2K GA . -1.86 2.95 -28.45
F39 Y2K GA . -2.25 1.14 -29.70
N03 Y2K GA . 0.71 1.28 -24.83
N10 Y2K GA . 3.51 -3.27 -24.17
N15 Y2K GA . -0.03 2.22 -22.05
N18 Y2K GA . -2.32 3.97 -19.59
N30 Y2K GA . 0.10 4.93 -24.85
N32 Y2K GA . 0.21 7.27 -23.91
N33 Y2K GA . 2.21 6.06 -24.37
O01 Y2K GA . 0.19 -0.38 -26.43
O27 Y2K GA . -2.04 1.69 -20.16
O28 Y2K GA . -0.37 4.34 -21.33
O34 Y2K GA . -1.15 1.40 -26.32
CL23 Y2K GA . -7.06 3.28 -16.00
C1 NAG HA . 1.06 -15.73 4.30
C2 NAG HA . 2.17 -16.25 5.21
C3 NAG HA . 1.66 -16.47 6.62
C4 NAG HA . 1.09 -15.18 7.18
C5 NAG HA . -0.06 -14.71 6.29
C6 NAG HA . -0.70 -13.41 6.75
C7 NAG HA . 3.88 -17.52 3.94
C8 NAG HA . 4.64 -16.21 3.74
N2 NAG HA . 2.74 -17.46 4.66
O3 NAG HA . 2.70 -16.93 7.47
O4 NAG HA . 0.66 -15.39 8.53
O5 NAG HA . 0.42 -14.53 4.93
O6 NAG HA . 0.21 -12.51 7.34
O7 NAG HA . 4.31 -18.58 3.49
#